data_2XPA
# 
_entry.id   2XPA 
# 
_audit_conform.dict_name       mmcif_pdbx.dic 
_audit_conform.dict_version    5.383 
_audit_conform.dict_location   http://mmcif.pdb.org/dictionaries/ascii/mmcif_pdbx.dic 
# 
loop_
_database_2.database_id 
_database_2.database_code 
_database_2.pdbx_database_accession 
_database_2.pdbx_DOI 
PDB   2XPA         pdb_00002xpa 10.2210/pdb2xpa/pdb 
PDBE  EBI-45164    ?            ?                   
WWPDB D_1290045164 ?            ?                   
# 
loop_
_pdbx_database_related.db_name 
_pdbx_database_related.db_id 
_pdbx_database_related.content_type 
_pdbx_database_related.details 
PDB 1F8A unspecified 'STRUCTURAL BASIS FOR THE PHOSPHOSERINE-PROLINE RECOGNITIONBY GROUP IV WW DOMAINS'                 
PDB 1I8G unspecified 'SOLUTION STRUCTURE OF PIN1 WW DOMAIN COMPLEXED WITH CDC25PHOSPHOTHREONINE PEPTIDE'                
PDB 1PIN unspecified 'PIN1 PEPTIDYL-PROLYL CIS-TRANS ISOMERASE FROM HOMO SAPIENS'                                       
PDB 2XPB unspecified 'DISCOVERY OF CELL-ACTIVE PHENYL-IMIDAZOLE PIN1 INHIBITORS BY STRUCTURE-GUIDED FRAGMENT EVOLUTION' 
PDB 2XP3 unspecified 'DISCOVERY OF CELL-ACTIVE PHENYL-IMIDAZOLE PIN1 INHIBITORS BY STRUCTURE-GUIDED FRAGMENT EVOLUTION' 
PDB 2XP5 unspecified 'DISCOVERY OF CELL-ACTIVE PHENYL-IMIDAZOLE PIN1 INHIBITORS BY STRUCTURE-GUIDED FRAGMENT EVOLUTION' 
PDB 1NMW unspecified 'SOLUTION STRUCTURE OF THE PPIASE DOMAIN OF HUMAN PIN1'                                            
PDB 1ZCN unspecified 'HUMAN PIN1 NG MUTANT'                                                                             
PDB 2XP4 unspecified 'DISCOVERY OF CELL-ACTIVE PHENYL-IMIDAZOLE PIN1 INHIBITORS BY STRUCTURE-GUIDED FRAGMENT EVOLUTION' 
PDB 2F21 unspecified 'HUMAN PIN1 FIP MUTANT'                                                                            
PDB 2XP6 unspecified 'DISCOVERY OF CELL-ACTIVE PHENYL-IMIDAZOLE PIN1 INHIBITORS BY STRUCTURE-GUIDED FRAGMENT EVOLUTION' 
PDB 2XP8 unspecified 'DISCOVERY OF CELL-ACTIVE PHENYL-IMIDAZOLE PIN1 INHIBITORS BY STRUCTURE-GUIDED FRAGMENT EVOLUTION' 
PDB 1NMV unspecified 'SOLUTION STRUCTURE OF HUMAN PIN1'                                                                 
PDB 2XP9 unspecified 'DISCOVERY OF CELL-ACTIVE PHENYL-IMIDAZOLE PIN1 INHIBITORS BY STRUCTURE-GUIDED FRAGMENT EVOLUTION' 
PDB 2XP7 unspecified 'DISCOVERY OF CELL-ACTIVE PHENYL-IMIDAZOLE PIN1 INHIBITORS BY STRUCTURE-GUIDED FRAGMENT EVOLUTION' 
PDB 1I8H unspecified 'SOLUTION STRUCTURE OF PIN1 WW DOMAIN COMPLEXED WITH HUMANTAU PHOSPHOTHREONINE PEPTIDE'            
PDB 1I6C unspecified 'SOLUTION STRUCTURE OF PIN1 WW DOMAIN'                                                             
# 
_pdbx_database_status.status_code                     REL 
_pdbx_database_status.entry_id                        2XPA 
_pdbx_database_status.deposit_site                    PDBE 
_pdbx_database_status.process_site                    PDBE 
_pdbx_database_status.SG_entry                        . 
_pdbx_database_status.recvd_initial_deposition_date   2010-08-25 
_pdbx_database_status.pdb_format_compatible           Y 
_pdbx_database_status.status_code_sf                  REL 
_pdbx_database_status.status_code_mr                  ? 
_pdbx_database_status.status_code_cs                  ? 
_pdbx_database_status.methods_development_category    ? 
_pdbx_database_status.status_code_nmr_data            ? 
# 
loop_
_audit_author.name 
_audit_author.pdbx_ordinal 
'Potter, A.'       1  
'Oldfield, V.'     2  
'Nunns, C.'        3  
'Fromont, C.'      4  
'Ray, S.'          5  
'Northfield, C.J.' 6  
'Bryant, C.J.'     7  
'Scrace, S.F.'     8  
'Robinson, D.'     9  
'Matossova, N.'    10 
'Baker, L.'        11 
'Dokurno, P.'      12 
'Surgenor, A.E.'   13 
'Davis, B.E.'      14 
'Richardson, C.M.' 15 
'Murray, J.B.'     16 
'Moore, J.D.'      17 
# 
_citation.id                        primary 
_citation.title                     
'Discovery of Cell-Active Phenyl-Imidazole Pin1 Inhibitors by Structure-Guided Fragment Evolution.' 
_citation.journal_abbrev            Bioorg.Med.Chem.Lett. 
_citation.journal_volume            20 
_citation.page_first                6483 
_citation.page_last                 ? 
_citation.year                      2010 
_citation.journal_id_ASTM           BMCLE8 
_citation.country                   UK 
_citation.journal_id_ISSN           0960-894X 
_citation.journal_id_CSD            1127 
_citation.book_publisher            ? 
_citation.pdbx_database_id_PubMed   20932746 
_citation.pdbx_database_id_DOI      10.1016/J.BMCL.2010.09.063 
# 
loop_
_citation_author.citation_id 
_citation_author.name 
_citation_author.ordinal 
_citation_author.identifier_ORCID 
primary 'Potter, A.'       1  ? 
primary 'Oldfield, V.'     2  ? 
primary 'Nunns, C.'        3  ? 
primary 'Fromont, C.'      4  ? 
primary 'Ray, S.'          5  ? 
primary 'Northfield, C.J.' 6  ? 
primary 'Bryant, C.J.'     7  ? 
primary 'Scrace, S.F.'     8  ? 
primary 'Robinson, D.'     9  ? 
primary 'Matossova, N.'    10 ? 
primary 'Baker, L.'        11 ? 
primary 'Dokurno, P.'      12 ? 
primary 'Surgenor, A.E.'   13 ? 
primary 'Davis, B.'        14 ? 
primary 'Richardson, C.M.' 15 ? 
primary 'Murray, J.B.'     16 ? 
primary 'Moore, J.D.'      17 ? 
# 
_cell.entry_id           2XPA 
_cell.length_a           68.367 
_cell.length_b           68.367 
_cell.length_c           79.351 
_cell.angle_alpha        90.00 
_cell.angle_beta         90.00 
_cell.angle_gamma        120.00 
_cell.Z_PDB              6 
_cell.pdbx_unique_axis   ? 
# 
_symmetry.entry_id                         2XPA 
_symmetry.space_group_name_H-M             'P 31 2 1' 
_symmetry.pdbx_full_space_group_name_H-M   ? 
_symmetry.cell_setting                     ? 
_symmetry.Int_Tables_number                152 
# 
loop_
_entity.id 
_entity.type 
_entity.src_method 
_entity.pdbx_description 
_entity.formula_weight 
_entity.pdbx_number_of_molecules 
_entity.pdbx_ec 
_entity.pdbx_mutation 
_entity.pdbx_fragment 
_entity.details 
1 polymer     man 'PEPTIDYL-PROLYL CIS-TRANS ISOMERASE NIMA-INTERACTING 1'                            18524.525 1   5.2.1.8 YES ? 
? 
2 non-polymer syn 'DODECAETHYLENE GLYCOL'                                                             546.646   1   ?       ?   ? 
? 
3 non-polymer syn '4-[(2-amino-2-oxoethyl)(methyl)carbamoyl]-2-phenyl-1H-imidazole-5-carboxylic acid' 302.285   1   ?       ?   ? 
? 
4 water       nat water                                                                               18.015    108 ?       ?   ? 
? 
# 
_entity_name_com.entity_id   1 
_entity_name_com.name        'PEPTIDYL-PROLYL CIS-TRANS ISOMERASE PIN1, PIN1, PPIASE PIN1, ROTAMASE PIN1' 
# 
_entity_poly.entity_id                      1 
_entity_poly.type                           'polypeptide(L)' 
_entity_poly.nstd_linkage                   no 
_entity_poly.nstd_monomer                   no 
_entity_poly.pdbx_seq_one_letter_code       
;GSHGMADEEKLPPGWEKAMSRSSGRVYYFNHITNASQWERPSGNSSSGGKNGQGEPARVRCSHLLVKHSQSRRPSSWRQE
KITRTKEEALELINGYIQKIKSGEEDFESLASQFSDCSSAKARGDLGAFSRGQMQKPFEDASFALRTGEMSGPVFTDSGI
HIILRTE
;
_entity_poly.pdbx_seq_one_letter_code_can   
;GSHGMADEEKLPPGWEKAMSRSSGRVYYFNHITNASQWERPSGNSSSGGKNGQGEPARVRCSHLLVKHSQSRRPSSWRQE
KITRTKEEALELINGYIQKIKSGEEDFESLASQFSDCSSAKARGDLGAFSRGQMQKPFEDASFALRTGEMSGPVFTDSGI
HIILRTE
;
_entity_poly.pdbx_strand_id                 A 
_entity_poly.pdbx_target_identifier         ? 
# 
loop_
_entity_poly_seq.entity_id 
_entity_poly_seq.num 
_entity_poly_seq.mon_id 
_entity_poly_seq.hetero 
1 1   GLY n 
1 2   SER n 
1 3   HIS n 
1 4   GLY n 
1 5   MET n 
1 6   ALA n 
1 7   ASP n 
1 8   GLU n 
1 9   GLU n 
1 10  LYS n 
1 11  LEU n 
1 12  PRO n 
1 13  PRO n 
1 14  GLY n 
1 15  TRP n 
1 16  GLU n 
1 17  LYS n 
1 18  ALA n 
1 19  MET n 
1 20  SER n 
1 21  ARG n 
1 22  SER n 
1 23  SER n 
1 24  GLY n 
1 25  ARG n 
1 26  VAL n 
1 27  TYR n 
1 28  TYR n 
1 29  PHE n 
1 30  ASN n 
1 31  HIS n 
1 32  ILE n 
1 33  THR n 
1 34  ASN n 
1 35  ALA n 
1 36  SER n 
1 37  GLN n 
1 38  TRP n 
1 39  GLU n 
1 40  ARG n 
1 41  PRO n 
1 42  SER n 
1 43  GLY n 
1 44  ASN n 
1 45  SER n 
1 46  SER n 
1 47  SER n 
1 48  GLY n 
1 49  GLY n 
1 50  LYS n 
1 51  ASN n 
1 52  GLY n 
1 53  GLN n 
1 54  GLY n 
1 55  GLU n 
1 56  PRO n 
1 57  ALA n 
1 58  ARG n 
1 59  VAL n 
1 60  ARG n 
1 61  CYS n 
1 62  SER n 
1 63  HIS n 
1 64  LEU n 
1 65  LEU n 
1 66  VAL n 
1 67  LYS n 
1 68  HIS n 
1 69  SER n 
1 70  GLN n 
1 71  SER n 
1 72  ARG n 
1 73  ARG n 
1 74  PRO n 
1 75  SER n 
1 76  SER n 
1 77  TRP n 
1 78  ARG n 
1 79  GLN n 
1 80  GLU n 
1 81  LYS n 
1 82  ILE n 
1 83  THR n 
1 84  ARG n 
1 85  THR n 
1 86  LYS n 
1 87  GLU n 
1 88  GLU n 
1 89  ALA n 
1 90  LEU n 
1 91  GLU n 
1 92  LEU n 
1 93  ILE n 
1 94  ASN n 
1 95  GLY n 
1 96  TYR n 
1 97  ILE n 
1 98  GLN n 
1 99  LYS n 
1 100 ILE n 
1 101 LYS n 
1 102 SER n 
1 103 GLY n 
1 104 GLU n 
1 105 GLU n 
1 106 ASP n 
1 107 PHE n 
1 108 GLU n 
1 109 SER n 
1 110 LEU n 
1 111 ALA n 
1 112 SER n 
1 113 GLN n 
1 114 PHE n 
1 115 SER n 
1 116 ASP n 
1 117 CYS n 
1 118 SER n 
1 119 SER n 
1 120 ALA n 
1 121 LYS n 
1 122 ALA n 
1 123 ARG n 
1 124 GLY n 
1 125 ASP n 
1 126 LEU n 
1 127 GLY n 
1 128 ALA n 
1 129 PHE n 
1 130 SER n 
1 131 ARG n 
1 132 GLY n 
1 133 GLN n 
1 134 MET n 
1 135 GLN n 
1 136 LYS n 
1 137 PRO n 
1 138 PHE n 
1 139 GLU n 
1 140 ASP n 
1 141 ALA n 
1 142 SER n 
1 143 PHE n 
1 144 ALA n 
1 145 LEU n 
1 146 ARG n 
1 147 THR n 
1 148 GLY n 
1 149 GLU n 
1 150 MET n 
1 151 SER n 
1 152 GLY n 
1 153 PRO n 
1 154 VAL n 
1 155 PHE n 
1 156 THR n 
1 157 ASP n 
1 158 SER n 
1 159 GLY n 
1 160 ILE n 
1 161 HIS n 
1 162 ILE n 
1 163 ILE n 
1 164 LEU n 
1 165 ARG n 
1 166 THR n 
1 167 GLU n 
# 
_entity_src_gen.entity_id                          1 
_entity_src_gen.pdbx_src_id                        1 
_entity_src_gen.pdbx_alt_source_flag               sample 
_entity_src_gen.pdbx_seq_type                      ? 
_entity_src_gen.pdbx_beg_seq_num                   ? 
_entity_src_gen.pdbx_end_seq_num                   ? 
_entity_src_gen.gene_src_common_name               HUMAN 
_entity_src_gen.gene_src_genus                     ? 
_entity_src_gen.pdbx_gene_src_gene                 ? 
_entity_src_gen.gene_src_species                   ? 
_entity_src_gen.gene_src_strain                    ? 
_entity_src_gen.gene_src_tissue                    ? 
_entity_src_gen.gene_src_tissue_fraction           ? 
_entity_src_gen.gene_src_details                   ? 
_entity_src_gen.pdbx_gene_src_fragment             ? 
_entity_src_gen.pdbx_gene_src_scientific_name      'HOMO SAPIENS' 
_entity_src_gen.pdbx_gene_src_ncbi_taxonomy_id     9606 
_entity_src_gen.pdbx_gene_src_variant              ? 
_entity_src_gen.pdbx_gene_src_cell_line            ? 
_entity_src_gen.pdbx_gene_src_atcc                 ? 
_entity_src_gen.pdbx_gene_src_organ                ? 
_entity_src_gen.pdbx_gene_src_organelle            ? 
_entity_src_gen.pdbx_gene_src_cell                 ? 
_entity_src_gen.pdbx_gene_src_cellular_location    ? 
_entity_src_gen.host_org_common_name               ? 
_entity_src_gen.pdbx_host_org_scientific_name      'ESCHERICHIA COLI' 
_entity_src_gen.pdbx_host_org_ncbi_taxonomy_id     469008 
_entity_src_gen.host_org_genus                     ? 
_entity_src_gen.pdbx_host_org_gene                 ? 
_entity_src_gen.pdbx_host_org_organ                ? 
_entity_src_gen.host_org_species                   ? 
_entity_src_gen.pdbx_host_org_tissue               ? 
_entity_src_gen.pdbx_host_org_tissue_fraction      ? 
_entity_src_gen.pdbx_host_org_strain               'BL21(DE3)' 
_entity_src_gen.pdbx_host_org_variant              ? 
_entity_src_gen.pdbx_host_org_cell_line            ? 
_entity_src_gen.pdbx_host_org_atcc                 ? 
_entity_src_gen.pdbx_host_org_culture_collection   ? 
_entity_src_gen.pdbx_host_org_cell                 ? 
_entity_src_gen.pdbx_host_org_organelle            ? 
_entity_src_gen.pdbx_host_org_cellular_location    ? 
_entity_src_gen.pdbx_host_org_vector_type          PLASMID 
_entity_src_gen.pdbx_host_org_vector               ? 
_entity_src_gen.host_org_details                   ? 
_entity_src_gen.expression_system_id               ? 
_entity_src_gen.plasmid_name                       PET28A 
_entity_src_gen.plasmid_details                    ? 
_entity_src_gen.pdbx_description                   ? 
# 
_struct_ref.id                         1 
_struct_ref.db_name                    UNP 
_struct_ref.db_code                    PIN1_HUMAN 
_struct_ref.entity_id                  1 
_struct_ref.pdbx_seq_one_letter_code   ? 
_struct_ref.pdbx_align_begin           ? 
_struct_ref.pdbx_db_accession          Q13526 
_struct_ref.pdbx_db_isoform            ? 
# 
_struct_ref_seq.align_id                      1 
_struct_ref_seq.ref_id                        1 
_struct_ref_seq.pdbx_PDB_id_code              2XPA 
_struct_ref_seq.pdbx_strand_id                A 
_struct_ref_seq.seq_align_beg                 5 
_struct_ref_seq.pdbx_seq_align_beg_ins_code   ? 
_struct_ref_seq.seq_align_end                 167 
_struct_ref_seq.pdbx_seq_align_end_ins_code   ? 
_struct_ref_seq.pdbx_db_accession             Q13526 
_struct_ref_seq.db_align_beg                  1 
_struct_ref_seq.pdbx_db_align_beg_ins_code    ? 
_struct_ref_seq.db_align_end                  163 
_struct_ref_seq.pdbx_db_align_end_ins_code    ? 
_struct_ref_seq.pdbx_auth_seq_align_beg       1 
_struct_ref_seq.pdbx_auth_seq_align_end       163 
# 
loop_
_struct_ref_seq_dif.align_id 
_struct_ref_seq_dif.pdbx_pdb_id_code 
_struct_ref_seq_dif.mon_id 
_struct_ref_seq_dif.pdbx_pdb_strand_id 
_struct_ref_seq_dif.seq_num 
_struct_ref_seq_dif.pdbx_pdb_ins_code 
_struct_ref_seq_dif.pdbx_seq_db_name 
_struct_ref_seq_dif.pdbx_seq_db_accession_code 
_struct_ref_seq_dif.db_mon_id 
_struct_ref_seq_dif.pdbx_seq_db_seq_num 
_struct_ref_seq_dif.details 
_struct_ref_seq_dif.pdbx_auth_seq_num 
_struct_ref_seq_dif.pdbx_ordinal 
1 2XPA GLY A 1  ? UNP Q13526 ?   ?  'expression tag'      -3 1 
1 2XPA SER A 2  ? UNP Q13526 ?   ?  'expression tag'      -2 2 
1 2XPA HIS A 3  ? UNP Q13526 ?   ?  'expression tag'      -1 3 
1 2XPA GLY A 4  ? UNP Q13526 ?   ?  'expression tag'      0  4 
1 2XPA ALA A 18 ? UNP Q13526 ARG 14 'engineered mutation' 14 5 
# 
loop_
_chem_comp.id 
_chem_comp.type 
_chem_comp.mon_nstd_flag 
_chem_comp.name 
_chem_comp.pdbx_synonyms 
_chem_comp.formula 
_chem_comp.formula_weight 
12P non-polymer         . 'DODECAETHYLENE GLYCOL'                                                             
'POLYETHYLENE GLYCOL PEG400' 'C24 H50 O13'    546.646 
4G5 non-polymer         . '4-[(2-amino-2-oxoethyl)(methyl)carbamoyl]-2-phenyl-1H-imidazole-5-carboxylic acid' ? 'C14 H14 N4 O4'  
302.285 
ALA 'L-peptide linking' y ALANINE                                                                             ? 'C3 H7 N O2'     
89.093  
ARG 'L-peptide linking' y ARGININE                                                                            ? 'C6 H15 N4 O2 1' 
175.209 
ASN 'L-peptide linking' y ASPARAGINE                                                                          ? 'C4 H8 N2 O3'    
132.118 
ASP 'L-peptide linking' y 'ASPARTIC ACID'                                                                     ? 'C4 H7 N O4'     
133.103 
CYS 'L-peptide linking' y CYSTEINE                                                                            ? 'C3 H7 N O2 S'   
121.158 
GLN 'L-peptide linking' y GLUTAMINE                                                                           ? 'C5 H10 N2 O3'   
146.144 
GLU 'L-peptide linking' y 'GLUTAMIC ACID'                                                                     ? 'C5 H9 N O4'     
147.129 
GLY 'peptide linking'   y GLYCINE                                                                             ? 'C2 H5 N O2'     
75.067  
HIS 'L-peptide linking' y HISTIDINE                                                                           ? 'C6 H10 N3 O2 1' 
156.162 
HOH non-polymer         . WATER                                                                               ? 'H2 O'           
18.015  
ILE 'L-peptide linking' y ISOLEUCINE                                                                          ? 'C6 H13 N O2'    
131.173 
LEU 'L-peptide linking' y LEUCINE                                                                             ? 'C6 H13 N O2'    
131.173 
LYS 'L-peptide linking' y LYSINE                                                                              ? 'C6 H15 N2 O2 1' 
147.195 
MET 'L-peptide linking' y METHIONINE                                                                          ? 'C5 H11 N O2 S'  
149.211 
PHE 'L-peptide linking' y PHENYLALANINE                                                                       ? 'C9 H11 N O2'    
165.189 
PRO 'L-peptide linking' y PROLINE                                                                             ? 'C5 H9 N O2'     
115.130 
SER 'L-peptide linking' y SERINE                                                                              ? 'C3 H7 N O3'     
105.093 
THR 'L-peptide linking' y THREONINE                                                                           ? 'C4 H9 N O3'     
119.119 
TRP 'L-peptide linking' y TRYPTOPHAN                                                                          ? 'C11 H12 N2 O2'  
204.225 
TYR 'L-peptide linking' y TYROSINE                                                                            ? 'C9 H11 N O3'    
181.189 
VAL 'L-peptide linking' y VALINE                                                                              ? 'C5 H11 N O2'    
117.146 
# 
_exptl.entry_id          2XPA 
_exptl.method            'X-RAY DIFFRACTION' 
_exptl.crystals_number   1 
# 
_exptl_crystal.id                    1 
_exptl_crystal.density_meas          ? 
_exptl_crystal.density_Matthews      2.87 
_exptl_crystal.density_percent_sol   57 
_exptl_crystal.description           NONE 
_exptl_crystal.preparation           ? 
# 
_exptl_crystal_grow.crystal_id      1 
_exptl_crystal_grow.method          'VAPOR DIFFUSION, HANGING DROP' 
_exptl_crystal_grow.temp            277 
_exptl_crystal_grow.temp_details    ? 
_exptl_crystal_grow.pH              7.5 
_exptl_crystal_grow.pdbx_pH_range   ? 
_exptl_crystal_grow.pdbx_details    
'2.2M AMMONIUM SULPHATE, 0.1M HEPES BUFFER, 1% PEG 400, 5MM DTT, PH 7.5, VAPOR DIFFUSION, HANGING DROP, TEMPERATURE 277.0K' 
# 
_diffrn.id                               1 
_diffrn.ambient_temp                     277.0 
_diffrn.ambient_temp_details             ? 
_diffrn.crystal_id                       1 
_diffrn.pdbx_serial_crystal_experiment   ? 
# 
_diffrn_detector.diffrn_id              1 
_diffrn_detector.detector               'IMAGE PLATE' 
_diffrn_detector.type                   'RIGAKU IMAGE PLATE' 
_diffrn_detector.pdbx_collection_date   ? 
_diffrn_detector.details                MIRRORS 
# 
_diffrn_radiation.diffrn_id                        1 
_diffrn_radiation.wavelength_id                    1 
_diffrn_radiation.pdbx_monochromatic_or_laue_m_l   M 
_diffrn_radiation.monochromator                    'CU FILTER' 
_diffrn_radiation.pdbx_diffrn_protocol             'SINGLE WAVELENGTH' 
_diffrn_radiation.pdbx_scattering_type             x-ray 
# 
_diffrn_radiation_wavelength.id           1 
_diffrn_radiation_wavelength.wavelength   1.5418 
_diffrn_radiation_wavelength.wt           1.0 
# 
_diffrn_source.diffrn_id                   1 
_diffrn_source.source                      'ROTATING ANODE' 
_diffrn_source.type                        'RIGAKU RUH3R' 
_diffrn_source.pdbx_synchrotron_site       ? 
_diffrn_source.pdbx_synchrotron_beamline   ? 
_diffrn_source.pdbx_wavelength             1.5418 
_diffrn_source.pdbx_wavelength_list        ? 
# 
_reflns.pdbx_diffrn_id               1 
_reflns.pdbx_ordinal                 1 
_reflns.entry_id                     2XPA 
_reflns.observed_criterion_sigma_I   2.0 
_reflns.observed_criterion_sigma_F   ? 
_reflns.d_resolution_low             30.00 
_reflns.d_resolution_high            1.90 
_reflns.number_obs                   16724 
_reflns.number_all                   ? 
_reflns.percent_possible_obs         96.4 
_reflns.pdbx_Rmerge_I_obs            0.05 
_reflns.pdbx_Rsym_value              ? 
_reflns.pdbx_netI_over_sigmaI        8.90 
_reflns.B_iso_Wilson_estimate        ? 
_reflns.pdbx_redundancy              2.07 
# 
_reflns_shell.pdbx_diffrn_id         1 
_reflns_shell.pdbx_ordinal           1 
_reflns_shell.d_res_high             1.90 
_reflns_shell.d_res_low              ? 
_reflns_shell.percent_possible_all   90.1 
_reflns_shell.Rmerge_I_obs           0.33 
_reflns_shell.pdbx_Rsym_value        ? 
_reflns_shell.meanI_over_sigI_obs    2.10 
_reflns_shell.pdbx_redundancy        1.93 
# 
_refine.pdbx_refine_id                           'X-RAY DIFFRACTION' 
_refine.entry_id                                 2XPA 
_refine.pdbx_diffrn_id                           1 
_refine.pdbx_TLS_residual_ADP_flag               ? 
_refine.ls_number_reflns_obs                     15864 
_refine.ls_number_reflns_all                     ? 
_refine.pdbx_ls_sigma_I                          ? 
_refine.pdbx_ls_sigma_F                          . 
_refine.pdbx_data_cutoff_high_absF               ? 
_refine.pdbx_data_cutoff_low_absF                ? 
_refine.pdbx_data_cutoff_high_rms_absF           ? 
_refine.ls_d_res_low                             59.23 
_refine.ls_d_res_high                            1.90 
_refine.ls_percent_reflns_obs                    96.32 
_refine.ls_R_factor_obs                          0.20905 
_refine.ls_R_factor_all                          ? 
_refine.ls_R_factor_R_work                       0.20666 
_refine.ls_R_factor_R_free                       0.25696 
_refine.ls_R_factor_R_free_error                 ? 
_refine.ls_R_factor_R_free_error_details         ? 
_refine.ls_percent_reflns_R_free                 5.1 
_refine.ls_number_reflns_R_free                  846 
_refine.ls_number_parameters                     ? 
_refine.ls_number_restraints                     ? 
_refine.occupancy_min                            ? 
_refine.occupancy_max                            ? 
_refine.correlation_coeff_Fo_to_Fc               0.953 
_refine.correlation_coeff_Fo_to_Fc_free          0.929 
_refine.B_iso_mean                               31.344 
_refine.aniso_B[1][1]                            0.90 
_refine.aniso_B[2][2]                            0.90 
_refine.aniso_B[3][3]                            -1.35 
_refine.aniso_B[1][2]                            0.45 
_refine.aniso_B[1][3]                            0.00 
_refine.aniso_B[2][3]                            0.00 
_refine.solvent_model_details                    MASK 
_refine.solvent_model_param_ksol                 ? 
_refine.solvent_model_param_bsol                 ? 
_refine.pdbx_solvent_vdw_probe_radii             1.40 
_refine.pdbx_solvent_ion_probe_radii             0.80 
_refine.pdbx_solvent_shrinkage_radii             0.80 
_refine.pdbx_ls_cross_valid_method               THROUGHOUT 
_refine.details                                  'HYDROGENS HAVE BEEN ADDED IN THE RIDING POSITIONS.' 
_refine.pdbx_starting_model                      'PDB ENTRY 3KCE' 
_refine.pdbx_method_to_determine_struct          'MOLECULAR REPLACEMENT' 
_refine.pdbx_isotropic_thermal_model             ? 
_refine.pdbx_stereochemistry_target_values       'MAXIMUM LIKELIHOOD' 
_refine.pdbx_stereochem_target_val_spec_case     ? 
_refine.pdbx_R_Free_selection_details            RANDOM 
_refine.pdbx_overall_ESU_R                       0.142 
_refine.pdbx_overall_ESU_R_Free                  0.145 
_refine.overall_SU_ML                            0.100 
_refine.pdbx_overall_phase_error                 ? 
_refine.overall_SU_B                             3.434 
_refine.overall_SU_R_Cruickshank_DPI             ? 
_refine.pdbx_overall_SU_R_free_Cruickshank_DPI   ? 
_refine.pdbx_overall_SU_R_Blow_DPI               ? 
_refine.pdbx_overall_SU_R_free_Blow_DPI          ? 
# 
_refine_hist.pdbx_refine_id                   'X-RAY DIFFRACTION' 
_refine_hist.cycle_id                         LAST 
_refine_hist.pdbx_number_atoms_protein        1160 
_refine_hist.pdbx_number_atoms_nucleic_acid   0 
_refine_hist.pdbx_number_atoms_ligand         39 
_refine_hist.number_atoms_solvent             108 
_refine_hist.number_atoms_total               1307 
_refine_hist.d_res_high                       1.90 
_refine_hist.d_res_low                        59.23 
# 
loop_
_refine_ls_restr.type 
_refine_ls_restr.dev_ideal 
_refine_ls_restr.dev_ideal_target 
_refine_ls_restr.weight 
_refine_ls_restr.number 
_refine_ls_restr.pdbx_refine_id 
_refine_ls_restr.pdbx_restraint_function 
r_bond_refined_d             0.024  0.021  ? 1233 'X-RAY DIFFRACTION' ? 
r_bond_other_d               ?      ?      ? ?    'X-RAY DIFFRACTION' ? 
r_angle_refined_deg          2.010  1.971  ? 1651 'X-RAY DIFFRACTION' ? 
r_angle_other_deg            ?      ?      ? ?    'X-RAY DIFFRACTION' ? 
r_dihedral_angle_1_deg       7.005  5.000  ? 146  'X-RAY DIFFRACTION' ? 
r_dihedral_angle_2_deg       33.018 22.373 ? 59   'X-RAY DIFFRACTION' ? 
r_dihedral_angle_3_deg       16.621 15.000 ? 214  'X-RAY DIFFRACTION' ? 
r_dihedral_angle_4_deg       22.552 15.000 ? 14   'X-RAY DIFFRACTION' ? 
r_chiral_restr               0.144  0.200  ? 163  'X-RAY DIFFRACTION' ? 
r_gen_planes_refined         0.011  0.021  ? 950  'X-RAY DIFFRACTION' ? 
r_gen_planes_other           ?      ?      ? ?    'X-RAY DIFFRACTION' ? 
r_nbd_refined                ?      ?      ? ?    'X-RAY DIFFRACTION' ? 
r_nbd_other                  ?      ?      ? ?    'X-RAY DIFFRACTION' ? 
r_nbtor_refined              ?      ?      ? ?    'X-RAY DIFFRACTION' ? 
r_nbtor_other                ?      ?      ? ?    'X-RAY DIFFRACTION' ? 
r_xyhbond_nbd_refined        ?      ?      ? ?    'X-RAY DIFFRACTION' ? 
r_xyhbond_nbd_other          ?      ?      ? ?    'X-RAY DIFFRACTION' ? 
r_metal_ion_refined          ?      ?      ? ?    'X-RAY DIFFRACTION' ? 
r_metal_ion_other            ?      ?      ? ?    'X-RAY DIFFRACTION' ? 
r_symmetry_vdw_refined       ?      ?      ? ?    'X-RAY DIFFRACTION' ? 
r_symmetry_vdw_other         ?      ?      ? ?    'X-RAY DIFFRACTION' ? 
r_symmetry_hbond_refined     ?      ?      ? ?    'X-RAY DIFFRACTION' ? 
r_symmetry_hbond_other       ?      ?      ? ?    'X-RAY DIFFRACTION' ? 
r_symmetry_metal_ion_refined ?      ?      ? ?    'X-RAY DIFFRACTION' ? 
r_symmetry_metal_ion_other   ?      ?      ? ?    'X-RAY DIFFRACTION' ? 
r_mcbond_it                  1.363  1.500  ? 728  'X-RAY DIFFRACTION' ? 
r_mcbond_other               ?      ?      ? ?    'X-RAY DIFFRACTION' ? 
r_mcangle_it                 2.367  2.000  ? 1166 'X-RAY DIFFRACTION' ? 
r_mcangle_other              ?      ?      ? ?    'X-RAY DIFFRACTION' ? 
r_scbond_it                  3.490  3.000  ? 505  'X-RAY DIFFRACTION' ? 
r_scbond_other               ?      ?      ? ?    'X-RAY DIFFRACTION' ? 
r_scangle_it                 5.801  4.500  ? 484  'X-RAY DIFFRACTION' ? 
r_scangle_other              ?      ?      ? ?    'X-RAY DIFFRACTION' ? 
r_long_range_B_refined       ?      ?      ? ?    'X-RAY DIFFRACTION' ? 
r_long_range_B_other         ?      ?      ? ?    'X-RAY DIFFRACTION' ? 
r_rigid_bond_restr           ?      ?      ? ?    'X-RAY DIFFRACTION' ? 
r_sphericity_free            ?      ?      ? ?    'X-RAY DIFFRACTION' ? 
r_sphericity_bonded          ?      ?      ? ?    'X-RAY DIFFRACTION' ? 
# 
_refine_ls_shell.pdbx_refine_id                   'X-RAY DIFFRACTION' 
_refine_ls_shell.pdbx_total_number_of_bins_used   20 
_refine_ls_shell.d_res_high                       1.900 
_refine_ls_shell.d_res_low                        1.949 
_refine_ls_shell.number_reflns_R_work             1051 
_refine_ls_shell.R_factor_R_work                  0.327 
_refine_ls_shell.percent_reflns_obs               88.95 
_refine_ls_shell.R_factor_R_free                  0.433 
_refine_ls_shell.R_factor_R_free_error            ? 
_refine_ls_shell.percent_reflns_R_free            ? 
_refine_ls_shell.number_reflns_R_free             52 
_refine_ls_shell.number_reflns_all                ? 
_refine_ls_shell.R_factor_all                     ? 
# 
_struct.entry_id                  2XPA 
_struct.title                     
'DISCOVERY OF CELL-ACTIVE PHENYL-IMIDAZOLE PIN1 INHIBITORS BY STRUCTURE-GUIDED FRAGMENT EVOLUTION' 
_struct.pdbx_model_details        ? 
_struct.pdbx_CASP_flag            ? 
_struct.pdbx_model_type_details   ? 
# 
_struct_keywords.entry_id        2XPA 
_struct_keywords.pdbx_keywords   ISOMERASE 
_struct_keywords.text            'ISOMERASE, ROTAMASE, PROLINE DIRECTED KINASE, CELL CYCLE, ONCOGENIC TRANSFORMATION' 
# 
loop_
_struct_asym.id 
_struct_asym.pdbx_blank_PDB_chainid_flag 
_struct_asym.pdbx_modified 
_struct_asym.entity_id 
_struct_asym.details 
A N N 1 ? 
B N N 2 ? 
C N N 3 ? 
D N N 4 ? 
# 
loop_
_struct_conf.conf_type_id 
_struct_conf.id 
_struct_conf.pdbx_PDB_helix_id 
_struct_conf.beg_label_comp_id 
_struct_conf.beg_label_asym_id 
_struct_conf.beg_label_seq_id 
_struct_conf.pdbx_beg_PDB_ins_code 
_struct_conf.end_label_comp_id 
_struct_conf.end_label_asym_id 
_struct_conf.end_label_seq_id 
_struct_conf.pdbx_end_PDB_ins_code 
_struct_conf.beg_auth_comp_id 
_struct_conf.beg_auth_asym_id 
_struct_conf.beg_auth_seq_id 
_struct_conf.end_auth_comp_id 
_struct_conf.end_auth_asym_id 
_struct_conf.end_auth_seq_id 
_struct_conf.pdbx_PDB_helix_class 
_struct_conf.details 
_struct_conf.pdbx_PDB_helix_length 
HELX_P HELX_P1 1 THR A 85  ? SER A 102 ? THR A 81  SER A 98  1 ? 18 
HELX_P HELX_P2 2 ASP A 106 ? SER A 115 ? ASP A 102 SER A 111 1 ? 10 
HELX_P HELX_P3 3 CYS A 117 ? ARG A 123 ? CYS A 113 ARG A 119 5 ? 7  
HELX_P HELX_P4 4 GLN A 135 ? LEU A 145 ? GLN A 131 LEU A 141 1 ? 11 
# 
_struct_conf_type.id          HELX_P 
_struct_conf_type.criteria    ? 
_struct_conf_type.reference   ? 
# 
loop_
_struct_sheet.id 
_struct_sheet.type 
_struct_sheet.number_strands 
_struct_sheet.details 
AA ? 3 ? 
AB ? 4 ? 
# 
loop_
_struct_sheet_order.sheet_id 
_struct_sheet_order.range_id_1 
_struct_sheet_order.range_id_2 
_struct_sheet_order.offset 
_struct_sheet_order.sense 
AA 1 2 ? anti-parallel 
AA 2 3 ? anti-parallel 
AB 1 2 ? anti-parallel 
AB 2 3 ? anti-parallel 
AB 3 4 ? anti-parallel 
# 
loop_
_struct_sheet_range.sheet_id 
_struct_sheet_range.id 
_struct_sheet_range.beg_label_comp_id 
_struct_sheet_range.beg_label_asym_id 
_struct_sheet_range.beg_label_seq_id 
_struct_sheet_range.pdbx_beg_PDB_ins_code 
_struct_sheet_range.end_label_comp_id 
_struct_sheet_range.end_label_asym_id 
_struct_sheet_range.end_label_seq_id 
_struct_sheet_range.pdbx_end_PDB_ins_code 
_struct_sheet_range.beg_auth_comp_id 
_struct_sheet_range.beg_auth_asym_id 
_struct_sheet_range.beg_auth_seq_id 
_struct_sheet_range.end_auth_comp_id 
_struct_sheet_range.end_auth_asym_id 
_struct_sheet_range.end_auth_seq_id 
AA 1 TRP A 15  ? MET A 19  ? TRP A 11  MET A 15  
AA 2 VAL A 26  ? ASN A 30  ? VAL A 22  ASN A 26  
AA 3 SER A 36  ? GLN A 37  ? SER A 32  GLN A 33  
AB 1 ASP A 125 ? SER A 130 ? ASP A 121 SER A 126 
AB 2 ARG A 58  ? VAL A 66  ? ARG A 54  VAL A 62  
AB 3 GLY A 159 ? GLU A 167 ? GLY A 155 GLU A 163 
AB 4 VAL A 154 ? THR A 156 ? VAL A 150 THR A 152 
# 
loop_
_pdbx_struct_sheet_hbond.sheet_id 
_pdbx_struct_sheet_hbond.range_id_1 
_pdbx_struct_sheet_hbond.range_id_2 
_pdbx_struct_sheet_hbond.range_1_label_atom_id 
_pdbx_struct_sheet_hbond.range_1_label_comp_id 
_pdbx_struct_sheet_hbond.range_1_label_asym_id 
_pdbx_struct_sheet_hbond.range_1_label_seq_id 
_pdbx_struct_sheet_hbond.range_1_PDB_ins_code 
_pdbx_struct_sheet_hbond.range_1_auth_atom_id 
_pdbx_struct_sheet_hbond.range_1_auth_comp_id 
_pdbx_struct_sheet_hbond.range_1_auth_asym_id 
_pdbx_struct_sheet_hbond.range_1_auth_seq_id 
_pdbx_struct_sheet_hbond.range_2_label_atom_id 
_pdbx_struct_sheet_hbond.range_2_label_comp_id 
_pdbx_struct_sheet_hbond.range_2_label_asym_id 
_pdbx_struct_sheet_hbond.range_2_label_seq_id 
_pdbx_struct_sheet_hbond.range_2_PDB_ins_code 
_pdbx_struct_sheet_hbond.range_2_auth_atom_id 
_pdbx_struct_sheet_hbond.range_2_auth_comp_id 
_pdbx_struct_sheet_hbond.range_2_auth_asym_id 
_pdbx_struct_sheet_hbond.range_2_auth_seq_id 
AA 1 2 N ALA A 18  ? N ALA A 14  O TYR A 27  ? O TYR A 23  
AA 2 3 N TYR A 28  ? N TYR A 24  O GLN A 37  ? O GLN A 33  
AB 1 2 N PHE A 129 ? N PHE A 125 O VAL A 59  ? O VAL A 55  
AB 2 3 N VAL A 66  ? N VAL A 62  O ILE A 160 ? O ILE A 156 
AB 3 4 N HIS A 161 ? N HIS A 157 O VAL A 154 ? O VAL A 150 
# 
loop_
_struct_site.id 
_struct_site.pdbx_evidence_code 
_struct_site.pdbx_auth_asym_id 
_struct_site.pdbx_auth_comp_id 
_struct_site.pdbx_auth_seq_id 
_struct_site.pdbx_auth_ins_code 
_struct_site.pdbx_num_residues 
_struct_site.details 
AC1 Software A 12P 1164 ? 13 'BINDING SITE FOR RESIDUE 12P A 1164' 
AC2 Software A 4G5 1165 ? 11 'BINDING SITE FOR RESIDUE 4G5 A 1165' 
# 
loop_
_struct_site_gen.id 
_struct_site_gen.site_id 
_struct_site_gen.pdbx_num_res 
_struct_site_gen.label_comp_id 
_struct_site_gen.label_asym_id 
_struct_site_gen.label_seq_id 
_struct_site_gen.pdbx_auth_ins_code 
_struct_site_gen.auth_comp_id 
_struct_site_gen.auth_asym_id 
_struct_site_gen.auth_seq_id 
_struct_site_gen.label_atom_id 
_struct_site_gen.label_alt_id 
_struct_site_gen.symmetry 
_struct_site_gen.details 
1  AC1 13 TYR A 27  ? TYR A 23   . ? 1_555 ? 
2  AC1 13 ALA A 35  ? ALA A 31   . ? 1_555 ? 
3  AC1 13 SER A 36  ? SER A 32   . ? 1_555 ? 
4  AC1 13 TRP A 38  ? TRP A 34   . ? 1_555 ? 
5  AC1 13 ILE A 97  ? ILE A 93   . ? 1_555 ? 
6  AC1 13 LYS A 101 ? LYS A 97   . ? 6_555 ? 
7  AC1 13 LYS A 101 ? LYS A 97   . ? 1_555 ? 
8  AC1 13 SER A 102 ? SER A 98   . ? 6_555 ? 
9  AC1 13 GLY A 152 ? GLY A 148  . ? 1_555 ? 
10 AC1 13 HOH D .   ? HOH A 2006 . ? 1_555 ? 
11 AC1 13 HOH D .   ? HOH A 2022 . ? 1_555 ? 
12 AC1 13 HOH D .   ? HOH A 2103 . ? 1_555 ? 
13 AC1 13 HOH D .   ? HOH A 2107 . ? 1_555 ? 
14 AC2 11 HIS A 63  ? HIS A 59   . ? 1_555 ? 
15 AC2 11 LYS A 67  ? LYS A 63   . ? 1_555 ? 
16 AC2 11 ARG A 72  ? ARG A 68   . ? 1_555 ? 
17 AC2 11 ARG A 73  ? ARG A 69   . ? 1_555 ? 
18 AC2 11 CYS A 117 ? CYS A 113  . ? 1_555 ? 
19 AC2 11 SER A 118 ? SER A 114  . ? 1_555 ? 
20 AC2 11 LEU A 126 ? LEU A 122  . ? 1_555 ? 
21 AC2 11 SER A 158 ? SER A 154  . ? 1_555 ? 
22 AC2 11 HIS A 161 ? HIS A 157  . ? 1_555 ? 
23 AC2 11 HOH D .   ? HOH A 2091 . ? 1_555 ? 
24 AC2 11 HOH D .   ? HOH A 2108 . ? 1_555 ? 
# 
_atom_sites.entry_id                    2XPA 
_atom_sites.fract_transf_matrix[1][1]   -0.01452130 
_atom_sites.fract_transf_matrix[1][2]   0.00429309 
_atom_sites.fract_transf_matrix[1][3]   0.00748120 
_atom_sites.fract_transf_matrix[2][1]   -0.00350598 
_atom_sites.fract_transf_matrix[2][2]   0.01626029 
_atom_sites.fract_transf_matrix[2][3]   0.00292972 
_atom_sites.fract_transf_matrix[3][1]   -0.00556360 
_atom_sites.fract_transf_matrix[3][2]   0.00083220 
_atom_sites.fract_transf_matrix[3][3]   -0.01127671 
_atom_sites.fract_transf_vector[1]      0.239878 
_atom_sites.fract_transf_vector[2]      -0.395169 
_atom_sites.fract_transf_vector[3]      0.183497 
# 
loop_
_atom_type.symbol 
C 
N 
O 
S 
# 
loop_
_atom_site.group_PDB 
_atom_site.id 
_atom_site.type_symbol 
_atom_site.label_atom_id 
_atom_site.label_alt_id 
_atom_site.label_comp_id 
_atom_site.label_asym_id 
_atom_site.label_entity_id 
_atom_site.label_seq_id 
_atom_site.pdbx_PDB_ins_code 
_atom_site.Cartn_x 
_atom_site.Cartn_y 
_atom_site.Cartn_z 
_atom_site.occupancy 
_atom_site.B_iso_or_equiv 
_atom_site.pdbx_formal_charge 
_atom_site.auth_seq_id 
_atom_site.auth_comp_id 
_atom_site.auth_asym_id 
_atom_site.auth_atom_id 
_atom_site.pdbx_PDB_model_num 
ATOM   1    N N   . LEU A 1 11  ? 0.540   -19.010 -11.140 1.00 45.68 ? 7    LEU A N   1 
ATOM   2    C CA  . LEU A 1 11  ? 1.124   -17.975 -10.237 1.00 46.34 ? 7    LEU A CA  1 
ATOM   3    C C   . LEU A 1 11  ? 0.083   -17.726 -9.121  1.00 46.35 ? 7    LEU A C   1 
ATOM   4    O O   . LEU A 1 11  ? -1.103  -17.831 -9.373  1.00 46.44 ? 7    LEU A O   1 
ATOM   5    C CB  . LEU A 1 11  ? 1.377   -16.704 -11.085 1.00 46.40 ? 7    LEU A CB  1 
ATOM   6    C CG  . LEU A 1 11  ? 2.259   -16.827 -12.360 1.00 46.91 ? 7    LEU A CG  1 
ATOM   7    C CD1 . LEU A 1 11  ? 1.893   -15.968 -13.626 1.00 46.53 ? 7    LEU A CD1 1 
ATOM   8    C CD2 . LEU A 1 11  ? 3.677   -16.507 -11.970 1.00 49.94 ? 7    LEU A CD2 1 
ATOM   9    N N   . PRO A 1 12  ? 0.499   -17.377 -7.886  1.00 46.43 ? 8    PRO A N   1 
ATOM   10   C CA  . PRO A 1 12  ? -0.548  -17.200 -6.826  1.00 46.39 ? 8    PRO A CA  1 
ATOM   11   C C   . PRO A 1 12  ? -1.656  -16.086 -7.060  1.00 45.85 ? 8    PRO A C   1 
ATOM   12   O O   . PRO A 1 12  ? -1.603  -15.334 -8.082  1.00 45.03 ? 8    PRO A O   1 
ATOM   13   C CB  . PRO A 1 12  ? 0.275   -16.961 -5.538  1.00 47.15 ? 8    PRO A CB  1 
ATOM   14   C CG  . PRO A 1 12  ? 1.764   -17.083 -5.945  1.00 46.59 ? 8    PRO A CG  1 
ATOM   15   C CD  . PRO A 1 12  ? 1.825   -16.911 -7.441  1.00 46.24 ? 8    PRO A CD  1 
ATOM   16   N N   . PRO A 1 13  ? -2.681  -16.005 -6.146  1.00 45.50 ? 9    PRO A N   1 
ATOM   17   C CA  . PRO A 1 13  ? -3.846  -15.120 -6.426  1.00 44.59 ? 9    PRO A CA  1 
ATOM   18   C C   . PRO A 1 13  ? -3.481  -13.674 -6.858  1.00 43.87 ? 9    PRO A C   1 
ATOM   19   O O   . PRO A 1 13  ? -2.800  -12.924 -6.069  1.00 41.78 ? 9    PRO A O   1 
ATOM   20   C CB  . PRO A 1 13  ? -4.611  -15.085 -5.073  1.00 44.80 ? 9    PRO A CB  1 
ATOM   21   C CG  . PRO A 1 13  ? -4.302  -16.433 -4.456  1.00 45.77 ? 9    PRO A CG  1 
ATOM   22   C CD  . PRO A 1 13  ? -2.801  -16.617 -4.797  1.00 45.56 ? 9    PRO A CD  1 
ATOM   23   N N   . GLY A 1 14  ? -3.931  -13.334 -8.091  1.00 41.77 ? 10   GLY A N   1 
ATOM   24   C CA  . GLY A 1 14  ? -3.868  -11.985 -8.654  1.00 39.28 ? 10   GLY A CA  1 
ATOM   25   C C   . GLY A 1 14  ? -2.697  -11.719 -9.613  1.00 37.80 ? 10   GLY A C   1 
ATOM   26   O O   . GLY A 1 14  ? -2.576  -10.633 -10.184 1.00 34.50 ? 10   GLY A O   1 
ATOM   27   N N   . TRP A 1 15  ? -1.834  -12.705 -9.785  1.00 37.38 ? 11   TRP A N   1 
ATOM   28   C CA  . TRP A 1 15  ? -0.590  -12.452 -10.544 1.00 37.78 ? 11   TRP A CA  1 
ATOM   29   C C   . TRP A 1 15  ? -0.739  -12.734 -12.008 1.00 39.45 ? 11   TRP A C   1 
ATOM   30   O O   . TRP A 1 15  ? -1.323  -13.773 -12.415 1.00 40.32 ? 11   TRP A O   1 
ATOM   31   C CB  . TRP A 1 15  ? 0.586   -13.244 -9.987  1.00 37.37 ? 11   TRP A CB  1 
ATOM   32   C CG  . TRP A 1 15  ? 1.122   -12.748 -8.709  1.00 31.69 ? 11   TRP A CG  1 
ATOM   33   C CD1 . TRP A 1 15  ? 0.885   -13.257 -7.444  1.00 30.42 ? 11   TRP A CD1 1 
ATOM   34   C CD2 . TRP A 1 15  ? 2.039   -11.658 -8.544  1.00 29.89 ? 11   TRP A CD2 1 
ATOM   35   N NE1 . TRP A 1 15  ? 1.592   -12.508 -6.495  1.00 28.91 ? 11   TRP A NE1 1 
ATOM   36   C CE2 . TRP A 1 15  ? 2.302   -11.529 -7.144  1.00 27.43 ? 11   TRP A CE2 1 
ATOM   37   C CE3 . TRP A 1 15  ? 2.614   -10.713 -9.437  1.00 26.45 ? 11   TRP A CE3 1 
ATOM   38   C CZ2 . TRP A 1 15  ? 3.167   -10.521 -6.621  1.00 27.50 ? 11   TRP A CZ2 1 
ATOM   39   C CZ3 . TRP A 1 15  ? 3.490   -9.704  -8.904  1.00 26.78 ? 11   TRP A CZ3 1 
ATOM   40   C CH2 . TRP A 1 15  ? 3.744   -9.631  -7.518  1.00 27.54 ? 11   TRP A CH2 1 
ATOM   41   N N   . GLU A 1 16  ? -0.174  -11.838 -12.810 1.00 39.10 ? 12   GLU A N   1 
ATOM   42   C CA  . GLU A 1 16  ? -0.141  -11.999 -14.234 1.00 40.63 ? 12   GLU A CA  1 
ATOM   43   C C   . GLU A 1 16  ? 1.259   -11.627 -14.738 1.00 41.17 ? 12   GLU A C   1 
ATOM   44   O O   . GLU A 1 16  ? 1.940   -10.778 -14.137 1.00 39.93 ? 12   GLU A O   1 
ATOM   45   C CB  . GLU A 1 16  ? -1.161  -11.054 -14.903 1.00 41.96 ? 12   GLU A CB  1 
ATOM   46   C CG  . GLU A 1 16  ? -0.539  -9.626  -15.253 1.00 46.21 ? 12   GLU A CG  1 
ATOM   47   C CD  . GLU A 1 16  ? -1.537  -8.571  -15.800 1.00 51.28 ? 12   GLU A CD  1 
ATOM   48   O OE1 . GLU A 1 16  ? -2.622  -8.373  -15.200 1.00 50.37 ? 12   GLU A OE1 1 
ATOM   49   O OE2 . GLU A 1 16  ? -1.198  -7.917  -16.816 1.00 55.46 ? 12   GLU A OE2 1 
ATOM   50   N N   . LYS A 1 17  ? 1.647   -12.222 -15.870 1.00 41.42 ? 13   LYS A N   1 
ATOM   51   C CA  . LYS A 1 17  ? 2.884   -11.928 -16.585 1.00 42.49 ? 13   LYS A CA  1 
ATOM   52   C C   . LYS A 1 17  ? 2.623   -10.768 -17.534 1.00 43.03 ? 13   LYS A C   1 
ATOM   53   O O   . LYS A 1 17  ? 1.516   -10.621 -18.101 1.00 43.30 ? 13   LYS A O   1 
ATOM   54   C CB  . LYS A 1 17  ? 3.412   -13.172 -17.347 1.00 43.93 ? 13   LYS A CB  1 
ATOM   55   C CG  . LYS A 1 17  ? 4.814   -12.972 -18.027 1.00 47.28 ? 13   LYS A CG  1 
ATOM   56   C CD  . LYS A 1 17  ? 5.459   -14.289 -18.583 1.00 52.06 ? 13   LYS A CD  1 
ATOM   57   C CE  . LYS A 1 17  ? 5.518   -15.407 -17.530 1.00 56.61 ? 13   LYS A CE  1 
ATOM   58   N NZ  . LYS A 1 17  ? 5.911   -16.730 -18.095 1.00 58.96 ? 13   LYS A NZ  1 
ATOM   59   N N   . ALA A 1 18  ? 3.606   -9.902  -17.671 1.00 42.59 ? 14   ALA A N   1 
ATOM   60   C CA  . ALA A 1 18  ? 3.453   -8.758  -18.560 1.00 44.64 ? 14   ALA A CA  1 
ATOM   61   C C   . ALA A 1 18  ? 4.809   -8.530  -19.198 1.00 46.24 ? 14   ALA A C   1 
ATOM   62   O O   . ALA A 1 18  ? 5.816   -9.081  -18.747 1.00 45.40 ? 14   ALA A O   1 
ATOM   63   C CB  . ALA A 1 18  ? 3.007   -7.510  -17.776 1.00 43.32 ? 14   ALA A CB  1 
ATOM   64   N N   . MET A 1 19  ? 4.830   -7.719  -20.250 1.00 48.69 ? 15   MET A N   1 
ATOM   65   C CA  . MET A 1 19  ? 6.084   -7.273  -20.819 1.00 50.83 ? 15   MET A CA  1 
ATOM   66   C C   . MET A 1 19  ? 6.351   -5.813  -20.455 1.00 50.22 ? 15   MET A C   1 
ATOM   67   O O   . MET A 1 19  ? 5.443   -4.969  -20.507 1.00 49.72 ? 15   MET A O   1 
ATOM   68   C CB  . MET A 1 19  ? 6.090   -7.494  -22.333 1.00 51.88 ? 15   MET A CB  1 
ATOM   69   C CG  . MET A 1 19  ? 7.489   -7.317  -22.941 1.00 57.95 ? 15   MET A CG  1 
ATOM   70   S SD  . MET A 1 19  ? 7.614   -7.930  -24.646 1.00 72.28 ? 15   MET A SD  1 
ATOM   71   C CE  . MET A 1 19  ? 8.014   -6.424  -25.617 1.00 67.29 ? 15   MET A CE  1 
ATOM   72   N N   . SER A 1 20  ? 7.592   -5.517  -20.071 1.00 49.97 ? 16   SER A N   1 
ATOM   73   C CA  . SER A 1 20  ? 7.970   -4.161  -19.669 1.00 51.24 ? 16   SER A CA  1 
ATOM   74   C C   . SER A 1 20  ? 7.984   -3.136  -20.822 1.00 52.19 ? 16   SER A C   1 
ATOM   75   O O   . SER A 1 20  ? 8.442   -3.451  -21.924 1.00 50.81 ? 16   SER A O   1 
ATOM   76   C CB  . SER A 1 20  ? 9.344   -4.187  -19.022 1.00 51.02 ? 16   SER A CB  1 
ATOM   77   O OG  . SER A 1 20  ? 10.046  -3.004  -19.332 1.00 53.61 ? 16   SER A OG  1 
ATOM   78   N N   . ARG A 1 21  ? 7.499   -1.919  -20.543 1.00 53.36 ? 17   ARG A N   1 
ATOM   79   C CA  . ARG A 1 21  ? 7.440   -0.815  -21.539 1.00 55.17 ? 17   ARG A CA  1 
ATOM   80   C C   . ARG A 1 21  ? 8.790   -0.325  -22.023 1.00 55.52 ? 17   ARG A C   1 
ATOM   81   O O   . ARG A 1 21  ? 8.911   0.040   -23.189 1.00 55.80 ? 17   ARG A O   1 
ATOM   82   C CB  . ARG A 1 21  ? 6.770   0.448   -20.962 1.00 55.40 ? 17   ARG A CB  1 
ATOM   83   C CG  . ARG A 1 21  ? 5.377   0.792   -21.427 1.00 55.93 ? 17   ARG A CG  1 
ATOM   84   C CD  . ARG A 1 21  ? 5.018   0.297   -22.803 1.00 56.93 ? 17   ARG A CD  1 
ATOM   85   N NE  . ARG A 1 21  ? 3.793   -0.467  -22.615 1.00 58.29 ? 17   ARG A NE  1 
ATOM   86   C CZ  . ARG A 1 21  ? 2.574   0.060   -22.477 1.00 56.08 ? 17   ARG A CZ  1 
ATOM   87   N NH1 . ARG A 1 21  ? 2.367   1.390   -22.579 1.00 53.48 ? 17   ARG A NH1 1 
ATOM   88   N NH2 . ARG A 1 21  ? 1.561   -0.768  -22.252 1.00 53.07 ? 17   ARG A NH2 1 
ATOM   89   N N   . SER A 1 22  ? 9.777   -0.232  -21.121 1.00 56.02 ? 18   SER A N   1 
ATOM   90   C CA  . SER A 1 22  ? 11.127  0.272   -21.496 1.00 55.51 ? 18   SER A CA  1 
ATOM   91   C C   . SER A 1 22  ? 12.066  -0.808  -22.010 1.00 55.23 ? 18   SER A C   1 
ATOM   92   O O   . SER A 1 22  ? 12.821  -0.594  -22.976 1.00 56.13 ? 18   SER A O   1 
ATOM   93   C CB  . SER A 1 22  ? 11.810  0.983   -20.319 1.00 56.02 ? 18   SER A CB  1 
ATOM   94   O OG  . SER A 1 22  ? 11.038  2.048   -19.774 1.00 55.23 ? 18   SER A OG  1 
ATOM   95   N N   . SER A 1 23  ? 12.001  -1.969  -21.363 1.00 54.05 ? 19   SER A N   1 
ATOM   96   C CA  . SER A 1 23  ? 13.044  -2.988  -21.428 1.00 52.79 ? 19   SER A CA  1 
ATOM   97   C C   . SER A 1 23  ? 12.680  -4.025  -22.461 1.00 51.59 ? 19   SER A C   1 
ATOM   98   O O   . SER A 1 23  ? 13.563  -4.564  -23.131 1.00 51.66 ? 19   SER A O   1 
ATOM   99   C CB  . SER A 1 23  ? 13.166  -3.714  -20.065 1.00 52.95 ? 19   SER A CB  1 
ATOM   100  O OG  . SER A 1 23  ? 12.898  -2.855  -18.942 1.00 53.37 ? 19   SER A OG  1 
ATOM   101  N N   . GLY A 1 24  ? 11.376  -4.312  -22.575 1.00 49.77 ? 20   GLY A N   1 
ATOM   102  C CA  . GLY A 1 24  ? 10.905  -5.513  -23.279 1.00 47.53 ? 20   GLY A CA  1 
ATOM   103  C C   . GLY A 1 24  ? 11.082  -6.764  -22.400 1.00 46.43 ? 20   GLY A C   1 
ATOM   104  O O   . GLY A 1 24  ? 10.696  -7.873  -22.773 1.00 46.46 ? 20   GLY A O   1 
ATOM   105  N N   . ARG A 1 25  ? 11.629  -6.596  -21.202 1.00 44.64 ? 21   ARG A N   1 
ATOM   106  C CA  . ARG A 1 25  ? 11.764  -7.720  -20.274 1.00 43.26 ? 21   ARG A CA  1 
ATOM   107  C C   . ARG A 1 25  ? 10.423  -8.152  -19.614 1.00 42.15 ? 21   ARG A C   1 
ATOM   108  O O   . ARG A 1 25  ? 9.596   -7.300  -19.306 1.00 41.30 ? 21   ARG A O   1 
ATOM   109  C CB  . ARG A 1 25  ? 12.788  -7.323  -19.198 1.00 43.79 ? 21   ARG A CB  1 
ATOM   110  C CG  . ARG A 1 25  ? 13.670  -8.466  -18.762 1.00 45.25 ? 21   ARG A CG  1 
ATOM   111  C CD  . ARG A 1 25  ? 15.072  -7.947  -18.300 1.00 48.18 ? 21   ARG A CD  1 
ATOM   112  N NE  . ARG A 1 25  ? 15.057  -7.034  -17.135 1.00 46.26 ? 21   ARG A NE  1 
ATOM   113  C CZ  . ARG A 1 25  ? 14.719  -7.389  -15.884 1.00 47.94 ? 21   ARG A CZ  1 
ATOM   114  N NH1 . ARG A 1 25  ? 14.302  -8.638  -15.571 1.00 52.81 ? 21   ARG A NH1 1 
ATOM   115  N NH2 . ARG A 1 25  ? 14.812  -6.495  -14.915 1.00 46.58 ? 21   ARG A NH2 1 
ATOM   116  N N   . VAL A 1 26  ? 10.207  -9.459  -19.433 1.00 38.90 ? 22   VAL A N   1 
ATOM   117  C CA  . VAL A 1 26  ? 9.020   -9.977  -18.713 1.00 38.69 ? 22   VAL A CA  1 
ATOM   118  C C   . VAL A 1 26  ? 9.016   -9.484  -17.230 1.00 35.90 ? 22   VAL A C   1 
ATOM   119  O O   . VAL A 1 26  ? 10.080  -9.398  -16.618 1.00 34.26 ? 22   VAL A O   1 
ATOM   120  C CB  . VAL A 1 26  ? 9.024   -11.546 -18.785 1.00 39.23 ? 22   VAL A CB  1 
ATOM   121  C CG1 . VAL A 1 26  ? 8.129   -12.181 -17.750 1.00 40.92 ? 22   VAL A CG1 1 
ATOM   122  C CG2 . VAL A 1 26  ? 8.689   -12.020 -20.269 1.00 41.89 ? 22   VAL A CG2 1 
ATOM   123  N N   . TYR A 1 27  ? 7.834   -9.175  -16.657 1.00 33.32 ? 23   TYR A N   1 
ATOM   124  C CA  . TYR A 1 27  ? 7.751   -8.901  -15.199 1.00 28.67 ? 23   TYR A CA  1 
ATOM   125  C C   . TYR A 1 27  ? 6.397   -9.371  -14.763 1.00 28.03 ? 23   TYR A C   1 
ATOM   126  O O   . TYR A 1 27  ? 5.634   -9.854  -15.594 1.00 27.30 ? 23   TYR A O   1 
ATOM   127  C CB  . TYR A 1 27  ? 7.982   -7.409  -14.866 1.00 28.77 ? 23   TYR A CB  1 
ATOM   128  C CG  . TYR A 1 27  ? 6.868   -6.510  -15.298 1.00 29.59 ? 23   TYR A CG  1 
ATOM   129  C CD1 . TYR A 1 27  ? 5.895   -6.082  -14.369 1.00 31.84 ? 23   TYR A CD1 1 
ATOM   130  C CD2 . TYR A 1 27  ? 6.774   -6.072  -16.623 1.00 33.63 ? 23   TYR A CD2 1 
ATOM   131  C CE1 . TYR A 1 27  ? 4.841   -5.268  -14.754 1.00 33.31 ? 23   TYR A CE1 1 
ATOM   132  C CE2 . TYR A 1 27  ? 5.749   -5.250  -17.037 1.00 35.04 ? 23   TYR A CE2 1 
ATOM   133  C CZ  . TYR A 1 27  ? 4.767   -4.854  -16.090 1.00 37.76 ? 23   TYR A CZ  1 
ATOM   134  O OH  . TYR A 1 27  ? 3.737   -4.019  -16.485 1.00 39.53 ? 23   TYR A OH  1 
ATOM   135  N N   . TYR A 1 28  ? 6.097   -9.227  -13.472 1.00 25.76 ? 24   TYR A N   1 
ATOM   136  C CA  . TYR A 1 28  ? 4.892   -9.786  -12.933 1.00 26.92 ? 24   TYR A CA  1 
ATOM   137  C C   . TYR A 1 28  ? 4.134   -8.652  -12.223 1.00 26.00 ? 24   TYR A C   1 
ATOM   138  O O   . TYR A 1 28  ? 4.774   -7.829  -11.561 1.00 23.77 ? 24   TYR A O   1 
ATOM   139  C CB  . TYR A 1 28  ? 5.218   -11.007 -12.058 1.00 27.49 ? 24   TYR A CB  1 
ATOM   140  C CG  . TYR A 1 28  ? 5.953   -12.112 -12.881 1.00 31.54 ? 24   TYR A CG  1 
ATOM   141  C CD1 . TYR A 1 28  ? 7.369   -12.067 -13.118 1.00 37.00 ? 24   TYR A CD1 1 
ATOM   142  C CD2 . TYR A 1 28  ? 5.216   -13.146 -13.485 1.00 36.52 ? 24   TYR A CD2 1 
ATOM   143  C CE1 . TYR A 1 28  ? 8.038   -13.079 -13.902 1.00 38.44 ? 24   TYR A CE1 1 
ATOM   144  C CE2 . TYR A 1 28  ? 5.847   -14.138 -14.272 1.00 37.87 ? 24   TYR A CE2 1 
ATOM   145  C CZ  . TYR A 1 28  ? 7.247   -14.111 -14.460 1.00 41.21 ? 24   TYR A CZ  1 
ATOM   146  O OH  . TYR A 1 28  ? 7.788   -15.117 -15.241 1.00 44.57 ? 24   TYR A OH  1 
ATOM   147  N N   . PHE A 1 29  ? 2.802   -8.601  -12.418 1.00 24.59 ? 25   PHE A N   1 
ATOM   148  C CA  . PHE A 1 29  ? 1.928   -7.509  -11.901 1.00 27.05 ? 25   PHE A CA  1 
ATOM   149  C C   . PHE A 1 29  ? 0.820   -8.192  -11.105 1.00 25.66 ? 25   PHE A C   1 
ATOM   150  O O   . PHE A 1 29  ? 0.317   -9.273  -11.493 1.00 26.24 ? 25   PHE A O   1 
ATOM   151  C CB  . PHE A 1 29  ? 1.290   -6.716  -13.047 1.00 27.79 ? 25   PHE A CB  1 
ATOM   152  C CG  . PHE A 1 29  ? 0.303   -5.711  -12.602 1.00 32.16 ? 25   PHE A CG  1 
ATOM   153  C CD1 . PHE A 1 29  ? 0.718   -4.594  -11.826 1.00 36.24 ? 25   PHE A CD1 1 
ATOM   154  C CD2 . PHE A 1 29  ? -1.059  -5.848  -12.925 1.00 32.49 ? 25   PHE A CD2 1 
ATOM   155  C CE1 . PHE A 1 29  ? -0.228  -3.624  -11.370 1.00 35.70 ? 25   PHE A CE1 1 
ATOM   156  C CE2 . PHE A 1 29  ? -1.998  -4.878  -12.495 1.00 34.87 ? 25   PHE A CE2 1 
ATOM   157  C CZ  . PHE A 1 29  ? -1.565  -3.749  -11.691 1.00 36.04 ? 25   PHE A CZ  1 
ATOM   158  N N   . ASN A 1 30  ? 0.484   -7.637  -9.963  1.00 24.44 ? 26   ASN A N   1 
ATOM   159  C CA  . ASN A 1 30  ? -0.591  -8.239  -9.198  1.00 24.94 ? 26   ASN A CA  1 
ATOM   160  C C   . ASN A 1 30  ? -1.739  -7.250  -9.193  1.00 23.94 ? 26   ASN A C   1 
ATOM   161  O O   . ASN A 1 30  ? -1.595  -6.144  -8.712  1.00 24.44 ? 26   ASN A O   1 
ATOM   162  C CB  . ASN A 1 30  ? -0.151  -8.637  -7.772  1.00 22.55 ? 26   ASN A CB  1 
ATOM   163  C CG  . ASN A 1 30  ? -1.234  -9.396  -7.052  1.00 26.66 ? 26   ASN A CG  1 
ATOM   164  O OD1 . ASN A 1 30  ? -2.320  -8.918  -6.917  1.00 23.52 ? 26   ASN A OD1 1 
ATOM   165  N ND2 . ASN A 1 30  ? -0.927  -10.591 -6.610  1.00 26.75 ? 26   ASN A ND2 1 
ATOM   166  N N   . HIS A 1 31  ? -2.875  -7.644  -9.777  1.00 24.05 ? 27   HIS A N   1 
ATOM   167  C CA  . HIS A 1 31  ? -3.952  -6.704  -9.985  1.00 23.29 ? 27   HIS A CA  1 
ATOM   168  C C   . HIS A 1 31  ? -4.828  -6.554  -8.723  1.00 23.46 ? 27   HIS A C   1 
ATOM   169  O O   . HIS A 1 31  ? -5.713  -5.676  -8.689  1.00 23.43 ? 27   HIS A O   1 
ATOM   170  C CB  . HIS A 1 31  ? -4.789  -7.083  -11.224 1.00 23.88 ? 27   HIS A CB  1 
ATOM   171  C CG  . HIS A 1 31  ? -5.551  -8.376  -11.070 1.00 26.77 ? 27   HIS A CG  1 
ATOM   172  N ND1 . HIS A 1 31  ? -5.098  -9.565  -11.601 1.00 30.37 ? 27   HIS A ND1 1 
ATOM   173  C CD2 . HIS A 1 31  ? -6.713  -8.665  -10.434 1.00 26.75 ? 27   HIS A CD2 1 
ATOM   174  C CE1 . HIS A 1 31  ? -5.915  -10.543 -11.251 1.00 26.68 ? 27   HIS A CE1 1 
ATOM   175  N NE2 . HIS A 1 31  ? -6.901  -10.022 -10.545 1.00 28.09 ? 27   HIS A NE2 1 
ATOM   176  N N   . ILE A 1 32  ? -4.536  -7.344  -7.696  1.00 22.73 ? 28   ILE A N   1 
ATOM   177  C CA  . ILE A 1 32  ? -5.207  -7.218  -6.396  1.00 24.13 ? 28   ILE A CA  1 
ATOM   178  C C   . ILE A 1 32  ? -4.404  -6.246  -5.466  1.00 23.46 ? 28   ILE A C   1 
ATOM   179  O O   . ILE A 1 32  ? -5.019  -5.417  -4.816  1.00 24.65 ? 28   ILE A O   1 
ATOM   180  C CB  . ILE A 1 32  ? -5.441  -8.572  -5.701  1.00 24.60 ? 28   ILE A CB  1 
ATOM   181  C CG1 . ILE A 1 32  ? -6.141  -9.597  -6.628  1.00 26.33 ? 28   ILE A CG1 1 
ATOM   182  C CG2 . ILE A 1 32  ? -6.196  -8.347  -4.311  1.00 25.81 ? 28   ILE A CG2 1 
ATOM   183  C CD1 . ILE A 1 32  ? -6.126  -11.044 -6.078  1.00 29.25 ? 28   ILE A CD1 1 
ATOM   184  N N   . THR A 1 33  ? -3.065  -6.336  -5.448  1.00 21.57 ? 29   THR A N   1 
ATOM   185  C CA  . THR A 1 33  ? -2.235  -5.520  -4.546  1.00 19.90 ? 29   THR A CA  1 
ATOM   186  C C   . THR A 1 33  ? -1.605  -4.346  -5.296  1.00 20.30 ? 29   THR A C   1 
ATOM   187  O O   . THR A 1 33  ? -1.034  -3.442  -4.672  1.00 20.09 ? 29   THR A O   1 
ATOM   188  C CB  . THR A 1 33  ? -1.122  -6.349  -3.941  1.00 18.98 ? 29   THR A CB  1 
ATOM   189  O OG1 . THR A 1 33  ? -0.284  -6.764  -5.012  1.00 18.17 ? 29   THR A OG1 1 
ATOM   190  C CG2 . THR A 1 33  ? -1.663  -7.696  -3.256  1.00 18.93 ? 29   THR A CG2 1 
ATOM   191  N N   . ASN A 1 34  ? -1.735  -4.343  -6.641  1.00 19.90 ? 30   ASN A N   1 
ATOM   192  C CA  . ASN A 1 34  ? -0.985  -3.398  -7.469  1.00 18.33 ? 30   ASN A CA  1 
ATOM   193  C C   . ASN A 1 34  ? 0.559   -3.517  -7.360  1.00 18.78 ? 30   ASN A C   1 
ATOM   194  O O   . ASN A 1 34  ? 1.295   -2.601  -7.820  1.00 19.43 ? 30   ASN A O   1 
ATOM   195  C CB  . ASN A 1 34  ? -1.482  -1.972  -7.253  1.00 18.65 ? 30   ASN A CB  1 
ATOM   196  C CG  . ASN A 1 34  ? -2.875  -1.737  -7.907  1.00 21.03 ? 30   ASN A CG  1 
ATOM   197  O OD1 . ASN A 1 34  ? -3.728  -1.021  -7.357  1.00 22.60 ? 30   ASN A OD1 1 
ATOM   198  N ND2 . ASN A 1 34  ? -3.120  -2.440  -9.014  1.00 19.92 ? 30   ASN A ND2 1 
ATOM   199  N N   . ALA A 1 35  ? 1.064   -4.621  -6.776  1.00 18.44 ? 31   ALA A N   1 
ATOM   200  C CA  . ALA A 1 35  ? 2.509   -4.809  -6.727  1.00 19.77 ? 31   ALA A CA  1 
ATOM   201  C C   . ALA A 1 35  ? 3.041   -5.150  -8.117  1.00 22.14 ? 31   ALA A C   1 
ATOM   202  O O   . ALA A 1 35  ? 2.302   -5.676  -8.975  1.00 23.44 ? 31   ALA A O   1 
ATOM   203  C CB  . ALA A 1 35  ? 2.913   -5.921  -5.709  1.00 20.02 ? 31   ALA A CB  1 
ATOM   204  N N   . SER A 1 36  ? 4.313   -4.789  -8.369  1.00 22.09 ? 32   SER A N   1 
ATOM   205  C CA  . SER A 1 36  ? 5.012   -5.227  -9.584  1.00 24.26 ? 32   SER A CA  1 
ATOM   206  C C   . SER A 1 36  ? 6.447   -5.535  -9.213  1.00 26.32 ? 32   SER A C   1 
ATOM   207  O O   . SER A 1 36  ? 7.024   -4.832  -8.353  1.00 25.08 ? 32   SER A O   1 
ATOM   208  C CB  . SER A 1 36  ? 4.929   -4.175  -10.684 1.00 24.88 ? 32   SER A CB  1 
ATOM   209  O OG  . SER A 1 36  ? 5.160   -2.903  -10.154 1.00 28.31 ? 32   SER A OG  1 
ATOM   210  N N   . GLN A 1 37  ? 6.953   -6.650  -9.779  1.00 26.53 ? 33   GLN A N   1 
ATOM   211  C CA  . GLN A 1 37  ? 8.312   -7.131  -9.530  1.00 29.00 ? 33   GLN A CA  1 
ATOM   212  C C   . GLN A 1 37  ? 8.945   -7.841  -10.792 1.00 30.07 ? 33   GLN A C   1 
ATOM   213  O O   . GLN A 1 37  ? 8.219   -8.380  -11.677 1.00 30.05 ? 33   GLN A O   1 
ATOM   214  C CB  . GLN A 1 37  ? 8.274   -8.074  -8.310  1.00 27.51 ? 33   GLN A CB  1 
ATOM   215  C CG  . GLN A 1 37  ? 7.499   -9.321  -8.526  1.00 31.52 ? 33   GLN A CG  1 
ATOM   216  C CD  . GLN A 1 37  ? 7.475   -10.169 -7.260  1.00 40.80 ? 33   GLN A CD  1 
ATOM   217  O OE1 . GLN A 1 37  ? 7.196   -9.658  -6.183  1.00 41.10 ? 33   GLN A OE1 1 
ATOM   218  N NE2 . GLN A 1 37  ? 7.774   -11.454 -7.384  1.00 38.55 ? 33   GLN A NE2 1 
ATOM   219  N N   . TRP A 1 38  ? 10.285  -7.855  -10.907 1.00 31.41 ? 34   TRP A N   1 
ATOM   220  C CA  . TRP A 1 38  ? 10.909  -8.641  -12.001 1.00 31.87 ? 34   TRP A CA  1 
ATOM   221  C C   . TRP A 1 38  ? 10.831  -10.168 -11.800 1.00 33.14 ? 34   TRP A C   1 
ATOM   222  O O   . TRP A 1 38  ? 10.509  -10.925 -12.733 1.00 31.73 ? 34   TRP A O   1 
ATOM   223  C CB  . TRP A 1 38  ? 12.365  -8.191  -12.243 1.00 31.15 ? 34   TRP A CB  1 
ATOM   224  C CG  . TRP A 1 38  ? 12.460  -6.765  -12.639 1.00 31.50 ? 34   TRP A CG  1 
ATOM   225  C CD1 . TRP A 1 38  ? 12.894  -5.712  -11.858 1.00 27.29 ? 34   TRP A CD1 1 
ATOM   226  C CD2 . TRP A 1 38  ? 12.032  -6.200  -13.890 1.00 32.46 ? 34   TRP A CD2 1 
ATOM   227  N NE1 . TRP A 1 38  ? 12.812  -4.529  -12.576 1.00 31.14 ? 34   TRP A NE1 1 
ATOM   228  C CE2 . TRP A 1 38  ? 12.286  -4.787  -13.818 1.00 31.60 ? 34   TRP A CE2 1 
ATOM   229  C CE3 . TRP A 1 38  ? 11.502  -6.755  -15.090 1.00 34.83 ? 34   TRP A CE3 1 
ATOM   230  C CZ2 . TRP A 1 38  ? 12.013  -3.891  -14.909 1.00 34.01 ? 34   TRP A CZ2 1 
ATOM   231  C CZ3 . TRP A 1 38  ? 11.220  -5.864  -16.180 1.00 34.25 ? 34   TRP A CZ3 1 
ATOM   232  C CH2 . TRP A 1 38  ? 11.475  -4.447  -16.067 1.00 35.57 ? 34   TRP A CH2 1 
ATOM   233  N N   . GLU A 1 39  ? 11.122  -10.631 -10.584 1.00 36.89 ? 35   GLU A N   1 
ATOM   234  C CA  . GLU A 1 39  ? 11.175  -12.070 -10.278 1.00 39.94 ? 35   GLU A CA  1 
ATOM   235  C C   . GLU A 1 39  ? 9.767   -12.755 -10.332 1.00 43.07 ? 35   GLU A C   1 
ATOM   236  O O   . GLU A 1 39  ? 8.758   -12.147 -9.930  1.00 41.85 ? 35   GLU A O   1 
ATOM   237  C CB  . GLU A 1 39  ? 11.866  -12.313 -8.907  1.00 40.45 ? 35   GLU A CB  1 
ATOM   238  C CG  . GLU A 1 39  ? 13.162  -11.477 -8.527  1.00 44.27 ? 35   GLU A CG  1 
ATOM   239  C CD  . GLU A 1 39  ? 12.929  -9.956  -8.220  1.00 48.61 ? 35   GLU A CD  1 
ATOM   240  O OE1 . GLU A 1 39  ? 11.784  -9.441  -8.129  1.00 47.66 ? 35   GLU A OE1 1 
ATOM   241  O OE2 . GLU A 1 39  ? 14.035  -9.229  -8.107  1.00 47.49 ? 35   GLU A OE2 1 
ATOM   242  N N   . ARG A 1 40  ? 9.681   -13.988 -10.847 1.00 46.10 ? 36   ARG A N   1 
ATOM   243  C CA  . ARG A 1 40  ? 8.408   -14.688 -10.829 1.00 50.69 ? 36   ARG A CA  1 
ATOM   244  C C   . ARG A 1 40  ? 8.014   -14.947 -9.365  1.00 53.24 ? 36   ARG A C   1 
ATOM   245  O O   . ARG A 1 40  ? 8.864   -15.290 -8.546  1.00 53.77 ? 36   ARG A O   1 
ATOM   246  C CB  . ARG A 1 40  ? 8.401   -15.973 -11.684 1.00 50.96 ? 36   ARG A CB  1 
ATOM   247  C CG  . ARG A 1 40  ? 7.135   -16.876 -11.516 1.00 52.52 ? 36   ARG A CG  1 
ATOM   248  C CD  . ARG A 1 40  ? 7.133   -18.185 -12.383 1.00 56.34 ? 36   ARG A CD  1 
ATOM   249  N NE  . ARG A 1 40  ? 6.662   -17.959 -13.759 1.00 59.56 ? 36   ARG A NE  1 
ATOM   250  C CZ  . ARG A 1 40  ? 5.558   -18.481 -14.294 1.00 61.41 ? 36   ARG A CZ  1 
ATOM   251  N NH1 . ARG A 1 40  ? 4.777   -19.299 -13.589 1.00 61.37 ? 36   ARG A NH1 1 
ATOM   252  N NH2 . ARG A 1 40  ? 5.234   -18.180 -15.550 1.00 63.09 ? 36   ARG A NH2 1 
ATOM   253  N N   . PRO A 1 41  ? 6.748   -14.683 -9.012  1.00 55.05 ? 37   PRO A N   1 
ATOM   254  C CA  . PRO A 1 41  ? 6.356   -15.054 -7.644  1.00 57.44 ? 37   PRO A CA  1 
ATOM   255  C C   . PRO A 1 41  ? 6.262   -16.611 -7.487  1.00 60.34 ? 37   PRO A C   1 
ATOM   256  O O   . PRO A 1 41  ? 5.537   -17.296 -8.248  1.00 59.86 ? 37   PRO A O   1 
ATOM   257  C CB  . PRO A 1 41  ? 5.001   -14.366 -7.479  1.00 57.50 ? 37   PRO A CB  1 
ATOM   258  C CG  . PRO A 1 41  ? 4.518   -14.089 -8.864  1.00 54.30 ? 37   PRO A CG  1 
ATOM   259  C CD  . PRO A 1 41  ? 5.710   -13.912 -9.721  1.00 54.81 ? 37   PRO A CD  1 
ATOM   260  N N   . SER A 1 42  ? 7.025   -17.185 -6.556  1.00 63.66 ? 38   SER A N   1 
ATOM   261  C CA  . SER A 1 42  ? 7.050   -18.681 -6.434  1.00 66.75 ? 38   SER A CA  1 
ATOM   262  C C   . SER A 1 42  ? 6.046   -19.154 -5.370  1.00 68.07 ? 38   SER A C   1 
ATOM   263  O O   . SER A 1 42  ? 5.040   -19.832 -5.701  1.00 68.99 ? 38   SER A O   1 
ATOM   264  C CB  . SER A 1 42  ? 8.479   -19.232 -6.215  1.00 66.96 ? 38   SER A CB  1 
ATOM   265  O OG  . SER A 1 42  ? 8.484   -20.609 -5.848  1.00 68.45 ? 38   SER A OG  1 
ATOM   266  N N   . GLY A 1 43  ? 6.318   -18.768 -4.117  1.00 68.86 ? 39   GLY A N   1 
ATOM   267  C CA  . GLY A 1 43  ? 5.319   -18.760 -3.036  1.00 69.71 ? 39   GLY A CA  1 
ATOM   268  C C   . GLY A 1 43  ? 4.424   -17.525 -3.157  1.00 69.72 ? 39   GLY A C   1 
ATOM   269  O O   . GLY A 1 43  ? 4.486   -16.778 -4.148  1.00 69.29 ? 39   GLY A O   1 
ATOM   270  N N   . GLU A 1 55  ? -4.954  -19.724 2.154   1.00 56.54 ? 51   GLU A N   1 
ATOM   271  C CA  . GLU A 1 55  ? -5.034  -18.341 2.617   1.00 55.83 ? 51   GLU A CA  1 
ATOM   272  C C   . GLU A 1 55  ? -5.184  -18.392 4.128   1.00 55.67 ? 51   GLU A C   1 
ATOM   273  O O   . GLU A 1 55  ? -6.012  -19.167 4.614   1.00 56.21 ? 51   GLU A O   1 
ATOM   274  C CB  . GLU A 1 55  ? -6.241  -17.613 1.991   1.00 55.69 ? 51   GLU A CB  1 
ATOM   275  C CG  . GLU A 1 55  ? -6.394  -16.144 2.430   1.00 52.46 ? 51   GLU A CG  1 
ATOM   276  C CD  . GLU A 1 55  ? -7.658  -15.462 1.908   1.00 45.59 ? 51   GLU A CD  1 
ATOM   277  O OE1 . GLU A 1 55  ? -8.633  -15.307 2.675   1.00 43.61 ? 51   GLU A OE1 1 
ATOM   278  O OE2 . GLU A 1 55  ? -7.671  -15.052 0.731   1.00 44.60 ? 51   GLU A OE2 1 
ATOM   279  N N   . PRO A 1 56  ? -4.392  -17.566 4.885   1.00 54.72 ? 52   PRO A N   1 
ATOM   280  C CA  . PRO A 1 56  ? -4.481  -17.620 6.374   1.00 52.87 ? 52   PRO A CA  1 
ATOM   281  C C   . PRO A 1 56  ? -5.791  -16.969 6.862   1.00 51.00 ? 52   PRO A C   1 
ATOM   282  O O   . PRO A 1 56  ? -6.415  -16.190 6.112   1.00 52.18 ? 52   PRO A O   1 
ATOM   283  C CB  . PRO A 1 56  ? -3.270  -16.798 6.824   1.00 53.26 ? 52   PRO A CB  1 
ATOM   284  C CG  . PRO A 1 56  ? -3.086  -15.764 5.682   1.00 54.25 ? 52   PRO A CG  1 
ATOM   285  C CD  . PRO A 1 56  ? -3.533  -16.453 4.403   1.00 54.63 ? 52   PRO A CD  1 
ATOM   286  N N   . ALA A 1 57  ? -6.207  -17.282 8.081   1.00 47.39 ? 53   ALA A N   1 
ATOM   287  C CA  . ALA A 1 57  ? -7.428  -16.727 8.658   1.00 44.45 ? 53   ALA A CA  1 
ATOM   288  C C   . ALA A 1 57  ? -7.254  -15.250 9.032   1.00 42.26 ? 53   ALA A C   1 
ATOM   289  O O   . ALA A 1 57  ? -8.242  -14.454 9.040   1.00 41.12 ? 53   ALA A O   1 
ATOM   290  C CB  . ALA A 1 57  ? -7.821  -17.524 9.886   1.00 43.98 ? 53   ALA A CB  1 
ATOM   291  N N   . ARG A 1 58  ? -6.021  -14.893 9.396   1.00 39.07 ? 54   ARG A N   1 
ATOM   292  C CA  . ARG A 1 58  ? -5.713  -13.523 9.861   1.00 36.95 ? 54   ARG A CA  1 
ATOM   293  C C   . ARG A 1 58  ? -4.375  -13.071 9.290   1.00 33.43 ? 54   ARG A C   1 
ATOM   294  O O   . ARG A 1 58  ? -3.522  -13.911 9.070   1.00 31.47 ? 54   ARG A O   1 
ATOM   295  C CB  . ARG A 1 58  ? -5.658  -13.472 11.383  1.00 39.09 ? 54   ARG A CB  1 
ATOM   296  C CG  . ARG A 1 58  ? -6.994  -13.686 12.093  1.00 41.73 ? 54   ARG A CG  1 
ATOM   297  C CD  . ARG A 1 58  ? -6.749  -13.747 13.574  1.00 49.32 ? 54   ARG A CD  1 
ATOM   298  N NE  . ARG A 1 58  ? -6.981  -12.459 14.229  1.00 53.92 ? 54   ARG A NE  1 
ATOM   299  C CZ  . ARG A 1 58  ? -6.236  -11.996 15.240  1.00 58.92 ? 54   ARG A CZ  1 
ATOM   300  N NH1 . ARG A 1 58  ? -5.167  -12.681 15.681  1.00 60.29 ? 54   ARG A NH1 1 
ATOM   301  N NH2 . ARG A 1 58  ? -6.532  -10.825 15.798  1.00 59.29 ? 54   ARG A NH2 1 
ATOM   302  N N   . VAL A 1 59  ? -4.222  -11.771 8.985   1.00 29.73 ? 55   VAL A N   1 
ATOM   303  C CA  . VAL A 1 59  ? -2.887  -11.234 8.610   1.00 26.04 ? 55   VAL A CA  1 
ATOM   304  C C   . VAL A 1 59  ? -2.605  -10.010 9.489   1.00 24.70 ? 55   VAL A C   1 
ATOM   305  O O   . VAL A 1 59  ? -3.522  -9.462  10.076  1.00 27.17 ? 55   VAL A O   1 
ATOM   306  C CB  . VAL A 1 59  ? -2.784  -10.874 7.119   1.00 26.03 ? 55   VAL A CB  1 
ATOM   307  C CG1 . VAL A 1 59  ? -3.072  -12.147 6.233   1.00 26.16 ? 55   VAL A CG1 1 
ATOM   308  C CG2 . VAL A 1 59  ? -3.768  -9.742  6.782   1.00 24.25 ? 55   VAL A CG2 1 
ATOM   309  N N   . ARG A 1 60  ? -1.346  -9.625  9.617   1.00 22.58 ? 56   ARG A N   1 
ATOM   310  C CA  . ARG A 1 60  ? -1.050  -8.344  10.274  1.00 22.76 ? 56   ARG A CA  1 
ATOM   311  C C   . ARG A 1 60  ? -0.419  -7.432  9.213   1.00 21.59 ? 56   ARG A C   1 
ATOM   312  O O   . ARG A 1 60  ? 0.478   -7.866  8.493   1.00 23.78 ? 56   ARG A O   1 
ATOM   313  C CB  . ARG A 1 60  ? -0.069  -8.533  11.413  1.00 21.23 ? 56   ARG A CB  1 
ATOM   314  C CG  . ARG A 1 60  ? 0.172   -7.277  12.243  1.00 20.93 ? 56   ARG A CG  1 
ATOM   315  C CD  . ARG A 1 60  ? 1.201   -7.592  13.276  1.00 25.05 ? 56   ARG A CD  1 
ATOM   316  N NE  . ARG A 1 60  ? 1.462   -6.429  14.135  1.00 32.56 ? 56   ARG A NE  1 
ATOM   317  C CZ  . ARG A 1 60  ? 2.231   -6.527  15.212  1.00 38.19 ? 56   ARG A CZ  1 
ATOM   318  N NH1 . ARG A 1 60  ? 2.732   -7.735  15.542  1.00 39.48 ? 56   ARG A NH1 1 
ATOM   319  N NH2 . ARG A 1 60  ? 2.476   -5.468  15.957  1.00 34.74 ? 56   ARG A NH2 1 
ATOM   320  N N   . CYS A 1 61  ? -0.880  -6.172  9.156   1.00 20.06 ? 57   CYS A N   1 
ATOM   321  C CA  . CYS A 1 61  ? -0.394  -5.202  8.125   1.00 19.97 ? 57   CYS A CA  1 
ATOM   322  C C   . CYS A 1 61  ? -0.098  -3.884  8.758   1.00 19.07 ? 57   CYS A C   1 
ATOM   323  O O   . CYS A 1 61  ? -0.729  -3.535  9.800   1.00 19.70 ? 57   CYS A O   1 
ATOM   324  C CB  . CYS A 1 61  ? -1.445  -4.969  6.989   1.00 18.69 ? 57   CYS A CB  1 
ATOM   325  S SG  . CYS A 1 61  ? -1.601  -6.509  5.972   1.00 20.58 ? 57   CYS A SG  1 
ATOM   326  N N   . SER A 1 62  ? 0.854   -3.146  8.150   1.00 18.84 ? 58   SER A N   1 
ATOM   327  C CA  . SER A 1 62  ? 0.999   -1.717  8.436   1.00 17.57 ? 58   SER A CA  1 
ATOM   328  C C   . SER A 1 62  ? 0.583   -1.014  7.181   1.00 16.75 ? 58   SER A C   1 
ATOM   329  O O   . SER A 1 62  ? 0.552   -1.647  6.108   1.00 16.72 ? 58   SER A O   1 
ATOM   330  C CB  . SER A 1 62  ? 2.423   -1.311  8.866   1.00 17.46 ? 58   SER A CB  1 
ATOM   331  O OG  . SER A 1 62  ? 2.840   -2.165  9.935   1.00 21.10 ? 58   SER A OG  1 
ATOM   332  N N   . HIS A 1 63  ? 0.263   0.287   7.262   1.00 17.58 ? 59   HIS A N   1 
ATOM   333  C CA  . HIS A 1 63  ? 0.003   1.046   6.038   1.00 18.38 ? 59   HIS A CA  1 
ATOM   334  C C   . HIS A 1 63  ? 0.457   2.492   6.168   1.00 18.16 ? 59   HIS A C   1 
ATOM   335  O O   . HIS A 1 63  ? 0.715   3.015   7.271   1.00 17.81 ? 59   HIS A O   1 
ATOM   336  C CB  . HIS A 1 63  ? -1.498  0.976   5.578   1.00 16.82 ? 59   HIS A CB  1 
ATOM   337  C CG  . HIS A 1 63  ? -2.420  1.802   6.390   1.00 18.64 ? 59   HIS A CG  1 
ATOM   338  N ND1 . HIS A 1 63  ? -3.460  2.513   5.835   1.00 21.61 ? 59   HIS A ND1 1 
ATOM   339  C CD2 . HIS A 1 63  ? -2.411  2.114   7.717   1.00 23.87 ? 59   HIS A CD2 1 
ATOM   340  C CE1 . HIS A 1 63  ? -4.111  3.159   6.798   1.00 21.00 ? 59   HIS A CE1 1 
ATOM   341  N NE2 . HIS A 1 63  ? -3.469  2.970   7.941   1.00 18.95 ? 59   HIS A NE2 1 
ATOM   342  N N   . LEU A 1 64  ? 0.551   3.123   5.019   1.00 18.81 ? 60   LEU A N   1 
ATOM   343  C CA  . LEU A 1 64  ? 0.827   4.572   4.924   1.00 18.88 ? 60   LEU A CA  1 
ATOM   344  C C   . LEU A 1 64  ? -0.321  5.056   4.034   1.00 20.14 ? 60   LEU A C   1 
ATOM   345  O O   . LEU A 1 64  ? -0.454  4.603   2.911   1.00 17.10 ? 60   LEU A O   1 
ATOM   346  C CB  . LEU A 1 64  ? 2.163   4.797   4.223   1.00 18.48 ? 60   LEU A CB  1 
ATOM   347  C CG  . LEU A 1 64  ? 2.765   6.234   4.174   1.00 20.78 ? 60   LEU A CG  1 
ATOM   348  C CD1 . LEU A 1 64  ? 4.269   6.228   3.800   1.00 19.71 ? 60   LEU A CD1 1 
ATOM   349  C CD2 . LEU A 1 64  ? 2.069   7.172   3.203   1.00 16.69 ? 60   LEU A CD2 1 
ATOM   350  N N   . LEU A 1 65  ? -1.051  6.055   4.513   1.00 20.48 ? 61   LEU A N   1 
ATOM   351  C CA  . LEU A 1 65  ? -2.235  6.553   3.858   1.00 20.51 ? 61   LEU A CA  1 
ATOM   352  C C   . LEU A 1 65  ? -1.929  7.951   3.443   1.00 20.00 ? 61   LEU A C   1 
ATOM   353  O O   . LEU A 1 65  ? -1.428  8.720   4.251   1.00 20.14 ? 61   LEU A O   1 
ATOM   354  C CB  . LEU A 1 65  ? -3.420  6.590   4.844   1.00 19.62 ? 61   LEU A CB  1 
ATOM   355  C CG  . LEU A 1 65  ? -4.713  7.304   4.368   1.00 17.56 ? 61   LEU A CG  1 
ATOM   356  C CD1 . LEU A 1 65  ? -5.417  6.585   3.142   1.00 18.24 ? 61   LEU A CD1 1 
ATOM   357  C CD2 . LEU A 1 65  ? -5.693  7.304   5.607   1.00 21.26 ? 61   LEU A CD2 1 
ATOM   358  N N   . VAL A 1 66  ? -2.195  8.257   2.171   1.00 18.25 ? 62   VAL A N   1 
ATOM   359  C CA  . VAL A 1 66  ? -2.189  9.634   1.695   1.00 19.22 ? 62   VAL A CA  1 
ATOM   360  C C   . VAL A 1 66  ? -3.618  9.993   1.330   1.00 20.81 ? 62   VAL A C   1 
ATOM   361  O O   . VAL A 1 66  ? -4.213  9.359   0.468   1.00 19.00 ? 62   VAL A O   1 
ATOM   362  C CB  . VAL A 1 66  ? -1.173  9.857   0.508   1.00 20.35 ? 62   VAL A CB  1 
ATOM   363  C CG1 . VAL A 1 66  ? -1.119  11.386  0.044   1.00 16.67 ? 62   VAL A CG1 1 
ATOM   364  C CG2 . VAL A 1 66  ? 0.197   9.547   1.007   1.00 22.18 ? 62   VAL A CG2 1 
ATOM   365  N N   . LYS A 1 67  ? -4.215  10.942  2.068   1.00 19.87 ? 63   LYS A N   1 
ATOM   366  C CA  . LYS A 1 67  ? -5.602  11.345  1.761   1.00 22.78 ? 63   LYS A CA  1 
ATOM   367  C C   . LYS A 1 67  ? -5.603  12.411  0.656   1.00 23.08 ? 63   LYS A C   1 
ATOM   368  O O   . LYS A 1 67  ? -4.560  13.014  0.356   1.00 24.30 ? 63   LYS A O   1 
ATOM   369  C CB  . LYS A 1 67  ? -6.227  11.917  3.034   1.00 21.48 ? 63   LYS A CB  1 
ATOM   370  C CG  . LYS A 1 67  ? -6.512  10.849  4.070   1.00 23.76 ? 63   LYS A CG  1 
ATOM   371  C CD  . LYS A 1 67  ? -7.447  11.445  5.224   1.00 22.41 ? 63   LYS A CD  1 
ATOM   372  C CE  . LYS A 1 67  ? -7.521  10.496  6.423   1.00 22.69 ? 63   LYS A CE  1 
ATOM   373  N NZ  . LYS A 1 67  ? -8.766  10.744  7.220   1.00 23.17 ? 63   LYS A NZ  1 
ATOM   374  N N   . HIS A 1 68  ? -6.761  12.673  0.072   1.00 24.32 ? 64   HIS A N   1 
ATOM   375  C CA  . HIS A 1 68  ? -6.861  13.748  -0.891  1.00 24.95 ? 64   HIS A CA  1 
ATOM   376  C C   . HIS A 1 68  ? -8.246  14.436  -0.677  1.00 26.55 ? 64   HIS A C   1 
ATOM   377  O O   . HIS A 1 68  ? -9.083  13.986  0.166   1.00 25.56 ? 64   HIS A O   1 
ATOM   378  C CB  . HIS A 1 68  ? -6.673  13.167  -2.339  1.00 23.18 ? 64   HIS A CB  1 
ATOM   379  C CG  . HIS A 1 68  ? -7.522  11.969  -2.597  1.00 24.13 ? 64   HIS A CG  1 
ATOM   380  N ND1 . HIS A 1 68  ? -8.881  12.038  -2.756  1.00 25.16 ? 64   HIS A ND1 1 
ATOM   381  C CD2 . HIS A 1 68  ? -7.215  10.641  -2.583  1.00 20.74 ? 64   HIS A CD2 1 
ATOM   382  C CE1 . HIS A 1 68  ? -9.381  10.819  -2.889  1.00 25.31 ? 64   HIS A CE1 1 
ATOM   383  N NE2 . HIS A 1 68  ? -8.381  9.948   -2.828  1.00 24.44 ? 64   HIS A NE2 1 
ATOM   384  N N   . SER A 1 69  ? -8.490  15.482  -1.478  1.00 28.83 ? 65   SER A N   1 
ATOM   385  C CA  . SER A 1 69  ? -9.730  16.328  -1.367  1.00 30.71 ? 65   SER A CA  1 
ATOM   386  C C   . SER A 1 69  ? -10.982 15.475  -1.506  1.00 32.04 ? 65   SER A C   1 
ATOM   387  O O   . SER A 1 69  ? -12.075 15.828  -0.985  1.00 33.10 ? 65   SER A O   1 
ATOM   388  C CB  . SER A 1 69  ? -9.716  17.440  -2.418  1.00 31.60 ? 65   SER A CB  1 
ATOM   389  O OG  . SER A 1 69  ? -9.764  16.843  -3.708  1.00 32.32 ? 65   SER A OG  1 
ATOM   390  N N   . GLN A 1 70  ? -10.852 14.331  -2.185  1.00 30.88 ? 66   GLN A N   1 
ATOM   391  C CA  . GLN A 1 70  ? -12.031 13.488  -2.336  1.00 31.21 ? 66   GLN A CA  1 
ATOM   392  C C   . GLN A 1 70  ? -12.147 12.373  -1.334  1.00 30.96 ? 66   GLN A C   1 
ATOM   393  O O   . GLN A 1 70  ? -13.134 11.609  -1.405  1.00 32.68 ? 66   GLN A O   1 
ATOM   394  C CB  . GLN A 1 70  ? -12.121 12.908  -3.748  1.00 31.27 ? 66   GLN A CB  1 
ATOM   395  C CG  . GLN A 1 70  ? -12.741 13.824  -4.753  1.00 34.35 ? 66   GLN A CG  1 
ATOM   396  C CD  . GLN A 1 70  ? -13.040 13.018  -6.034  1.00 42.95 ? 66   GLN A CD  1 
ATOM   397  O OE1 . GLN A 1 70  ? -14.134 12.377  -6.162  1.00 37.22 ? 66   GLN A OE1 1 
ATOM   398  N NE2 . GLN A 1 70  ? -12.012 12.941  -6.933  1.00 42.03 ? 66   GLN A NE2 1 
ATOM   399  N N   . SER A 1 71  ? -11.174 12.243  -0.411  1.00 28.37 ? 67   SER A N   1 
ATOM   400  C CA  . SER A 1 71  ? -11.314 11.291  0.709   1.00 28.90 ? 67   SER A CA  1 
ATOM   401  C C   . SER A 1 71  ? -12.610 11.425  1.544   1.00 30.01 ? 67   SER A C   1 
ATOM   402  O O   . SER A 1 71  ? -13.084 12.526  1.734   1.00 29.72 ? 67   SER A O   1 
ATOM   403  C CB  . SER A 1 71  ? -10.091 11.331  1.652   1.00 28.25 ? 67   SER A CB  1 
ATOM   404  O OG  . SER A 1 71  ? -8.856  10.933  0.998   1.00 29.03 ? 67   SER A OG  1 
ATOM   405  N N   . ARG A 1 72  ? -13.065 10.328  2.142   1.00 31.47 ? 68   ARG A N   1 
ATOM   406  C CA  . ARG A 1 72  ? -14.262 10.347  3.014   1.00 35.01 ? 68   ARG A CA  1 
ATOM   407  C C   . ARG A 1 72  ? -14.150 11.370  4.126   1.00 35.29 ? 68   ARG A C   1 
ATOM   408  O O   . ARG A 1 72  ? -15.092 12.123  4.377   1.00 35.36 ? 68   ARG A O   1 
ATOM   409  C CB  . ARG A 1 72  ? -14.531 8.989   3.618   1.00 35.78 ? 68   ARG A CB  1 
ATOM   410  C CG  . ARG A 1 72  ? -16.064 8.735   3.864   1.00 43.41 ? 68   ARG A CG  1 
ATOM   411  C CD  . ARG A 1 72  ? -16.432 7.262   3.390   1.00 50.70 ? 68   ARG A CD  1 
ATOM   412  N NE  . ARG A 1 72  ? -17.542 7.148   2.413   1.00 57.17 ? 68   ARG A NE  1 
ATOM   413  C CZ  . ARG A 1 72  ? -17.576 7.648   1.166   1.00 59.01 ? 68   ARG A CZ  1 
ATOM   414  N NH1 . ARG A 1 72  ? -16.558 8.358   0.663   1.00 60.26 ? 68   ARG A NH1 1 
ATOM   415  N NH2 . ARG A 1 72  ? -18.662 7.450   0.407   1.00 59.28 ? 68   ARG A NH2 1 
ATOM   416  N N   . ARG A 1 73  ? -12.999 11.433  4.778   1.00 34.49 ? 69   ARG A N   1 
ATOM   417  C CA  . ARG A 1 73  ? -12.780 12.447  5.789   1.00 35.36 ? 69   ARG A CA  1 
ATOM   418  C C   . ARG A 1 73  ? -11.497 13.175  5.405   1.00 33.57 ? 69   ARG A C   1 
ATOM   419  O O   . ARG A 1 73  ? -10.411 12.693  5.780   1.00 33.72 ? 69   ARG A O   1 
ATOM   420  C CB  . ARG A 1 73  ? -12.636 11.773  7.165   1.00 35.56 ? 69   ARG A CB  1 
ATOM   421  C CG  . ARG A 1 73  ? -12.508 12.807  8.325   1.00 44.26 ? 69   ARG A CG  1 
ATOM   422  C CD  . ARG A 1 73  ? -12.526 12.169  9.746   1.00 52.27 ? 69   ARG A CD  1 
ATOM   423  N NE  . ARG A 1 73  ? -11.233 11.536  10.093  1.00 58.71 ? 69   ARG A NE  1 
ATOM   424  C CZ  . ARG A 1 73  ? -10.124 12.185  10.507  1.00 59.92 ? 69   ARG A CZ  1 
ATOM   425  N NH1 . ARG A 1 73  ? -10.107 13.513  10.642  1.00 60.66 ? 69   ARG A NH1 1 
ATOM   426  N NH2 . ARG A 1 73  ? -9.008  11.505  10.781  1.00 58.57 ? 69   ARG A NH2 1 
ATOM   427  N N   . PRO A 1 74  ? -11.582 14.304  4.637   1.00 32.89 ? 70   PRO A N   1 
ATOM   428  C CA  . PRO A 1 74  ? -10.378 14.973  4.123   1.00 31.16 ? 70   PRO A CA  1 
ATOM   429  C C   . PRO A 1 74  ? -9.599  15.809  5.183   1.00 31.46 ? 70   PRO A C   1 
ATOM   430  O O   . PRO A 1 74  ? -9.426  17.041  5.044   1.00 30.57 ? 70   PRO A O   1 
ATOM   431  C CB  . PRO A 1 74  ? -10.925 15.896  3.014   1.00 32.78 ? 70   PRO A CB  1 
ATOM   432  C CG  . PRO A 1 74  ? -12.331 16.203  3.390   1.00 32.08 ? 70   PRO A CG  1 
ATOM   433  C CD  . PRO A 1 74  ? -12.822 15.099  4.356   1.00 32.59 ? 70   PRO A CD  1 
ATOM   434  N N   . SER A 1 75  ? -9.115  15.134  6.222   1.00 30.44 ? 71   SER A N   1 
ATOM   435  C CA  . SER A 1 75  ? -8.581  15.792  7.395   1.00 29.60 ? 71   SER A CA  1 
ATOM   436  C C   . SER A 1 75  ? -7.649  14.777  8.080   1.00 29.07 ? 71   SER A C   1 
ATOM   437  O O   . SER A 1 75  ? -7.939  13.579  8.049   1.00 30.21 ? 71   SER A O   1 
ATOM   438  C CB  . SER A 1 75  ? -9.772  16.018  8.348   1.00 28.85 ? 71   SER A CB  1 
ATOM   439  O OG  . SER A 1 75  ? -9.325  16.656  9.509   1.00 32.27 ? 71   SER A OG  1 
ATOM   440  N N   . SER A 1 76  ? -6.542  15.215  8.692   1.00 27.83 ? 72   SER A N   1 
ATOM   441  C CA  . SER A 1 76  ? -5.741  14.250  9.486   1.00 28.08 ? 72   SER A CA  1 
ATOM   442  C C   . SER A 1 76  ? -4.973  14.959  10.559  1.00 28.84 ? 72   SER A C   1 
ATOM   443  O O   . SER A 1 76  ? -5.009  16.166  10.604  1.00 29.76 ? 72   SER A O   1 
ATOM   444  C CB  . SER A 1 76  ? -4.730  13.526  8.584   1.00 27.50 ? 72   SER A CB  1 
ATOM   445  O OG  . SER A 1 76  ? -3.743  14.471  8.109   1.00 24.64 ? 72   SER A OG  1 
ATOM   446  N N   . TRP A 1 77  ? -4.238  14.219  11.375  1.00 28.97 ? 73   TRP A N   1 
ATOM   447  C CA  . TRP A 1 77  ? -3.352  14.824  12.348  1.00 29.37 ? 73   TRP A CA  1 
ATOM   448  C C   . TRP A 1 77  ? -2.327  15.735  11.658  1.00 29.65 ? 73   TRP A C   1 
ATOM   449  O O   . TRP A 1 77  ? -1.896  16.679  12.275  1.00 28.38 ? 73   TRP A O   1 
ATOM   450  C CB  . TRP A 1 77  ? -2.661  13.761  13.234  1.00 28.86 ? 73   TRP A CB  1 
ATOM   451  C CG  . TRP A 1 77  ? -1.692  12.842  12.417  1.00 29.30 ? 73   TRP A CG  1 
ATOM   452  C CD1 . TRP A 1 77  ? -2.006  11.683  11.731  1.00 25.95 ? 73   TRP A CD1 1 
ATOM   453  C CD2 . TRP A 1 77  ? -0.264  13.059  12.234  1.00 26.77 ? 73   TRP A CD2 1 
ATOM   454  N NE1 . TRP A 1 77  ? -0.828  11.174  11.110  1.00 27.41 ? 73   TRP A NE1 1 
ATOM   455  C CE2 . TRP A 1 77  ? 0.234   11.999  11.425  1.00 25.83 ? 73   TRP A CE2 1 
ATOM   456  C CE3 . TRP A 1 77  ? 0.650   14.037  12.722  1.00 29.34 ? 73   TRP A CE3 1 
ATOM   457  C CZ2 . TRP A 1 77  ? 1.589   11.919  11.052  1.00 26.32 ? 73   TRP A CZ2 1 
ATOM   458  C CZ3 . TRP A 1 77  ? 2.000   13.955  12.332  1.00 29.06 ? 73   TRP A CZ3 1 
ATOM   459  C CH2 . TRP A 1 77  ? 2.455   12.884  11.515  1.00 27.72 ? 73   TRP A CH2 1 
ATOM   460  N N   . ARG A 1 78  ? -1.938  15.481  10.399  1.00 29.84 ? 74   ARG A N   1 
ATOM   461  C CA  . ARG A 1 78  ? -0.932  16.341  9.733   1.00 30.56 ? 74   ARG A CA  1 
ATOM   462  C C   . ARG A 1 78  ? -1.486  17.661  9.219   1.00 31.52 ? 74   ARG A C   1 
ATOM   463  O O   . ARG A 1 78  ? -0.747  18.641  9.177   1.00 32.10 ? 74   ARG A O   1 
ATOM   464  C CB  . ARG A 1 78  ? -0.244  15.644  8.510   1.00 29.87 ? 74   ARG A CB  1 
ATOM   465  C CG  . ARG A 1 78  ? -0.033  14.143  8.665   1.00 29.97 ? 74   ARG A CG  1 
ATOM   466  C CD  . ARG A 1 78  ? 1.007   13.555  7.640   1.00 28.33 ? 74   ARG A CD  1 
ATOM   467  N NE  . ARG A 1 78  ? 2.100   14.482  7.430   1.00 26.60 ? 74   ARG A NE  1 
ATOM   468  C CZ  . ARG A 1 78  ? 2.523   14.916  6.242   1.00 30.47 ? 74   ARG A CZ  1 
ATOM   469  N NH1 . ARG A 1 78  ? 1.985   14.438  5.096   1.00 30.81 ? 74   ARG A NH1 1 
ATOM   470  N NH2 . ARG A 1 78  ? 3.531   15.777  6.207   1.00 28.91 ? 74   ARG A NH2 1 
ATOM   471  N N   . GLN A 1 79  ? -2.747  17.663  8.779   1.00 32.70 ? 75   GLN A N   1 
ATOM   472  C CA  . GLN A 1 79  ? -3.328  18.792  8.053   1.00 34.27 ? 75   GLN A CA  1 
ATOM   473  C C   . GLN A 1 79  ? -4.812  18.846  8.350   1.00 34.20 ? 75   GLN A C   1 
ATOM   474  O O   . GLN A 1 79  ? -5.534  17.897  8.092   1.00 34.28 ? 75   GLN A O   1 
ATOM   475  C CB  . GLN A 1 79  ? -3.139  18.553  6.553   1.00 35.38 ? 75   GLN A CB  1 
ATOM   476  C CG  . GLN A 1 79  ? -2.807  19.795  5.751   1.00 38.28 ? 75   GLN A CG  1 
ATOM   477  C CD  . GLN A 1 79  ? -2.684  19.493  4.263   1.00 43.93 ? 75   GLN A CD  1 
ATOM   478  O OE1 . GLN A 1 79  ? -2.770  18.323  3.825   1.00 38.91 ? 75   GLN A OE1 1 
ATOM   479  N NE2 . GLN A 1 79  ? -2.508  20.544  3.469   1.00 43.16 ? 75   GLN A NE2 1 
ATOM   480  N N   . GLU A 1 80  ? -5.283  19.952  8.919   1.00 34.28 ? 76   GLU A N   1 
ATOM   481  C CA  . GLU A 1 80  ? -6.714  20.065  9.260   1.00 33.54 ? 76   GLU A CA  1 
ATOM   482  C C   . GLU A 1 80  ? -7.604  19.952  8.024   1.00 32.27 ? 76   GLU A C   1 
ATOM   483  O O   . GLU A 1 80  ? -8.669  19.303  8.082   1.00 33.13 ? 76   GLU A O   1 
ATOM   484  C CB  . GLU A 1 80  ? -6.986  21.408  9.949   1.00 33.92 ? 76   GLU A CB  1 
ATOM   485  C CG  . GLU A 1 80  ? -8.414  21.606  10.384  1.00 35.92 ? 76   GLU A CG  1 
ATOM   486  C CD  . GLU A 1 80  ? -8.467  22.565  11.585  1.00 36.78 ? 76   GLU A CD  1 
ATOM   487  O OE1 . GLU A 1 80  ? -9.455  22.449  12.328  1.00 37.23 ? 76   GLU A OE1 1 
ATOM   488  O OE2 . GLU A 1 80  ? -7.494  23.375  11.766  1.00 33.38 ? 76   GLU A OE2 1 
ATOM   489  N N   . LYS A 1 81  ? -7.183  20.604  6.942   1.00 31.91 ? 77   LYS A N   1 
ATOM   490  C CA  . LYS A 1 81  ? -7.942  20.547  5.704   1.00 33.12 ? 77   LYS A CA  1 
ATOM   491  C C   . LYS A 1 81  ? -7.059  19.949  4.627   1.00 31.62 ? 77   LYS A C   1 
ATOM   492  O O   . LYS A 1 81  ? -6.111  20.607  4.178   1.00 32.75 ? 77   LYS A O   1 
ATOM   493  C CB  . LYS A 1 81  ? -8.469  21.923  5.251   1.00 33.66 ? 77   LYS A CB  1 
ATOM   494  C CG  . LYS A 1 81  ? -9.635  21.682  4.274   1.00 38.70 ? 77   LYS A CG  1 
ATOM   495  C CD  . LYS A 1 81  ? -10.023 22.836  3.365   1.00 43.54 ? 77   LYS A CD  1 
ATOM   496  C CE  . LYS A 1 81  ? -11.300 22.365  2.663   1.00 45.19 ? 77   LYS A CE  1 
ATOM   497  N NZ  . LYS A 1 81  ? -11.757 23.374  1.698   1.00 45.96 ? 77   LYS A NZ  1 
ATOM   498  N N   . ILE A 1 82  ? -7.393  18.729  4.198   1.00 30.90 ? 78   ILE A N   1 
ATOM   499  C CA  . ILE A 1 82  ? -6.607  18.122  3.088   1.00 30.26 ? 78   ILE A CA  1 
ATOM   500  C C   . ILE A 1 82  ? -7.151  18.581  1.737   1.00 29.30 ? 78   ILE A C   1 
ATOM   501  O O   . ILE A 1 82  ? -8.298  18.319  1.408   1.00 29.50 ? 78   ILE A O   1 
ATOM   502  C CB  . ILE A 1 82  ? -6.473  16.570  3.205   1.00 29.48 ? 78   ILE A CB  1 
ATOM   503  C CG1 . ILE A 1 82  ? -5.642  16.303  4.493   1.00 32.02 ? 78   ILE A CG1 1 
ATOM   504  C CG2 . ILE A 1 82  ? -5.800  15.992  1.863   1.00 26.77 ? 78   ILE A CG2 1 
ATOM   505  C CD1 . ILE A 1 82  ? -5.569  14.995  4.941   1.00 32.87 ? 78   ILE A CD1 1 
ATOM   506  N N   . THR A 1 83  ? -6.304  19.221  0.951   1.00 29.95 ? 79   THR A N   1 
ATOM   507  C CA  . THR A 1 83  ? -6.725  19.827  -0.309  1.00 32.23 ? 79   THR A CA  1 
ATOM   508  C C   . THR A 1 83  ? -6.009  19.247  -1.562  1.00 31.59 ? 79   THR A C   1 
ATOM   509  O O   . THR A 1 83  ? -6.352  19.566  -2.726  1.00 31.99 ? 79   THR A O   1 
ATOM   510  C CB  . THR A 1 83  ? -6.476  21.357  -0.217  1.00 31.05 ? 79   THR A CB  1 
ATOM   511  O OG1 . THR A 1 83  ? -5.096  21.549  0.022   1.00 34.42 ? 79   THR A OG1 1 
ATOM   512  C CG2 . THR A 1 83  ? -7.194  21.965  0.963   1.00 34.06 ? 79   THR A CG2 1 
ATOM   513  N N   . ARG A 1 84  ? -4.970  18.445  -1.358  1.00 31.08 ? 80   ARG A N   1 
ATOM   514  C CA  . ARG A 1 84  ? -4.316  17.834  -2.526  1.00 28.24 ? 80   ARG A CA  1 
ATOM   515  C C   . ARG A 1 84  ? -5.350  17.039  -3.343  1.00 26.04 ? 80   ARG A C   1 
ATOM   516  O O   . ARG A 1 84  ? -6.319  16.522  -2.825  1.00 26.13 ? 80   ARG A O   1 
ATOM   517  C CB  . ARG A 1 84  ? -3.121  16.973  -2.114  1.00 27.04 ? 80   ARG A CB  1 
ATOM   518  C CG  . ARG A 1 84  ? -3.522  15.646  -1.335  1.00 26.63 ? 80   ARG A CG  1 
ATOM   519  C CD  . ARG A 1 84  ? -2.224  14.856  -1.099  1.00 23.29 ? 80   ARG A CD  1 
ATOM   520  N NE  . ARG A 1 84  ? -1.381  15.453  -0.033  1.00 24.72 ? 80   ARG A NE  1 
ATOM   521  C CZ  . ARG A 1 84  ? -1.490  15.139  1.267   1.00 26.48 ? 80   ARG A CZ  1 
ATOM   522  N NH1 . ARG A 1 84  ? -2.444  14.300  1.680   1.00 22.48 ? 80   ARG A NH1 1 
ATOM   523  N NH2 . ARG A 1 84  ? -0.663  15.685  2.153   1.00 27.22 ? 80   ARG A NH2 1 
ATOM   524  N N   . THR A 1 85  ? -5.117  16.963  -4.643  1.00 26.55 ? 81   THR A N   1 
ATOM   525  C CA  . THR A 1 85  ? -5.959  16.199  -5.495  1.00 26.51 ? 81   THR A CA  1 
ATOM   526  C C   . THR A 1 85  ? -5.615  14.713  -5.374  1.00 25.46 ? 81   THR A C   1 
ATOM   527  O O   . THR A 1 85  ? -4.507  14.326  -4.952  1.00 24.41 ? 81   THR A O   1 
ATOM   528  C CB  . THR A 1 85  ? -5.824  16.652  -6.959  1.00 26.59 ? 81   THR A CB  1 
ATOM   529  O OG1 . THR A 1 85  ? -4.491  16.384  -7.472  1.00 26.80 ? 81   THR A OG1 1 
ATOM   530  C CG2 . THR A 1 85  ? -6.224  18.178  -7.071  1.00 29.97 ? 81   THR A CG2 1 
ATOM   531  N N   . LYS A 1 86  ? -6.572  13.874  -5.717  1.00 25.30 ? 82   LYS A N   1 
ATOM   532  C CA  . LYS A 1 86  ? -6.224  12.463  -5.897  1.00 25.91 ? 82   LYS A CA  1 
ATOM   533  C C   . LYS A 1 86  ? -4.950  12.198  -6.747  1.00 25.63 ? 82   LYS A C   1 
ATOM   534  O O   . LYS A 1 86  ? -4.149  11.327  -6.418  1.00 26.44 ? 82   LYS A O   1 
ATOM   535  C CB  . LYS A 1 86  ? -7.419  11.720  -6.483  1.00 26.30 ? 82   LYS A CB  1 
ATOM   536  C CG  . LYS A 1 86  ? -7.189  10.215  -6.430  1.00 29.79 ? 82   LYS A CG  1 
ATOM   537  C CD  . LYS A 1 86  ? -8.242  9.436   -7.216  1.00 33.06 ? 82   LYS A CD  1 
ATOM   538  C CE  . LYS A 1 86  ? -9.593  9.566   -6.608  1.00 37.97 ? 82   LYS A CE  1 
ATOM   539  N NZ  . LYS A 1 86  ? -10.585 9.328   -7.716  1.00 40.41 ? 82   LYS A NZ  1 
ATOM   540  N N   . GLU A 1 87  ? -4.766  12.918  -7.859  1.00 25.84 ? 83   GLU A N   1 
ATOM   541  C CA  . GLU A 1 87  ? -3.562  12.755  -8.691  1.00 26.09 ? 83   GLU A CA  1 
ATOM   542  C C   . GLU A 1 87  ? -2.267  13.166  -7.972  1.00 24.02 ? 83   GLU A C   1 
ATOM   543  O O   . GLU A 1 87  ? -1.192  12.544  -8.123  1.00 21.60 ? 83   GLU A O   1 
ATOM   544  C CB  . GLU A 1 87  ? -3.749  13.523  -10.031 1.00 28.58 ? 83   GLU A CB  1 
ATOM   545  C CG  . GLU A 1 87  ? -2.499  13.635  -10.869 1.00 36.67 ? 83   GLU A CG  1 
ATOM   546  C CD  . GLU A 1 87  ? -2.756  14.282  -12.258 1.00 47.03 ? 83   GLU A CD  1 
ATOM   547  O OE1 . GLU A 1 87  ? -3.870  14.790  -12.531 1.00 49.35 ? 83   GLU A OE1 1 
ATOM   548  O OE2 . GLU A 1 87  ? -1.837  14.264  -13.102 1.00 51.26 ? 83   GLU A OE2 1 
ATOM   549  N N   . GLU A 1 88  ? -2.355  14.187  -7.147  1.00 23.66 ? 84   GLU A N   1 
ATOM   550  C CA  . GLU A 1 88  ? -1.165  14.638  -6.388  1.00 23.12 ? 84   GLU A CA  1 
ATOM   551  C C   . GLU A 1 88  ? -0.882  13.637  -5.247  1.00 22.26 ? 84   GLU A C   1 
ATOM   552  O O   . GLU A 1 88  ? 0.263   13.337  -4.933  1.00 21.80 ? 84   GLU A O   1 
ATOM   553  C CB  . GLU A 1 88  ? -1.408  16.028  -5.808  1.00 23.10 ? 84   GLU A CB  1 
ATOM   554  C CG  . GLU A 1 88  ? -1.274  17.172  -6.828  1.00 27.12 ? 84   GLU A CG  1 
ATOM   555  C CD  . GLU A 1 88  ? -1.815  18.513  -6.266  1.00 32.34 ? 84   GLU A CD  1 
ATOM   556  O OE1 . GLU A 1 88  ? -1.418  19.563  -6.776  1.00 35.93 ? 84   GLU A OE1 1 
ATOM   557  O OE2 . GLU A 1 88  ? -2.610  18.518  -5.317  1.00 30.96 ? 84   GLU A OE2 1 
ATOM   558  N N   . ALA A 1 89  ? -1.935  13.073  -4.679  1.00 21.03 ? 85   ALA A N   1 
ATOM   559  C CA  . ALA A 1 89  ? -1.763  11.988  -3.670  1.00 22.22 ? 85   ALA A CA  1 
ATOM   560  C C   . ALA A 1 89  ? -1.084  10.727  -4.279  1.00 21.45 ? 85   ALA A C   1 
ATOM   561  O O   . ALA A 1 89  ? -0.199  10.124  -3.666  1.00 19.72 ? 85   ALA A O   1 
ATOM   562  C CB  . ALA A 1 89  ? -3.143  11.676  -3.051  1.00 21.29 ? 85   ALA A CB  1 
ATOM   563  N N   . LEU A 1 90  ? -1.492  10.345  -5.485  1.00 19.37 ? 86   LEU A N   1 
ATOM   564  C CA  . LEU A 1 90  ? -0.871  9.210   -6.168  1.00 21.34 ? 86   LEU A CA  1 
ATOM   565  C C   . LEU A 1 90  ? 0.601   9.483   -6.439  1.00 21.05 ? 86   LEU A C   1 
ATOM   566  O O   . LEU A 1 90  ? 1.454   8.578   -6.247  1.00 20.79 ? 86   LEU A O   1 
ATOM   567  C CB  . LEU A 1 90  ? -1.645  8.830   -7.437  1.00 20.47 ? 86   LEU A CB  1 
ATOM   568  C CG  . LEU A 1 90  ? -1.112  7.656   -8.290  1.00 23.37 ? 86   LEU A CG  1 
ATOM   569  C CD1 . LEU A 1 90  ? -1.089  6.315   -7.455  1.00 21.26 ? 86   LEU A CD1 1 
ATOM   570  C CD2 . LEU A 1 90  ? -1.943  7.487   -9.607  1.00 22.13 ? 86   LEU A CD2 1 
ATOM   571  N N   . GLU A 1 91  ? 0.906   10.715  -6.878  1.00 22.67 ? 87   GLU A N   1 
ATOM   572  C CA  . GLU A 1 91  ? 2.315   11.105  -7.056  1.00 23.91 ? 87   GLU A CA  1 
ATOM   573  C C   . GLU A 1 91  ? 3.158   10.927  -5.795  1.00 23.52 ? 87   GLU A C   1 
ATOM   574  O O   . GLU A 1 91  ? 4.331   10.408  -5.852  1.00 23.70 ? 87   GLU A O   1 
ATOM   575  C CB  . GLU A 1 91  ? 2.481   12.545  -7.624  1.00 25.70 ? 87   GLU A CB  1 
ATOM   576  C CG  . GLU A 1 91  ? 2.454   12.603  -9.111  1.00 36.23 ? 87   GLU A CG  1 
ATOM   577  C CD  . GLU A 1 91  ? 2.036   13.978  -9.684  1.00 48.98 ? 87   GLU A CD  1 
ATOM   578  O OE1 . GLU A 1 91  ? 1.833   14.002  -10.933 1.00 53.29 ? 87   GLU A OE1 1 
ATOM   579  O OE2 . GLU A 1 91  ? 1.881   15.001  -8.920  1.00 53.11 ? 87   GLU A OE2 1 
ATOM   580  N N   . LEU A 1 92  ? 2.627   11.422  -4.683  1.00 21.53 ? 88   LEU A N   1 
ATOM   581  C CA  . LEU A 1 92  ? 3.239   11.226  -3.353  1.00 21.27 ? 88   LEU A CA  1 
ATOM   582  C C   . LEU A 1 92  ? 3.443   9.782   -2.973  1.00 20.08 ? 88   LEU A C   1 
ATOM   583  O O   . LEU A 1 92  ? 4.594   9.385   -2.561  1.00 20.97 ? 88   LEU A O   1 
ATOM   584  C CB  . LEU A 1 92  ? 2.407   11.948  -2.278  1.00 20.50 ? 88   LEU A CB  1 
ATOM   585  C CG  . LEU A 1 92  ? 2.498   13.480  -2.267  1.00 24.20 ? 88   LEU A CG  1 
ATOM   586  C CD1 . LEU A 1 92  ? 1.307   14.147  -1.507  1.00 25.58 ? 88   LEU A CD1 1 
ATOM   587  C CD2 . LEU A 1 92  ? 3.912   14.068  -1.711  1.00 24.11 ? 88   LEU A CD2 1 
ATOM   588  N N   . ILE A 1 93  ? 2.366   8.970   -3.082  1.00 18.25 ? 89   ILE A N   1 
ATOM   589  C CA  . ILE A 1 93  ? 2.469   7.511   -2.858  1.00 17.68 ? 89   ILE A CA  1 
ATOM   590  C C   . ILE A 1 93  ? 3.603   6.860   -3.740  1.00 19.58 ? 89   ILE A C   1 
ATOM   591  O O   . ILE A 1 93  ? 4.455   6.020   -3.266  1.00 18.87 ? 89   ILE A O   1 
ATOM   592  C CB  . ILE A 1 93  ? 1.082   6.832   -3.115  1.00 18.72 ? 89   ILE A CB  1 
ATOM   593  C CG1 . ILE A 1 93  ? 0.091   7.125   -1.954  1.00 16.37 ? 89   ILE A CG1 1 
ATOM   594  C CG2 . ILE A 1 93  ? 1.158   5.312   -3.362  1.00 18.75 ? 89   ILE A CG2 1 
ATOM   595  C CD1 . ILE A 1 93  ? 0.254   6.248   -0.686  1.00 18.30 ? 89   ILE A CD1 1 
ATOM   596  N N   . ASN A 1 94  ? 3.619   7.231   -5.006  1.00 18.05 ? 90   ASN A N   1 
ATOM   597  C CA  . ASN A 1 94  ? 4.568   6.623   -5.926  1.00 20.57 ? 90   ASN A CA  1 
ATOM   598  C C   . ASN A 1 94  ? 6.012   6.993   -5.525  1.00 21.49 ? 90   ASN A C   1 
ATOM   599  O O   . ASN A 1 94  ? 6.874   6.127   -5.618  1.00 22.93 ? 90   ASN A O   1 
ATOM   600  C CB  . ASN A 1 94  ? 4.274   7.062   -7.335  1.00 21.05 ? 90   ASN A CB  1 
ATOM   601  C CG  . ASN A 1 94  ? 3.073   6.387   -7.957  1.00 21.87 ? 90   ASN A CG  1 
ATOM   602  O OD1 . ASN A 1 94  ? 2.646   5.280   -7.623  1.00 28.42 ? 90   ASN A OD1 1 
ATOM   603  N ND2 . ASN A 1 94  ? 2.593   7.024   -8.953  1.00 26.38 ? 90   ASN A ND2 1 
ATOM   604  N N   . GLY A 1 95  ? 6.260   8.233   -5.087  1.00 20.81 ? 91   GLY A N   1 
ATOM   605  C CA  . GLY A 1 95  ? 7.603   8.672   -4.593  1.00 21.09 ? 91   GLY A CA  1 
ATOM   606  C C   . GLY A 1 95  ? 7.973   7.883   -3.344  1.00 22.93 ? 91   GLY A C   1 
ATOM   607  O O   . GLY A 1 95  ? 9.123   7.492   -3.172  1.00 22.47 ? 91   GLY A O   1 
ATOM   608  N N   . TYR A 1 96  ? 7.002   7.626   -2.441  1.00 21.34 ? 92   TYR A N   1 
ATOM   609  C CA  . TYR A 1 96  ? 7.346   6.886   -1.223  1.00 20.03 ? 92   TYR A CA  1 
ATOM   610  C C   . TYR A 1 96  ? 7.679   5.449   -1.563  1.00 19.51 ? 92   TYR A C   1 
ATOM   611  O O   . TYR A 1 96  ? 8.546   4.876   -0.952  1.00 18.95 ? 92   TYR A O   1 
ATOM   612  C CB  . TYR A 1 96  ? 6.163   6.882   -0.214  1.00 20.08 ? 92   TYR A CB  1 
ATOM   613  C CG  . TYR A 1 96  ? 5.799   8.227   0.327   1.00 19.97 ? 92   TYR A CG  1 
ATOM   614  C CD1 . TYR A 1 96  ? 4.451   8.541   0.570   1.00 20.19 ? 92   TYR A CD1 1 
ATOM   615  C CD2 . TYR A 1 96  ? 6.769   9.250   0.495   1.00 21.78 ? 92   TYR A CD2 1 
ATOM   616  C CE1 . TYR A 1 96  ? 4.079   9.783   1.072   1.00 20.95 ? 92   TYR A CE1 1 
ATOM   617  C CE2 . TYR A 1 96  ? 6.383   10.523  0.978   1.00 22.97 ? 92   TYR A CE2 1 
ATOM   618  C CZ  . TYR A 1 96  ? 5.051   10.771  1.279   1.00 21.32 ? 92   TYR A CZ  1 
ATOM   619  O OH  . TYR A 1 96  ? 4.613   12.056  1.678   1.00 19.63 ? 92   TYR A OH  1 
ATOM   620  N N   . ILE A 1 97  ? 6.929   4.837   -2.500  1.00 20.67 ? 93   ILE A N   1 
ATOM   621  C CA  . ILE A 1 97  ? 7.192   3.459   -2.920  1.00 20.57 ? 93   ILE A CA  1 
ATOM   622  C C   . ILE A 1 97  ? 8.635   3.408   -3.499  1.00 21.47 ? 93   ILE A C   1 
ATOM   623  O O   . ILE A 1 97  ? 9.423   2.528   -3.162  1.00 20.00 ? 93   ILE A O   1 
ATOM   624  C CB  . ILE A 1 97  ? 6.144   2.982   -3.990  1.00 22.11 ? 93   ILE A CB  1 
ATOM   625  C CG1 . ILE A 1 97  ? 4.807   2.632   -3.281  1.00 20.75 ? 93   ILE A CG1 1 
ATOM   626  C CG2 . ILE A 1 97  ? 6.600   1.644   -4.751  1.00 19.45 ? 93   ILE A CG2 1 
ATOM   627  C CD1 . ILE A 1 97  ? 3.632   2.403   -4.257  1.00 21.28 ? 93   ILE A CD1 1 
ATOM   628  N N   . GLN A 1 98  ? 9.000   4.400   -4.301  1.00 21.70 ? 94   GLN A N   1 
ATOM   629  C CA  . GLN A 1 98  ? 10.385  4.407   -4.870  1.00 24.79 ? 94   GLN A CA  1 
ATOM   630  C C   . GLN A 1 98  ? 11.507  4.464   -3.834  1.00 24.25 ? 94   GLN A C   1 
ATOM   631  O O   . GLN A 1 98  ? 12.528  3.770   -3.935  1.00 26.43 ? 94   GLN A O   1 
ATOM   632  C CB  . GLN A 1 98  ? 10.539  5.589   -5.831  1.00 23.67 ? 94   GLN A CB  1 
ATOM   633  C CG  . GLN A 1 98  ? 9.701   5.386   -7.110  1.00 30.03 ? 94   GLN A CG  1 
ATOM   634  C CD  . GLN A 1 98  ? 10.021  6.471   -8.158  1.00 42.99 ? 94   GLN A CD  1 
ATOM   635  O OE1 . GLN A 1 98  ? 9.616   7.628   -8.015  1.00 44.10 ? 94   GLN A OE1 1 
ATOM   636  N NE2 . GLN A 1 98  ? 10.783  6.096   -9.200  1.00 43.52 ? 94   GLN A NE2 1 
ATOM   637  N N   . LYS A 1 99  ? 11.359  5.351   -2.870  1.00 24.65 ? 95   LYS A N   1 
ATOM   638  C CA  . LYS A 1 99  ? 12.314  5.437   -1.778  1.00 24.03 ? 95   LYS A CA  1 
ATOM   639  C C   . LYS A 1 99  ? 12.348  4.238   -0.914  1.00 23.64 ? 95   LYS A C   1 
ATOM   640  O O   . LYS A 1 99  ? 13.439  3.850   -0.431  1.00 24.77 ? 95   LYS A O   1 
ATOM   641  C CB  . LYS A 1 99  ? 11.973  6.627   -0.904  1.00 26.44 ? 95   LYS A CB  1 
ATOM   642  C CG  . LYS A 1 99  ? 12.498  7.937   -1.470  1.00 30.40 ? 95   LYS A CG  1 
ATOM   643  C CD  . LYS A 1 99  ? 11.816  9.037   -0.706  1.00 37.71 ? 95   LYS A CD  1 
ATOM   644  C CE  . LYS A 1 99  ? 12.694  10.304  -0.666  1.00 42.84 ? 95   LYS A CE  1 
ATOM   645  N NZ  . LYS A 1 99  ? 12.707  10.930  -2.000  1.00 41.35 ? 95   LYS A NZ  1 
ATOM   646  N N   . ILE A 1 100 ? 11.195  3.595   -0.692  1.00 20.59 ? 96   ILE A N   1 
ATOM   647  C CA  . ILE A 1 100 ? 11.213  2.373   0.081   1.00 19.72 ? 96   ILE A CA  1 
ATOM   648  C C   . ILE A 1 100 ? 11.867  1.207   -0.757  1.00 21.12 ? 96   ILE A C   1 
ATOM   649  O O   . ILE A 1 100 ? 12.678  0.419   -0.275  1.00 22.56 ? 96   ILE A O   1 
ATOM   650  C CB  . ILE A 1 100 ? 9.754   1.955   0.488   1.00 20.60 ? 96   ILE A CB  1 
ATOM   651  C CG1 . ILE A 1 100 ? 9.162   2.975   1.490   1.00 21.75 ? 96   ILE A CG1 1 
ATOM   652  C CG2 . ILE A 1 100 ? 9.779   0.510   0.976   1.00 22.50 ? 96   ILE A CG2 1 
ATOM   653  C CD1 . ILE A 1 100 ? 7.544   2.964   1.553   1.00 21.78 ? 96   ILE A CD1 1 
ATOM   654  N N   . LYS A 1 101 ? 11.540  1.106   -2.027  1.00 18.25 ? 97   LYS A N   1 
ATOM   655  C CA  . LYS A 1 101 ? 12.166  0.034   -2.845  1.00 20.05 ? 97   LYS A CA  1 
ATOM   656  C C   . LYS A 1 101 ? 13.699  0.170   -3.111  1.00 19.95 ? 97   LYS A C   1 
ATOM   657  O O   . LYS A 1 101 ? 14.428  -0.833  -3.271  1.00 22.19 ? 97   LYS A O   1 
ATOM   658  C CB  . LYS A 1 101 ? 11.427  -0.051  -4.191  1.00 17.14 ? 97   LYS A CB  1 
ATOM   659  C CG  . LYS A 1 101 ? 10.084  -0.821  -4.068  1.00 21.02 ? 97   LYS A CG  1 
ATOM   660  C CD  . LYS A 1 101 ? 9.601   -1.106  -5.489  1.00 26.71 ? 97   LYS A CD  1 
ATOM   661  C CE  . LYS A 1 101 ? 8.353   -2.082  -5.424  1.00 27.72 ? 97   LYS A CE  1 
ATOM   662  N NZ  . LYS A 1 101 ? 8.229   -2.805  -6.774  1.00 28.36 ? 97   LYS A NZ  1 
ATOM   663  N N   . SER A 1 102 ? 14.144  1.378   -3.177  1.00 20.54 ? 98   SER A N   1 
ATOM   664  C CA  . SER A 1 102 ? 15.566  1.681   -3.372  1.00 23.41 ? 98   SER A CA  1 
ATOM   665  C C   . SER A 1 102 ? 16.310  1.519   -2.029  1.00 24.44 ? 98   SER A C   1 
ATOM   666  O O   . SER A 1 102 ? 17.571  1.464   -1.996  1.00 23.50 ? 98   SER A O   1 
ATOM   667  C CB  . SER A 1 102 ? 15.702  3.124   -3.901  1.00 22.25 ? 98   SER A CB  1 
ATOM   668  O OG  . SER A 1 102 ? 15.475  4.108   -2.877  1.00 24.64 ? 98   SER A OG  1 
ATOM   669  N N   . GLY A 1 103 ? 15.564  1.546   -0.928  1.00 22.91 ? 99   GLY A N   1 
ATOM   670  C CA  . GLY A 1 103 ? 16.168  1.409   0.449   1.00 23.93 ? 99   GLY A CA  1 
ATOM   671  C C   . GLY A 1 103 ? 16.687  2.762   0.944   1.00 23.49 ? 99   GLY A C   1 
ATOM   672  O O   . GLY A 1 103 ? 17.394  2.874   1.969   1.00 24.73 ? 99   GLY A O   1 
ATOM   673  N N   . GLU A 1 104 ? 16.321  3.798   0.252   1.00 23.30 ? 100  GLU A N   1 
ATOM   674  C CA  . GLU A 1 104 ? 16.715  5.096   0.657   1.00 26.07 ? 100  GLU A CA  1 
ATOM   675  C C   . GLU A 1 104 ? 15.961  5.477   1.941   1.00 28.84 ? 100  GLU A C   1 
ATOM   676  O O   . GLU A 1 104 ? 16.497  6.237   2.755   1.00 27.08 ? 100  GLU A O   1 
ATOM   677  C CB  . GLU A 1 104 ? 16.474  6.074   -0.473  1.00 26.38 ? 100  GLU A CB  1 
ATOM   678  C CG  . GLU A 1 104 ? 16.411  7.482   -0.013  1.00 33.79 ? 100  GLU A CG  1 
ATOM   679  C CD  . GLU A 1 104 ? 16.389  8.527   -1.143  1.00 44.39 ? 100  GLU A CD  1 
ATOM   680  O OE1 . GLU A 1 104 ? 16.335  8.175   -2.364  1.00 46.59 ? 100  GLU A OE1 1 
ATOM   681  O OE2 . GLU A 1 104 ? 16.419  9.723   -0.774  1.00 48.24 ? 100  GLU A OE2 1 
ATOM   682  N N   . GLU A 1 105 ? 14.692  5.011   2.094   1.00 29.12 ? 101  GLU A N   1 
ATOM   683  C CA  . GLU A 1 105 ? 13.935  5.216   3.336   1.00 31.56 ? 101  GLU A CA  1 
ATOM   684  C C   . GLU A 1 105 ? 13.292  3.891   3.720   1.00 31.09 ? 101  GLU A C   1 
ATOM   685  O O   . GLU A 1 105 ? 13.082  3.029   2.856   1.00 33.39 ? 101  GLU A O   1 
ATOM   686  C CB  . GLU A 1 105 ? 12.831  6.296   3.212   1.00 32.80 ? 101  GLU A CB  1 
ATOM   687  C CG  . GLU A 1 105 ? 13.267  7.622   2.661   1.00 38.16 ? 101  GLU A CG  1 
ATOM   688  C CD  . GLU A 1 105 ? 14.006  8.512   3.652   1.00 44.67 ? 101  GLU A CD  1 
ATOM   689  O OE1 . GLU A 1 105 ? 14.344  9.653   3.240   1.00 50.78 ? 101  GLU A OE1 1 
ATOM   690  O OE2 . GLU A 1 105 ? 14.270  8.097   4.799   1.00 45.41 ? 101  GLU A OE2 1 
ATOM   691  N N   . ASP A 1 106 ? 12.995  3.666   4.982   1.00 29.11 ? 102  ASP A N   1 
ATOM   692  C CA  . ASP A 1 106 ? 12.206  2.505   5.222   1.00 28.27 ? 102  ASP A CA  1 
ATOM   693  C C   . ASP A 1 106 ? 10.736  2.891   5.409   1.00 24.84 ? 102  ASP A C   1 
ATOM   694  O O   . ASP A 1 106 ? 10.402  4.062   5.690   1.00 23.02 ? 102  ASP A O   1 
ATOM   695  C CB  . ASP A 1 106 ? 12.753  1.582   6.314   1.00 31.52 ? 102  ASP A CB  1 
ATOM   696  C CG  . ASP A 1 106 ? 13.031  2.308   7.602   1.00 37.59 ? 102  ASP A CG  1 
ATOM   697  O OD1 . ASP A 1 106 ? 14.216  2.299   8.048   1.00 47.27 ? 102  ASP A OD1 1 
ATOM   698  O OD2 . ASP A 1 106 ? 12.078  2.872   8.165   1.00 43.37 ? 102  ASP A OD2 1 
ATOM   699  N N   . PHE A 1 107 ? 9.906   1.902   5.138   1.00 23.25 ? 103  PHE A N   1 
ATOM   700  C CA  . PHE A 1 107 ? 8.448   2.006   5.223   1.00 22.73 ? 103  PHE A CA  1 
ATOM   701  C C   . PHE A 1 107 ? 8.012   2.672   6.560   1.00 21.93 ? 103  PHE A C   1 
ATOM   702  O O   . PHE A 1 107 ? 7.208   3.596   6.550   1.00 20.82 ? 103  PHE A O   1 
ATOM   703  C CB  . PHE A 1 107 ? 7.810   0.595   5.155   1.00 23.52 ? 103  PHE A CB  1 
ATOM   704  C CG  . PHE A 1 107 ? 6.309   0.650   5.274   1.00 26.00 ? 103  PHE A CG  1 
ATOM   705  C CD1 . PHE A 1 107 ? 5.530   0.768   4.140   1.00 25.80 ? 103  PHE A CD1 1 
ATOM   706  C CD2 . PHE A 1 107 ? 5.693   0.682   6.546   1.00 28.09 ? 103  PHE A CD2 1 
ATOM   707  C CE1 . PHE A 1 107 ? 4.111   0.928   4.285   1.00 24.31 ? 103  PHE A CE1 1 
ATOM   708  C CE2 . PHE A 1 107 ? 4.320   0.880   6.685   1.00 27.22 ? 103  PHE A CE2 1 
ATOM   709  C CZ  . PHE A 1 107 ? 3.563   1.015   5.543   1.00 21.92 ? 103  PHE A CZ  1 
ATOM   710  N N   . GLU A 1 108 ? 8.550   2.195   7.702   1.00 21.40 ? 104  GLU A N   1 
ATOM   711  C CA  . GLU A 1 108 ? 8.133   2.668   9.076   1.00 22.31 ? 104  GLU A CA  1 
ATOM   712  C C   . GLU A 1 108 ? 8.417   4.116   9.262   1.00 23.44 ? 104  GLU A C   1 
ATOM   713  O O   . GLU A 1 108 ? 7.642   4.871   9.887   1.00 23.20 ? 104  GLU A O   1 
ATOM   714  C CB  . GLU A 1 108 ? 8.867   1.870   10.189  1.00 22.74 ? 104  GLU A CB  1 
ATOM   715  C CG  . GLU A 1 108 ? 8.430   0.366   10.153  1.00 26.56 ? 104  GLU A CG  1 
ATOM   716  C CD  . GLU A 1 108 ? 9.260   -0.530  9.167   1.00 29.54 ? 104  GLU A CD  1 
ATOM   717  O OE1 . GLU A 1 108 ? 9.930   -0.052  8.179   1.00 27.66 ? 104  GLU A OE1 1 
ATOM   718  O OE2 . GLU A 1 108 ? 9.198   -1.753  9.417   1.00 34.56 ? 104  GLU A OE2 1 
ATOM   719  N N   . SER A 1 109 ? 9.539   4.531   8.698   1.00 23.76 ? 105  SER A N   1 
ATOM   720  C CA  . SER A 1 109 ? 9.935   5.910   8.857   1.00 24.36 ? 105  SER A CA  1 
ATOM   721  C C   . SER A 1 109 ? 9.000   6.853   8.065   1.00 22.83 ? 105  SER A C   1 
ATOM   722  O O   . SER A 1 109 ? 8.596   7.881   8.558   1.00 24.06 ? 105  SER A O   1 
ATOM   723  C CB  . SER A 1 109 ? 11.378  6.084   8.431   1.00 26.10 ? 105  SER A CB  1 
ATOM   724  O OG  . SER A 1 109 ? 11.610  7.449   8.245   1.00 31.16 ? 105  SER A OG  1 
ATOM   725  N N   . LEU A 1 110 ? 8.675   6.500   6.832   1.00 21.63 ? 106  LEU A N   1 
ATOM   726  C CA  . LEU A 1 110 ? 7.781   7.281   5.989   1.00 20.96 ? 106  LEU A CA  1 
ATOM   727  C C   . LEU A 1 110 ? 6.365   7.196   6.544   1.00 20.53 ? 106  LEU A C   1 
ATOM   728  O O   . LEU A 1 110 ? 5.632   8.156   6.448   1.00 21.03 ? 106  LEU A O   1 
ATOM   729  C CB  . LEU A 1 110 ? 7.800   6.763   4.535   1.00 21.84 ? 106  LEU A CB  1 
ATOM   730  C CG  . LEU A 1 110 ? 9.172   6.891   3.824   1.00 23.23 ? 106  LEU A CG  1 
ATOM   731  C CD1 . LEU A 1 110 ? 9.002   6.394   2.329   1.00 20.60 ? 106  LEU A CD1 1 
ATOM   732  C CD2 . LEU A 1 110 ? 9.631   8.335   3.775   1.00 22.18 ? 106  LEU A CD2 1 
ATOM   733  N N   . ALA A 1 111 ? 5.957   6.059   7.102   1.00 20.19 ? 107  ALA A N   1 
ATOM   734  C CA  . ALA A 1 111 ? 4.567   5.997   7.620   1.00 20.58 ? 107  ALA A CA  1 
ATOM   735  C C   . ALA A 1 111 ? 4.466   6.964   8.843   1.00 21.20 ? 107  ALA A C   1 
ATOM   736  O O   . ALA A 1 111 ? 3.492   7.785   8.975   1.00 22.26 ? 107  ALA A O   1 
ATOM   737  C CB  . ALA A 1 111 ? 4.168   4.535   8.006   1.00 19.22 ? 107  ALA A CB  1 
ATOM   738  N N   . SER A 1 112 ? 5.473   6.907   9.729   1.00 20.70 ? 108  SER A N   1 
ATOM   739  C CA  . SER A 1 112 ? 5.495   7.772   10.934  1.00 20.82 ? 108  SER A CA  1 
ATOM   740  C C   . SER A 1 112 ? 5.421   9.261   10.590  1.00 21.95 ? 108  SER A C   1 
ATOM   741  O O   . SER A 1 112 ? 4.718   10.006  11.261  1.00 23.48 ? 108  SER A O   1 
ATOM   742  C CB  . SER A 1 112 ? 6.751   7.550   11.816  1.00 19.13 ? 108  SER A CB  1 
ATOM   743  O OG  . SER A 1 112 ? 6.892   6.178   12.181  1.00 24.75 ? 108  SER A OG  1 
ATOM   744  N N   . GLN A 1 113 ? 6.146   9.682   9.564   1.00 20.94 ? 109  GLN A N   1 
ATOM   745  C CA  . GLN A 1 113 ? 6.178   11.077  9.124   1.00 24.07 ? 109  GLN A CA  1 
ATOM   746  C C   . GLN A 1 113 ? 5.011   11.534  8.299   1.00 23.10 ? 109  GLN A C   1 
ATOM   747  O O   . GLN A 1 113 ? 4.555   12.668  8.445   1.00 23.77 ? 109  GLN A O   1 
ATOM   748  C CB  . GLN A 1 113 ? 7.417   11.306  8.271   1.00 24.66 ? 109  GLN A CB  1 
ATOM   749  C CG  . GLN A 1 113 ? 8.697   11.019  9.074   1.00 27.38 ? 109  GLN A CG  1 
ATOM   750  C CD  . GLN A 1 113 ? 9.946   11.248  8.257   1.00 29.61 ? 109  GLN A CD  1 
ATOM   751  O OE1 . GLN A 1 113 ? 10.657  10.310  7.881   1.00 28.78 ? 109  GLN A OE1 1 
ATOM   752  N NE2 . GLN A 1 113 ? 10.219  12.491  7.988   1.00 26.96 ? 109  GLN A NE2 1 
ATOM   753  N N   . PHE A 1 114 ? 4.563   10.673  7.382   1.00 21.94 ? 110  PHE A N   1 
ATOM   754  C CA  . PHE A 1 114 ? 3.727   11.147  6.307   1.00 21.50 ? 110  PHE A CA  1 
ATOM   755  C C   . PHE A 1 114 ? 2.353   10.487  6.210   1.00 22.57 ? 110  PHE A C   1 
ATOM   756  O O   . PHE A 1 114 ? 1.542   10.983  5.430   1.00 21.86 ? 110  PHE A O   1 
ATOM   757  C CB  . PHE A 1 114 ? 4.482   11.046  4.980   1.00 21.94 ? 110  PHE A CB  1 
ATOM   758  C CG  . PHE A 1 114 ? 5.790   11.826  4.975   1.00 22.91 ? 110  PHE A CG  1 
ATOM   759  C CD1 . PHE A 1 114 ? 6.994   11.213  4.687   1.00 23.56 ? 110  PHE A CD1 1 
ATOM   760  C CD2 . PHE A 1 114 ? 5.791   13.180  5.231   1.00 24.41 ? 110  PHE A CD2 1 
ATOM   761  C CE1 . PHE A 1 114 ? 8.202   11.927  4.671   1.00 26.97 ? 110  PHE A CE1 1 
ATOM   762  C CE2 . PHE A 1 114 ? 7.022   13.920  5.243   1.00 23.82 ? 110  PHE A CE2 1 
ATOM   763  C CZ  . PHE A 1 114 ? 8.201   13.293  4.969   1.00 27.40 ? 110  PHE A CZ  1 
ATOM   764  N N   . SER A 1 115 ? 2.078   9.406   6.977   1.00 20.56 ? 111  SER A N   1 
ATOM   765  C CA  . SER A 1 115 ? 0.788   8.759   6.849   1.00 22.13 ? 111  SER A CA  1 
ATOM   766  C C   . SER A 1 115 ? -0.290  9.714   7.463   1.00 23.97 ? 111  SER A C   1 
ATOM   767  O O   . SER A 1 115 ? -0.053  10.284  8.534   1.00 21.87 ? 111  SER A O   1 
ATOM   768  C CB  . SER A 1 115 ? 0.725   7.421   7.564   1.00 20.63 ? 111  SER A CB  1 
ATOM   769  O OG  . SER A 1 115 ? -0.620  6.898   7.451   1.00 21.77 ? 111  SER A OG  1 
ATOM   770  N N   . ASP A 1 116 ? -1.403  9.883   6.734   1.00 23.94 ? 112  ASP A N   1 
ATOM   771  C CA  . ASP A 1 116 ? -2.561  10.690  7.164   1.00 25.84 ? 112  ASP A CA  1 
ATOM   772  C C   . ASP A 1 116 ? -3.496  9.878   8.028   1.00 26.93 ? 112  ASP A C   1 
ATOM   773  O O   . ASP A 1 116 ? -4.607  10.289  8.280   1.00 28.50 ? 112  ASP A O   1 
ATOM   774  C CB  . ASP A 1 116 ? -3.357  11.227  5.944   1.00 25.54 ? 112  ASP A CB  1 
ATOM   775  C CG  . ASP A 1 116 ? -2.738  12.452  5.311   1.00 24.27 ? 112  ASP A CG  1 
ATOM   776  O OD1 . ASP A 1 116 ? -2.625  12.497  4.052   1.00 24.42 ? 112  ASP A OD1 1 
ATOM   777  O OD2 . ASP A 1 116 ? -2.375  13.424  6.035   1.00 23.24 ? 112  ASP A OD2 1 
ATOM   778  N N   . CYS A 1 117 ? -3.045  8.715   8.498   1.00 27.98 ? 113  CYS A N   1 
ATOM   779  C CA  . CYS A 1 117 ? -3.789  7.922   9.443   1.00 27.66 ? 113  CYS A CA  1 
ATOM   780  C C   . CYS A 1 117 ? -3.235  8.074   10.886  1.00 27.88 ? 113  CYS A C   1 
ATOM   781  O O   . CYS A 1 117 ? -2.038  8.314   11.090  1.00 27.99 ? 113  CYS A O   1 
ATOM   782  C CB  . CYS A 1 117 ? -3.756  6.438   8.999   1.00 28.39 ? 113  CYS A CB  1 
ATOM   783  S SG  . CYS A 1 117 ? -4.763  5.269   10.035  1.00 29.12 ? 113  CYS A SG  1 
ATOM   784  N N   . SER A 1 118 ? -4.103  7.886   11.873  1.00 26.85 ? 114  SER A N   1 
ATOM   785  C CA  . SER A 1 118 ? -3.691  7.984   13.247  1.00 28.61 ? 114  SER A CA  1 
ATOM   786  C C   . SER A 1 118 ? -2.735  6.838   13.598  1.00 26.28 ? 114  SER A C   1 
ATOM   787  O O   . SER A 1 118 ? -1.938  7.015   14.511  1.00 27.33 ? 114  SER A O   1 
ATOM   788  C CB  . SER A 1 118 ? -4.894  8.148   14.239  1.00 30.88 ? 114  SER A CB  1 
ATOM   789  O OG  . SER A 1 118 ? -5.684  6.953   14.259  1.00 35.52 ? 114  SER A OG  1 
ATOM   790  N N   . SER A 1 119 ? -2.748  5.718   12.831  1.00 23.23 ? 115  SER A N   1 
ATOM   791  C CA  . SER A 1 119 ? -1.740  4.655   12.985  1.00 22.13 ? 115  SER A CA  1 
ATOM   792  C C   . SER A 1 119 ? -0.321  5.099   12.644  1.00 21.53 ? 115  SER A C   1 
ATOM   793  O O   . SER A 1 119 ? 0.607   4.324   12.920  1.00 20.11 ? 115  SER A O   1 
ATOM   794  C CB  . SER A 1 119 ? -2.081  3.410   12.119  1.00 21.89 ? 115  SER A CB  1 
ATOM   795  O OG  . SER A 1 119 ? -2.120  3.861   10.758  1.00 23.20 ? 115  SER A OG  1 
ATOM   796  N N   . ALA A 1 120 ? -0.104  6.294   12.054  1.00 20.24 ? 116  ALA A N   1 
ATOM   797  C CA  . ALA A 1 120 ? 1.252   6.815   11.879  1.00 19.84 ? 116  ALA A CA  1 
ATOM   798  C C   . ALA A 1 120 ? 2.075   6.707   13.182  1.00 21.77 ? 116  ALA A C   1 
ATOM   799  O O   . ALA A 1 120 ? 3.273   6.430   13.128  1.00 20.89 ? 116  ALA A O   1 
ATOM   800  C CB  . ALA A 1 120 ? 1.233   8.323   11.428  1.00 21.63 ? 116  ALA A CB  1 
ATOM   801  N N   . LYS A 1 121 ? 1.440   6.976   14.333  1.00 20.32 ? 117  LYS A N   1 
ATOM   802  C CA  . LYS A 1 121 ? 2.206   7.038   15.588  1.00 22.19 ? 117  LYS A CA  1 
ATOM   803  C C   . LYS A 1 121 ? 2.642   5.635   16.015  1.00 19.83 ? 117  LYS A C   1 
ATOM   804  O O   . LYS A 1 121 ? 3.509   5.472   16.872  1.00 20.41 ? 117  LYS A O   1 
ATOM   805  C CB  . LYS A 1 121 ? 1.443   7.770   16.710  1.00 21.97 ? 117  LYS A CB  1 
ATOM   806  C CG  . LYS A 1 121 ? 0.324   6.960   17.265  1.00 27.64 ? 117  LYS A CG  1 
ATOM   807  C CD  . LYS A 1 121 ? -0.631  7.826   18.130  1.00 39.52 ? 117  LYS A CD  1 
ATOM   808  C CE  . LYS A 1 121 ? -2.060  7.483   17.810  1.00 43.15 ? 117  LYS A CE  1 
ATOM   809  N NZ  . LYS A 1 121 ? -2.653  8.634   17.101  1.00 43.35 ? 117  LYS A NZ  1 
ATOM   810  N N   . ALA A 1 122 ? 2.078   4.628   15.361  1.00 19.46 ? 118  ALA A N   1 
ATOM   811  C CA  . ALA A 1 122 ? 2.580   3.270   15.557  1.00 19.16 ? 118  ALA A CA  1 
ATOM   812  C C   . ALA A 1 122 ? 3.371   2.696   14.351  1.00 18.71 ? 118  ALA A C   1 
ATOM   813  O O   . ALA A 1 122 ? 3.283   1.477   14.131  1.00 17.48 ? 118  ALA A O   1 
ATOM   814  C CB  . ALA A 1 122 ? 1.426   2.364   15.910  1.00 20.19 ? 118  ALA A CB  1 
ATOM   815  N N   . ARG A 1 123 ? 4.018   3.581   13.581  1.00 19.22 ? 119  ARG A N   1 
ATOM   816  C CA  A ARG A 1 123 ? 4.801   3.213   12.376  0.50 19.58 ? 119  ARG A CA  1 
ATOM   817  C CA  B ARG A 1 123 ? 4.797   3.205   12.370  0.50 19.93 ? 119  ARG A CA  1 
ATOM   818  C C   . ARG A 1 123 ? 3.844   2.550   11.394  1.00 19.95 ? 119  ARG A C   1 
ATOM   819  O O   . ARG A 1 123 ? 4.241   1.732   10.574  1.00 18.89 ? 119  ARG A O   1 
ATOM   820  C CB  A ARG A 1 123 ? 6.020   2.302   12.722  0.50 20.34 ? 119  ARG A CB  1 
ATOM   821  C CB  B ARG A 1 123 ? 5.997   2.265   12.691  0.50 20.87 ? 119  ARG A CB  1 
ATOM   822  C CG  A ARG A 1 123 ? 7.022   2.931   13.733  0.50 18.88 ? 119  ARG A CG  1 
ATOM   823  C CG  B ARG A 1 123 ? 6.989   2.851   13.702  0.50 21.27 ? 119  ARG A CG  1 
ATOM   824  C CD  A ARG A 1 123 ? 7.962   1.877   14.410  0.50 15.70 ? 119  ARG A CD  1 
ATOM   825  C CD  B ARG A 1 123 ? 8.296   2.039   13.852  0.50 20.94 ? 119  ARG A CD  1 
ATOM   826  N NE  A ARG A 1 123 ? 7.236   0.671   14.738  0.50 17.20 ? 119  ARG A NE  1 
ATOM   827  N NE  B ARG A 1 123 ? 9.273   2.850   14.592  0.50 25.17 ? 119  ARG A NE  1 
ATOM   828  C CZ  A ARG A 1 123 ? 6.437   0.519   15.804  0.50 18.14 ? 119  ARG A CZ  1 
ATOM   829  C CZ  B ARG A 1 123 ? 10.606  2.720   14.541  0.50 26.74 ? 119  ARG A CZ  1 
ATOM   830  N NH1 A ARG A 1 123 ? 6.255   1.510   16.693  0.50 7.45  ? 119  ARG A NH1 1 
ATOM   831  N NH1 B ARG A 1 123 ? 11.168  1.778   13.773  0.50 27.00 ? 119  ARG A NH1 1 
ATOM   832  N NH2 A ARG A 1 123 ? 5.797   -0.639  15.954  0.50 20.60 ? 119  ARG A NH2 1 
ATOM   833  N NH2 B ARG A 1 123 ? 11.372  3.558   15.254  0.50 22.79 ? 119  ARG A NH2 1 
ATOM   834  N N   . GLY A 1 124 ? 2.543   2.878   11.516  1.00 19.83 ? 120  GLY A N   1 
ATOM   835  C CA  . GLY A 1 124 ? 1.552   2.414   10.572  1.00 18.56 ? 120  GLY A CA  1 
ATOM   836  C C   . GLY A 1 124 ? 0.944   1.083   10.858  1.00 19.71 ? 120  GLY A C   1 
ATOM   837  O O   . GLY A 1 124 ? 0.109   0.613   10.100  1.00 19.01 ? 120  GLY A O   1 
ATOM   838  N N   . ASP A 1 125 ? 1.316   0.476   11.967  1.00 19.74 ? 121  ASP A N   1 
ATOM   839  C CA  . ASP A 1 125 ? 0.906   -0.885  12.279  1.00 23.18 ? 121  ASP A CA  1 
ATOM   840  C C   . ASP A 1 125 ? -0.581  -0.879  12.655  1.00 22.98 ? 121  ASP A C   1 
ATOM   841  O O   . ASP A 1 125 ? -0.992  -0.149  13.513  1.00 24.39 ? 121  ASP A O   1 
ATOM   842  C CB  . ASP A 1 125 ? 1.721   -1.440  13.457  1.00 23.28 ? 121  ASP A CB  1 
ATOM   843  C CG  . ASP A 1 125 ? 1.198   -2.809  13.927  1.00 30.06 ? 121  ASP A CG  1 
ATOM   844  O OD1 . ASP A 1 125 ? 0.861   -3.694  13.098  1.00 27.58 ? 121  ASP A OD1 1 
ATOM   845  O OD2 . ASP A 1 125 ? 1.099   -2.993  15.175  1.00 31.28 ? 121  ASP A OD2 1 
ATOM   846  N N   . LEU A 1 126 ? -1.370  -1.670  11.964  1.00 22.06 ? 122  LEU A N   1 
ATOM   847  C CA  . LEU A 1 126 ? -2.774  -1.826  12.269  1.00 21.93 ? 122  LEU A CA  1 
ATOM   848  C C   . LEU A 1 126 ? -3.094  -3.037  13.151  1.00 23.52 ? 122  LEU A C   1 
ATOM   849  O O   . LEU A 1 126 ? -4.248  -3.189  13.486  1.00 23.87 ? 122  LEU A O   1 
ATOM   850  C CB  . LEU A 1 126 ? -3.606  -1.979  10.969  1.00 23.10 ? 122  LEU A CB  1 
ATOM   851  C CG  . LEU A 1 126 ? -3.528  -0.775  10.039  1.00 22.57 ? 122  LEU A CG  1 
ATOM   852  C CD1 . LEU A 1 126 ? -4.396  -1.174  8.817   1.00 26.75 ? 122  LEU A CD1 1 
ATOM   853  C CD2 . LEU A 1 126 ? -4.080  0.477   10.745  1.00 26.08 ? 122  LEU A CD2 1 
ATOM   854  N N   . GLY A 1 127 ? -2.137  -3.922  13.433  1.00 23.40 ? 123  GLY A N   1 
ATOM   855  C CA  . GLY A 1 127 ? -2.433  -5.178  14.168  1.00 23.71 ? 123  GLY A CA  1 
ATOM   856  C C   . GLY A 1 127 ? -3.035  -6.225  13.241  1.00 25.74 ? 123  GLY A C   1 
ATOM   857  O O   . GLY A 1 127 ? -3.063  -6.067  11.988  1.00 25.55 ? 123  GLY A O   1 
ATOM   858  N N   . ALA A 1 128 ? -3.536  -7.298  13.837  1.00 25.16 ? 124  ALA A N   1 
ATOM   859  C CA  . ALA A 1 128 ? -3.945  -8.475  13.070  1.00 26.48 ? 124  ALA A CA  1 
ATOM   860  C C   . ALA A 1 128 ? -5.400  -8.322  12.727  1.00 26.62 ? 124  ALA A C   1 
ATOM   861  O O   . ALA A 1 128 ? -6.114  -7.742  13.485  1.00 29.13 ? 124  ALA A O   1 
ATOM   862  C CB  . ALA A 1 128 ? -3.684  -9.777  13.832  1.00 25.57 ? 124  ALA A CB  1 
ATOM   863  N N   . PHE A 1 129 ? -5.850  -8.776  11.571  1.00 27.48 ? 125  PHE A N   1 
ATOM   864  C CA  . PHE A 1 129 ? -7.298  -8.706  11.306  1.00 28.95 ? 125  PHE A CA  1 
ATOM   865  C C   . PHE A 1 129 ? -7.733  -9.864  10.450  1.00 28.87 ? 125  PHE A C   1 
ATOM   866  O O   . PHE A 1 129 ? -6.919  -10.523 9.764   1.00 28.90 ? 125  PHE A O   1 
ATOM   867  C CB  . PHE A 1 129 ? -7.715  -7.347  10.705  1.00 29.68 ? 125  PHE A CB  1 
ATOM   868  C CG  . PHE A 1 129 ? -6.905  -6.966  9.484   1.00 27.85 ? 125  PHE A CG  1 
ATOM   869  C CD1 . PHE A 1 129 ? -7.288  -7.423  8.195   1.00 30.31 ? 125  PHE A CD1 1 
ATOM   870  C CD2 . PHE A 1 129 ? -5.706  -6.240  9.640   1.00 26.58 ? 125  PHE A CD2 1 
ATOM   871  C CE1 . PHE A 1 129 ? -6.521  -7.094  7.044   1.00 29.13 ? 125  PHE A CE1 1 
ATOM   872  C CE2 . PHE A 1 129 ? -4.881  -5.927  8.506   1.00 26.48 ? 125  PHE A CE2 1 
ATOM   873  C CZ  . PHE A 1 129 ? -5.315  -6.365  7.200   1.00 26.12 ? 125  PHE A CZ  1 
ATOM   874  N N   . SER A 1 130 ? -9.018  -10.158 10.548  1.00 30.36 ? 126  SER A N   1 
ATOM   875  C CA  . SER A 1 130 ? -9.679  -11.201 9.775   1.00 32.43 ? 126  SER A CA  1 
ATOM   876  C C   . SER A 1 130 ? -10.280 -10.610 8.551   1.00 30.92 ? 126  SER A C   1 
ATOM   877  O O   . SER A 1 130 ? -10.479 -9.419  8.486   1.00 31.72 ? 126  SER A O   1 
ATOM   878  C CB  . SER A 1 130 ? -10.877 -11.737 10.606  1.00 32.31 ? 126  SER A CB  1 
ATOM   879  O OG  . SER A 1 130 ? -10.351 -12.863 11.273  1.00 38.93 ? 126  SER A OG  1 
ATOM   880  N N   . ARG A 1 131 ? -10.690 -11.464 7.625   1.00 33.46 ? 127  ARG A N   1 
ATOM   881  C CA  . ARG A 1 131 ? -11.622 -10.999 6.583   1.00 33.08 ? 127  ARG A CA  1 
ATOM   882  C C   . ARG A 1 131 ? -12.919 -10.542 7.222   1.00 34.84 ? 127  ARG A C   1 
ATOM   883  O O   . ARG A 1 131 ? -13.308 -11.087 8.260   1.00 34.40 ? 127  ARG A O   1 
ATOM   884  C CB  . ARG A 1 131 ? -11.876 -12.083 5.538   1.00 33.90 ? 127  ARG A CB  1 
ATOM   885  C CG  . ARG A 1 131 ? -10.744 -12.254 4.555   1.00 30.43 ? 127  ARG A CG  1 
ATOM   886  C CD  . ARG A 1 131 ? -11.255 -12.671 3.213   1.00 31.02 ? 127  ARG A CD  1 
ATOM   887  N NE  . ARG A 1 131 ? -10.172 -12.960 2.266   1.00 30.57 ? 127  ARG A NE  1 
ATOM   888  C CZ  . ARG A 1 131 ? -9.841  -12.174 1.242   1.00 26.73 ? 127  ARG A CZ  1 
ATOM   889  N NH1 . ARG A 1 131 ? -10.496 -11.042 1.029   1.00 24.23 ? 127  ARG A NH1 1 
ATOM   890  N NH2 . ARG A 1 131 ? -8.854  -12.542 0.444   1.00 25.25 ? 127  ARG A NH2 1 
ATOM   891  N N   . GLY A 1 132 ? -13.540 -9.519  6.634   1.00 33.89 ? 128  GLY A N   1 
ATOM   892  C CA  . GLY A 1 132 ? -14.780 -8.939  7.137   1.00 34.90 ? 128  GLY A CA  1 
ATOM   893  C C   . GLY A 1 132 ? -14.627 -7.690  8.000   1.00 36.07 ? 128  GLY A C   1 
ATOM   894  O O   . GLY A 1 132 ? -15.608 -7.216  8.574   1.00 35.50 ? 128  GLY A O   1 
ATOM   895  N N   . GLN A 1 133 ? -13.411 -7.134  8.130   1.00 35.94 ? 129  GLN A N   1 
ATOM   896  C CA  . GLN A 1 133 ? -13.187 -5.982  9.057   1.00 35.44 ? 129  GLN A CA  1 
ATOM   897  C C   . GLN A 1 133 ? -12.795 -4.704  8.370   1.00 35.88 ? 129  GLN A C   1 
ATOM   898  O O   . GLN A 1 133 ? -13.196 -3.634  8.816   1.00 35.40 ? 129  GLN A O   1 
ATOM   899  C CB  . GLN A 1 133 ? -12.091 -6.276  10.102  1.00 36.42 ? 129  GLN A CB  1 
ATOM   900  C CG  . GLN A 1 133 ? -12.343 -7.530  10.947  1.00 34.83 ? 129  GLN A CG  1 
ATOM   901  C CD  . GLN A 1 133 ? -11.214 -7.714  11.990  1.00 36.20 ? 129  GLN A CD  1 
ATOM   902  O OE1 . GLN A 1 133 ? -10.716 -8.811  12.210  1.00 32.80 ? 129  GLN A OE1 1 
ATOM   903  N NE2 . GLN A 1 133 ? -10.806 -6.626  12.604  1.00 38.91 ? 129  GLN A NE2 1 
ATOM   904  N N   . MET A 1 134 ? -11.977 -4.801  7.312   1.00 34.67 ? 130  MET A N   1 
ATOM   905  C CA  . MET A 1 134 ? -11.468 -3.583  6.658   1.00 34.83 ? 130  MET A CA  1 
ATOM   906  C C   . MET A 1 134 ? -12.270 -3.293  5.408   1.00 33.40 ? 130  MET A C   1 
ATOM   907  O O   . MET A 1 134 ? -12.957 -4.171  4.937   1.00 33.97 ? 130  MET A O   1 
ATOM   908  C CB  . MET A 1 134 ? -9.967  -3.774  6.274   1.00 34.50 ? 130  MET A CB  1 
ATOM   909  C CG  . MET A 1 134 ? -9.078  -4.154  7.457   1.00 36.37 ? 130  MET A CG  1 
ATOM   910  S SD  . MET A 1 134 ? -8.912  -2.834  8.659   1.00 43.50 ? 130  MET A SD  1 
ATOM   911  C CE  . MET A 1 134 ? -8.111  -3.649  10.034  1.00 44.81 ? 130  MET A CE  1 
ATOM   912  N N   . GLN A 1 135 ? -12.135 -2.089  4.865   1.00 32.86 ? 131  GLN A N   1 
ATOM   913  C CA  . GLN A 1 135 ? -12.647 -1.778  3.551   1.00 32.64 ? 131  GLN A CA  1 
ATOM   914  C C   . GLN A 1 135 ? -12.150 -2.848  2.586   1.00 31.76 ? 131  GLN A C   1 
ATOM   915  O O   . GLN A 1 135 ? -10.969 -3.298  2.592   1.00 30.42 ? 131  GLN A O   1 
ATOM   916  C CB  . GLN A 1 135 ? -12.231 -0.372  3.080   1.00 34.16 ? 131  GLN A CB  1 
ATOM   917  C CG  . GLN A 1 135 ? -12.565 0.728   4.078   1.00 39.36 ? 131  GLN A CG  1 
ATOM   918  C CD  . GLN A 1 135 ? -12.531 2.151   3.501   1.00 47.43 ? 131  GLN A CD  1 
ATOM   919  O OE1 . GLN A 1 135 ? -11.640 2.954   3.826   1.00 49.41 ? 131  GLN A OE1 1 
ATOM   920  N NE2 . GLN A 1 135 ? -13.511 2.466   2.625   1.00 52.00 ? 131  GLN A NE2 1 
ATOM   921  N N   . LYS A 1 136 ? -13.053 -3.261  1.716   1.00 29.18 ? 132  LYS A N   1 
ATOM   922  C CA  . LYS A 1 136 ? -12.747 -4.378  0.822   1.00 26.53 ? 132  LYS A CA  1 
ATOM   923  C C   . LYS A 1 136 ? -11.446 -4.329  -0.009  1.00 24.54 ? 132  LYS A C   1 
ATOM   924  O O   . LYS A 1 136 ? -10.778 -5.371  -0.134  1.00 23.54 ? 132  LYS A O   1 
ATOM   925  C CB  . LYS A 1 136 ? -13.976 -4.694  -0.081  1.00 27.66 ? 132  LYS A CB  1 
ATOM   926  C CG  . LYS A 1 136 ? -14.008 -6.107  -0.547  1.00 28.61 ? 132  LYS A CG  1 
ATOM   927  C CD  . LYS A 1 136 ? -14.495 -6.944  0.639   1.00 33.31 ? 132  LYS A CD  1 
ATOM   928  C CE  . LYS A 1 136 ? -14.203 -8.442  0.551   1.00 37.37 ? 132  LYS A CE  1 
ATOM   929  N NZ  . LYS A 1 136 ? -14.796 -9.101  1.864   1.00 34.16 ? 132  LYS A NZ  1 
ATOM   930  N N   . PRO A 1 137 ? -11.155 -3.193  -0.685  1.00 22.90 ? 133  PRO A N   1 
ATOM   931  C CA  . PRO A 1 137 ? -9.959  -3.178  -1.472  1.00 22.70 ? 133  PRO A CA  1 
ATOM   932  C C   . PRO A 1 137 ? -8.716  -3.270  -0.591  1.00 20.45 ? 133  PRO A C   1 
ATOM   933  O O   . PRO A 1 137 ? -7.756  -3.926  -0.981  1.00 20.70 ? 133  PRO A O   1 
ATOM   934  C CB  . PRO A 1 137 ? -10.021 -1.830  -2.233  1.00 21.91 ? 133  PRO A CB  1 
ATOM   935  C CG  . PRO A 1 137 ? -11.458 -1.362  -2.116  1.00 23.69 ? 133  PRO A CG  1 
ATOM   936  C CD  . PRO A 1 137 ? -11.916 -1.920  -0.813  1.00 24.37 ? 133  PRO A CD  1 
ATOM   937  N N   . PHE A 1 138 ? -8.781  -2.700  0.604   1.00 21.13 ? 134  PHE A N   1 
ATOM   938  C CA  . PHE A 1 138 ? -7.697  -2.851  1.582   1.00 21.02 ? 134  PHE A CA  1 
ATOM   939  C C   . PHE A 1 138 ? -7.547  -4.339  2.032   1.00 20.75 ? 134  PHE A C   1 
ATOM   940  O O   . PHE A 1 138 ? -6.427  -4.907  2.078   1.00 19.57 ? 134  PHE A O   1 
ATOM   941  C CB  . PHE A 1 138 ? -7.957  -1.899  2.763   1.00 19.71 ? 134  PHE A CB  1 
ATOM   942  C CG  . PHE A 1 138 ? -6.769  -1.799  3.711   1.00 22.47 ? 134  PHE A CG  1 
ATOM   943  C CD1 . PHE A 1 138 ? -5.909  -0.716  3.636   1.00 19.17 ? 134  PHE A CD1 1 
ATOM   944  C CD2 . PHE A 1 138 ? -6.456  -2.841  4.589   1.00 21.12 ? 134  PHE A CD2 1 
ATOM   945  C CE1 . PHE A 1 138 ? -4.764  -0.615  4.492   1.00 18.56 ? 134  PHE A CE1 1 
ATOM   946  C CE2 . PHE A 1 138 ? -5.323  -2.721  5.479   1.00 21.18 ? 134  PHE A CE2 1 
ATOM   947  C CZ  . PHE A 1 138 ? -4.490  -1.623  5.407   1.00 18.90 ? 134  PHE A CZ  1 
ATOM   948  N N   . GLU A 1 139 ? -8.675  -4.983  2.380   1.00 20.86 ? 135  GLU A N   1 
ATOM   949  C CA  . GLU A 1 139 ? -8.612  -6.373  2.823   1.00 21.32 ? 135  GLU A CA  1 
ATOM   950  C C   . GLU A 1 139 ? -8.066  -7.249  1.736   1.00 21.26 ? 135  GLU A C   1 
ATOM   951  O O   . GLU A 1 139 ? -7.236  -8.162  1.981   1.00 20.43 ? 135  GLU A O   1 
ATOM   952  C CB  . GLU A 1 139 ? -10.031 -6.878  3.178   1.00 20.25 ? 135  GLU A CB  1 
ATOM   953  C CG  . GLU A 1 139 ? -10.167 -8.374  3.457   1.00 21.55 ? 135  GLU A CG  1 
ATOM   954  C CD  . GLU A 1 139 ? -11.679 -8.700  3.605   1.00 26.29 ? 135  GLU A CD  1 
ATOM   955  O OE1 . GLU A 1 139 ? -12.313 -8.061  4.483   1.00 27.34 ? 135  GLU A OE1 1 
ATOM   956  O OE2 . GLU A 1 139 ? -12.228 -9.397  2.725   1.00 28.23 ? 135  GLU A OE2 1 
ATOM   957  N N   . ASP A 1 140 ? -8.623  -7.061  0.516   1.00 21.75 ? 136  ASP A N   1 
ATOM   958  C CA  . ASP A 1 140 ? -8.266  -7.950  -0.564  1.00 21.84 ? 136  ASP A CA  1 
ATOM   959  C C   . ASP A 1 140 ? -6.790  -7.865  -0.806  1.00 22.66 ? 136  ASP A C   1 
ATOM   960  O O   . ASP A 1 140 ? -6.126  -8.888  -0.974  1.00 22.71 ? 136  ASP A O   1 
ATOM   961  C CB  . ASP A 1 140 ? -9.021  -7.617  -1.860  1.00 22.23 ? 136  ASP A CB  1 
ATOM   962  C CG  . ASP A 1 140 ? -10.427 -8.211  -1.902  1.00 27.57 ? 136  ASP A CG  1 
ATOM   963  O OD1 . ASP A 1 140 ? -10.815 -9.133  -1.081  1.00 25.79 ? 136  ASP A OD1 1 
ATOM   964  O OD2 . ASP A 1 140 ? -11.163 -7.707  -2.742  1.00 29.38 ? 136  ASP A OD2 1 
ATOM   965  N N   . ALA A 1 141 ? -6.276  -6.640  -0.825  1.00 22.11 ? 137  ALA A N   1 
ATOM   966  C CA  . ALA A 1 141 ? -4.809  -6.474  -1.029  1.00 20.69 ? 137  ALA A CA  1 
ATOM   967  C C   . ALA A 1 141 ? -3.985  -7.140  0.116   1.00 20.62 ? 137  ALA A C   1 
ATOM   968  O O   . ALA A 1 141 ? -3.031  -7.923  -0.127  1.00 22.59 ? 137  ALA A O   1 
ATOM   969  C CB  . ALA A 1 141 ? -4.517  -5.016  -1.156  1.00 19.33 ? 137  ALA A CB  1 
ATOM   970  N N   . SER A 1 142 ? -4.406  -6.938  1.356   1.00 20.87 ? 138  SER A N   1 
ATOM   971  C CA  . SER A 1 142 ? -3.730  -7.498  2.526   1.00 20.13 ? 138  SER A CA  1 
ATOM   972  C C   . SER A 1 142 ? -3.622  -9.005  2.502   1.00 21.32 ? 138  SER A C   1 
ATOM   973  O O   . SER A 1 142 ? -2.549  -9.544  2.814   1.00 21.11 ? 138  SER A O   1 
ATOM   974  C CB  . SER A 1 142 ? -4.483  -7.065  3.801   1.00 18.31 ? 138  SER A CB  1 
ATOM   975  O OG  . SER A 1 142 ? -4.456  -5.636  3.924   1.00 19.92 ? 138  SER A OG  1 
ATOM   976  N N   . PHE A 1 143 ? -4.699  -9.693  2.094   1.00 21.52 ? 139  PHE A N   1 
ATOM   977  C CA  . PHE A 1 143 ? -4.724  -11.167 2.064   1.00 22.08 ? 139  PHE A CA  1 
ATOM   978  C C   . PHE A 1 143 ? -4.058  -11.750 0.840   1.00 25.16 ? 139  PHE A C   1 
ATOM   979  O O   . PHE A 1 143 ? -3.745  -12.943 0.831   1.00 26.91 ? 139  PHE A O   1 
ATOM   980  C CB  . PHE A 1 143 ? -6.160  -11.670 2.206   1.00 22.97 ? 139  PHE A CB  1 
ATOM   981  C CG  . PHE A 1 143 ? -6.605  -11.737 3.628   1.00 22.27 ? 139  PHE A CG  1 
ATOM   982  C CD1 . PHE A 1 143 ? -7.149  -10.637 4.250   1.00 24.61 ? 139  PHE A CD1 1 
ATOM   983  C CD2 . PHE A 1 143 ? -6.363  -12.895 4.391   1.00 26.25 ? 139  PHE A CD2 1 
ATOM   984  C CE1 . PHE A 1 143 ? -7.521  -10.661 5.608   1.00 26.19 ? 139  PHE A CE1 1 
ATOM   985  C CE2 . PHE A 1 143 ? -6.716  -12.911 5.756   1.00 25.26 ? 139  PHE A CE2 1 
ATOM   986  C CZ  . PHE A 1 143 ? -7.307  -11.798 6.352   1.00 26.02 ? 139  PHE A CZ  1 
ATOM   987  N N   . ALA A 1 144 ? -3.817  -10.922 -0.185  1.00 25.33 ? 140  ALA A N   1 
ATOM   988  C CA  . ALA A 1 144 ? -3.087  -11.377 -1.394  1.00 24.54 ? 140  ALA A CA  1 
ATOM   989  C C   . ALA A 1 144 ? -1.576  -11.168 -1.268  1.00 25.20 ? 140  ALA A C   1 
ATOM   990  O O   . ALA A 1 144 ? -0.812  -11.767 -2.036  1.00 26.88 ? 140  ALA A O   1 
ATOM   991  C CB  . ALA A 1 144 ? -3.599  -10.646 -2.644  1.00 23.32 ? 140  ALA A CB  1 
ATOM   992  N N   . LEU A 1 145 ? -1.137  -10.338 -0.310  1.00 24.53 ? 141  LEU A N   1 
ATOM   993  C CA  . LEU A 1 145 ? 0.313   -10.127 -0.036  1.00 24.85 ? 141  LEU A CA  1 
ATOM   994  C C   . LEU A 1 145 ? 0.879   -11.336 0.674   1.00 25.27 ? 141  LEU A C   1 
ATOM   995  O O   . LEU A 1 145 ? 0.149   -12.029 1.428   1.00 27.30 ? 141  LEU A O   1 
ATOM   996  C CB  . LEU A 1 145 ? 0.565   -8.872  0.839   1.00 22.77 ? 141  LEU A CB  1 
ATOM   997  C CG  . LEU A 1 145 ? 0.232   -7.497  0.240   1.00 20.55 ? 141  LEU A CG  1 
ATOM   998  C CD1 . LEU A 1 145 ? 0.302   -6.403  1.376   1.00 18.34 ? 141  LEU A CD1 1 
ATOM   999  C CD2 . LEU A 1 145 ? 1.277   -7.212  -0.911  1.00 19.28 ? 141  LEU A CD2 1 
ATOM   1000 N N   . ARG A 1 146 ? 2.122   -11.648 0.352   1.00 27.11 ? 142  ARG A N   1 
ATOM   1001 C CA  . ARG A 1 146 ? 2.943   -12.593 1.103   1.00 29.89 ? 142  ARG A CA  1 
ATOM   1002 C C   . ARG A 1 146 ? 3.512   -11.874 2.351   1.00 27.79 ? 142  ARG A C   1 
ATOM   1003 O O   . ARG A 1 146 ? 3.641   -10.647 2.352   1.00 26.70 ? 142  ARG A O   1 
ATOM   1004 C CB  . ARG A 1 146 ? 4.092   -13.068 0.183   1.00 29.30 ? 142  ARG A CB  1 
ATOM   1005 C CG  . ARG A 1 146 ? 3.558   -13.900 -1.046  1.00 38.13 ? 142  ARG A CG  1 
ATOM   1006 C CD  . ARG A 1 146 ? 4.673   -14.249 -2.023  1.00 47.08 ? 142  ARG A CD  1 
ATOM   1007 N NE  . ARG A 1 146 ? 4.831   -13.253 -3.091  1.00 56.07 ? 142  ARG A NE  1 
ATOM   1008 C CZ  . ARG A 1 146 ? 5.857   -12.396 -3.220  1.00 58.59 ? 142  ARG A CZ  1 
ATOM   1009 N NH1 . ARG A 1 146 ? 5.861   -11.531 -4.237  1.00 56.80 ? 142  ARG A NH1 1 
ATOM   1010 N NH2 . ARG A 1 146 ? 6.884   -12.394 -2.355  1.00 61.08 ? 142  ARG A NH2 1 
ATOM   1011 N N   . THR A 1 147 ? 3.826   -12.625 3.411   1.00 28.81 ? 143  THR A N   1 
ATOM   1012 C CA  . THR A 1 147 ? 4.459   -12.037 4.591   1.00 29.44 ? 143  THR A CA  1 
ATOM   1013 C C   . THR A 1 147 ? 5.680   -11.270 4.171   1.00 28.88 ? 143  THR A C   1 
ATOM   1014 O O   . THR A 1 147 ? 6.463   -11.789 3.398   1.00 31.45 ? 143  THR A O   1 
ATOM   1015 C CB  . THR A 1 147 ? 4.893   -13.139 5.544   1.00 30.41 ? 143  THR A CB  1 
ATOM   1016 O OG1 . THR A 1 147 ? 3.708   -13.761 6.005   1.00 33.68 ? 143  THR A OG1 1 
ATOM   1017 C CG2 . THR A 1 147 ? 5.588   -12.505 6.770   1.00 30.57 ? 143  THR A CG2 1 
ATOM   1018 N N   . GLY A 1 148 ? 5.844   -10.018 4.590   1.00 27.31 ? 144  GLY A N   1 
ATOM   1019 C CA  . GLY A 1 148 ? 7.032   -9.231  4.150   1.00 24.87 ? 144  GLY A CA  1 
ATOM   1020 C C   . GLY A 1 148 ? 6.828   -8.372  2.915   1.00 25.06 ? 144  GLY A C   1 
ATOM   1021 O O   . GLY A 1 148 ? 7.591   -7.469  2.636   1.00 24.29 ? 144  GLY A O   1 
ATOM   1022 N N   . GLU A 1 149 ? 5.774   -8.650  2.154   1.00 24.88 ? 145  GLU A N   1 
ATOM   1023 C CA  . GLU A 1 149 ? 5.594   -8.045  0.837   1.00 24.12 ? 145  GLU A CA  1 
ATOM   1024 C C   . GLU A 1 149 ? 4.758   -6.749  0.950   1.00 22.78 ? 145  GLU A C   1 
ATOM   1025 O O   . GLU A 1 149 ? 3.925   -6.598  1.854   1.00 20.82 ? 145  GLU A O   1 
ATOM   1026 C CB  . GLU A 1 149 ? 4.956   -9.062  -0.105  1.00 23.38 ? 145  GLU A CB  1 
ATOM   1027 C CG  . GLU A 1 149 ? 4.770   -8.457  -1.457  1.00 29.31 ? 145  GLU A CG  1 
ATOM   1028 C CD  . GLU A 1 149 ? 3.963   -9.305  -2.401  1.00 31.81 ? 145  GLU A CD  1 
ATOM   1029 O OE1 . GLU A 1 149 ? 3.300   -10.309 -1.970  1.00 34.74 ? 145  GLU A OE1 1 
ATOM   1030 O OE2 . GLU A 1 149 ? 4.018   -8.945  -3.597  1.00 32.65 ? 145  GLU A OE2 1 
ATOM   1031 N N   . MET A 1 150 ? 5.085   -5.783  0.104   1.00 20.82 ? 146  MET A N   1 
ATOM   1032 C CA  . MET A 1 150 ? 4.501   -4.475  0.142   1.00 22.06 ? 146  MET A CA  1 
ATOM   1033 C C   . MET A 1 150 ? 3.597   -4.261  -1.106  1.00 20.97 ? 146  MET A C   1 
ATOM   1034 O O   . MET A 1 150 ? 3.911   -4.771  -2.204  1.00 23.19 ? 146  MET A O   1 
ATOM   1035 C CB  . MET A 1 150 ? 5.613   -3.476  0.188   1.00 22.00 ? 146  MET A CB  1 
ATOM   1036 C CG  . MET A 1 150 ? 5.053   -2.037  0.396   1.00 21.94 ? 146  MET A CG  1 
ATOM   1037 S SD  . MET A 1 150 ? 6.343   -0.825  0.398   1.00 24.11 ? 146  MET A SD  1 
ATOM   1038 C CE  . MET A 1 150 ? 6.857   -0.724  -1.328  1.00 24.74 ? 146  MET A CE  1 
ATOM   1039 N N   . SER A 1 151 ? 2.471   -3.565  -0.948  1.00 18.98 ? 147  SER A N   1 
ATOM   1040 C CA  . SER A 1 151 ? 1.539   -3.438  -2.071  1.00 17.16 ? 147  SER A CA  1 
ATOM   1041 C C   . SER A 1 151 ? 2.048   -2.306  -2.980  1.00 18.97 ? 147  SER A C   1 
ATOM   1042 O O   . SER A 1 151 ? 2.956   -1.540  -2.599  1.00 17.26 ? 147  SER A O   1 
ATOM   1043 C CB  . SER A 1 151 ? 0.132   -3.123  -1.509  1.00 17.44 ? 147  SER A CB  1 
ATOM   1044 O OG  . SER A 1 151 ? 0.146   -1.749  -1.115  1.00 16.16 ? 147  SER A OG  1 
ATOM   1045 N N   . GLY A 1 152 ? 1.443   -2.151  -4.157  1.00 19.49 ? 148  GLY A N   1 
ATOM   1046 C CA  . GLY A 1 152 ? 1.491   -0.832  -4.836  1.00 19.20 ? 148  GLY A CA  1 
ATOM   1047 C C   . GLY A 1 152 ? 0.394   0.071   -4.270  1.00 20.46 ? 148  GLY A C   1 
ATOM   1048 O O   . GLY A 1 152 ? -0.130  -0.174  -3.180  1.00 19.16 ? 148  GLY A O   1 
ATOM   1049 N N   . PRO A 1 153 ? 0.037   1.125   -5.010  1.00 21.52 ? 149  PRO A N   1 
ATOM   1050 C CA  . PRO A 1 153 ? -0.994  2.052   -4.525  1.00 20.56 ? 149  PRO A CA  1 
ATOM   1051 C C   . PRO A 1 153 ? -2.343  1.312   -4.456  1.00 19.99 ? 149  PRO A C   1 
ATOM   1052 O O   . PRO A 1 153 ? -2.725  0.647   -5.428  1.00 20.09 ? 149  PRO A O   1 
ATOM   1053 C CB  . PRO A 1 153 ? -1.000  3.203   -5.582  1.00 22.93 ? 149  PRO A CB  1 
ATOM   1054 C CG  . PRO A 1 153 ? 0.344   3.054   -6.315  1.00 24.18 ? 149  PRO A CG  1 
ATOM   1055 C CD  . PRO A 1 153 ? 0.693   1.553   -6.267  1.00 23.42 ? 149  PRO A CD  1 
ATOM   1056 N N   . VAL A 1 154 ? -3.030  1.416   -3.331  1.00 18.23 ? 150  VAL A N   1 
ATOM   1057 C CA  . VAL A 1 154 ? -4.321  0.713   -3.133  1.00 16.85 ? 150  VAL A CA  1 
ATOM   1058 C C   . VAL A 1 154 ? -5.342  1.807   -2.808  1.00 18.48 ? 150  VAL A C   1 
ATOM   1059 O O   . VAL A 1 154 ? -5.148  2.626   -1.887  1.00 18.61 ? 150  VAL A O   1 
ATOM   1060 C CB  . VAL A 1 154 ? -4.253  -0.396  -2.068  1.00 17.16 ? 150  VAL A CB  1 
ATOM   1061 C CG1 . VAL A 1 154 ? -5.647  -0.959  -1.775  1.00 13.36 ? 150  VAL A CG1 1 
ATOM   1062 C CG2 . VAL A 1 154 ? -3.344  -1.547  -2.548  1.00 17.63 ? 150  VAL A CG2 1 
ATOM   1063 N N   . PHE A 1 155 ? -6.435  1.858   -3.575  1.00 18.29 ? 151  PHE A N   1 
ATOM   1064 C CA  . PHE A 1 155 ? -7.350  2.958   -3.422  1.00 20.55 ? 151  PHE A CA  1 
ATOM   1065 C C   . PHE A 1 155 ? -8.556  2.556   -2.582  1.00 19.58 ? 151  PHE A C   1 
ATOM   1066 O O   . PHE A 1 155 ? -9.204  1.544   -2.845  1.00 22.94 ? 151  PHE A O   1 
ATOM   1067 C CB  . PHE A 1 155 ? -7.856  3.385   -4.778  1.00 19.42 ? 151  PHE A CB  1 
ATOM   1068 C CG  . PHE A 1 155 ? -6.832  4.006   -5.605  1.00 21.59 ? 151  PHE A CG  1 
ATOM   1069 C CD1 . PHE A 1 155 ? -5.832  3.215   -6.194  1.00 23.99 ? 151  PHE A CD1 1 
ATOM   1070 C CD2 . PHE A 1 155 ? -6.874  5.380   -5.864  1.00 21.46 ? 151  PHE A CD2 1 
ATOM   1071 C CE1 . PHE A 1 155 ? -4.866  3.791   -7.028  1.00 25.11 ? 151  PHE A CE1 1 
ATOM   1072 C CE2 . PHE A 1 155 ? -5.891  5.954   -6.670  1.00 20.94 ? 151  PHE A CE2 1 
ATOM   1073 C CZ  . PHE A 1 155 ? -4.891  5.165   -7.247  1.00 21.91 ? 151  PHE A CZ  1 
ATOM   1074 N N   . THR A 1 156 ? -8.891  3.342   -1.566  1.00 21.50 ? 152  THR A N   1 
ATOM   1075 C CA  . THR A 1 156 ? -10.155 3.081   -0.863  1.00 20.94 ? 152  THR A CA  1 
ATOM   1076 C C   . THR A 1 156 ? -10.849 4.432   -0.711  1.00 22.63 ? 152  THR A C   1 
ATOM   1077 O O   . THR A 1 156 ? -10.292 5.471   -1.125  1.00 21.82 ? 152  THR A O   1 
ATOM   1078 C CB  . THR A 1 156 ? -9.935  2.510   0.535   1.00 22.29 ? 152  THR A CB  1 
ATOM   1079 O OG1 . THR A 1 156 ? -9.370  3.550   1.345   1.00 21.76 ? 152  THR A OG1 1 
ATOM   1080 C CG2 . THR A 1 156 ? -8.943  1.277   0.556   1.00 18.61 ? 152  THR A CG2 1 
ATOM   1081 N N   . ASP A 1 157 ? -12.020 4.467   -0.081  1.00 24.15 ? 153  ASP A N   1 
ATOM   1082 C CA  . ASP A 1 157 ? -12.656 5.777   0.215   1.00 26.63 ? 153  ASP A CA  1 
ATOM   1083 C C   . ASP A 1 157 ? -11.886 6.644   1.229   1.00 27.40 ? 153  ASP A C   1 
ATOM   1084 O O   . ASP A 1 157 ? -12.120 7.872   1.316   1.00 27.74 ? 153  ASP A O   1 
ATOM   1085 C CB  . ASP A 1 157 ? -14.058 5.506   0.746   1.00 28.01 ? 153  ASP A CB  1 
ATOM   1086 C CG  . ASP A 1 157 ? -15.035 5.116   -0.360  1.00 32.91 ? 153  ASP A CG  1 
ATOM   1087 O OD1 . ASP A 1 157 ? -14.727 5.265   -1.540  1.00 35.03 ? 153  ASP A OD1 1 
ATOM   1088 O OD2 . ASP A 1 157 ? -16.126 4.630   -0.044  1.00 43.59 ? 153  ASP A OD2 1 
ATOM   1089 N N   . SER A 1 158 ? -10.961 6.028   2.006   1.00 26.38 ? 154  SER A N   1 
ATOM   1090 C CA  . SER A 1 158 ? -10.080 6.812   2.918   1.00 25.08 ? 154  SER A CA  1 
ATOM   1091 C C   . SER A 1 158 ? -9.017  7.598   2.150   1.00 23.53 ? 154  SER A C   1 
ATOM   1092 O O   . SER A 1 158 ? -8.602  8.662   2.574   1.00 21.65 ? 154  SER A O   1 
ATOM   1093 C CB  . SER A 1 158 ? -9.377  5.875   3.890   1.00 24.45 ? 154  SER A CB  1 
ATOM   1094 O OG  . SER A 1 158 ? -10.380 5.202   4.635   1.00 30.63 ? 154  SER A OG  1 
ATOM   1095 N N   . GLY A 1 159 ? -8.544  7.048   1.033   1.00 21.30 ? 155  GLY A N   1 
ATOM   1096 C CA  . GLY A 1 159 ? -7.553  7.754   0.232   1.00 20.72 ? 155  GLY A CA  1 
ATOM   1097 C C   . GLY A 1 159 ? -6.716  6.701   -0.450  1.00 20.51 ? 155  GLY A C   1 
ATOM   1098 O O   . GLY A 1 159 ? -7.257  5.703   -0.926  1.00 21.26 ? 155  GLY A O   1 
ATOM   1099 N N   . ILE A 1 160 ? -5.405  6.898   -0.505  1.00 19.29 ? 156  ILE A N   1 
ATOM   1100 C CA  . ILE A 1 160 ? -4.519  5.937   -1.239  1.00 17.90 ? 156  ILE A CA  1 
ATOM   1101 C C   . ILE A 1 160 ? -3.547  5.347   -0.211  1.00 17.39 ? 156  ILE A C   1 
ATOM   1102 O O   . ILE A 1 160 ? -2.912  6.110   0.543   1.00 20.17 ? 156  ILE A O   1 
ATOM   1103 C CB  . ILE A 1 160 ? -3.722  6.621   -2.383  1.00 15.48 ? 156  ILE A CB  1 
ATOM   1104 C CG1 . ILE A 1 160 ? -4.674  7.384   -3.330  1.00 19.09 ? 156  ILE A CG1 1 
ATOM   1105 C CG2 . ILE A 1 160 ? -2.994  5.535   -3.265  1.00 18.21 ? 156  ILE A CG2 1 
ATOM   1106 C CD1 . ILE A 1 160 ? -3.989  8.161   -4.433  1.00 17.41 ? 156  ILE A CD1 1 
ATOM   1107 N N   . HIS A 1 161 ? -3.367  4.036   -0.264  1.00 16.80 ? 157  HIS A N   1 
ATOM   1108 C CA  . HIS A 1 161 ? -2.555  3.298   0.737   1.00 16.13 ? 157  HIS A CA  1 
ATOM   1109 C C   . HIS A 1 161 ? -1.336  2.562   0.107   1.00 17.57 ? 157  HIS A C   1 
ATOM   1110 O O   . HIS A 1 161 ? -1.383  2.170   -1.059  1.00 16.58 ? 157  HIS A O   1 
ATOM   1111 C CB  . HIS A 1 161 ? -3.389  2.215   1.381   1.00 16.63 ? 157  HIS A CB  1 
ATOM   1112 C CG  . HIS A 1 161 ? -4.687  2.687   1.999   1.00 20.02 ? 157  HIS A CG  1 
ATOM   1113 N ND1 . HIS A 1 161 ? -4.873  2.731   3.355   1.00 20.46 ? 157  HIS A ND1 1 
ATOM   1114 C CD2 . HIS A 1 161 ? -5.903  2.972   1.443   1.00 20.37 ? 157  HIS A CD2 1 
ATOM   1115 C CE1 . HIS A 1 161 ? -6.138  3.061   3.634   1.00 19.68 ? 157  HIS A CE1 1 
ATOM   1116 N NE2 . HIS A 1 161 ? -6.776  3.254   2.481   1.00 20.48 ? 157  HIS A NE2 1 
ATOM   1117 N N   . ILE A 1 162 ? -0.247  2.489   0.891   1.00 17.14 ? 158  ILE A N   1 
ATOM   1118 C CA  . ILE A 1 162 ? 0.768   1.481   0.690   1.00 17.65 ? 158  ILE A CA  1 
ATOM   1119 C C   . ILE A 1 162 ? 0.644   0.537   1.841   1.00 18.12 ? 158  ILE A C   1 
ATOM   1120 O O   . ILE A 1 162 ? 0.590   0.970   3.000   1.00 20.31 ? 158  ILE A O   1 
ATOM   1121 C CB  . ILE A 1 162 ? 2.202   2.055   0.742   1.00 17.90 ? 158  ILE A CB  1 
ATOM   1122 C CG1 . ILE A 1 162 ? 2.401   3.103   -0.359  1.00 20.55 ? 158  ILE A CG1 1 
ATOM   1123 C CG2 . ILE A 1 162 ? 3.133   0.873   0.384   1.00 19.90 ? 158  ILE A CG2 1 
ATOM   1124 C CD1 . ILE A 1 162 ? 3.632   4.101   -0.096  1.00 20.63 ? 158  ILE A CD1 1 
ATOM   1125 N N   . ILE A 1 163 ? 0.553   -0.738  1.539   1.00 17.41 ? 159  ILE A N   1 
ATOM   1126 C CA  . ILE A 1 163 ? 0.349   -1.728  2.610   1.00 18.95 ? 159  ILE A CA  1 
ATOM   1127 C C   . ILE A 1 163 ? 1.518   -2.654  2.694   1.00 19.41 ? 159  ILE A C   1 
ATOM   1128 O O   . ILE A 1 163 ? 1.991   -3.179  1.653   1.00 17.99 ? 159  ILE A O   1 
ATOM   1129 C CB  . ILE A 1 163 ? -0.958  -2.591  2.325   1.00 17.12 ? 159  ILE A CB  1 
ATOM   1130 C CG1 . ILE A 1 163 ? -2.134  -1.609  2.102   1.00 19.92 ? 159  ILE A CG1 1 
ATOM   1131 C CG2 . ILE A 1 163 ? -1.264  -3.537  3.461   1.00 15.15 ? 159  ILE A CG2 1 
ATOM   1132 C CD1 . ILE A 1 163 ? -3.489  -2.266  1.483   1.00 18.06 ? 159  ILE A CD1 1 
ATOM   1133 N N   . LEU A 1 164 ? 1.941   -2.890  3.940   1.00 19.35 ? 160  LEU A N   1 
ATOM   1134 C CA  . LEU A 1 164 ? 3.061   -3.841  4.177   1.00 17.98 ? 160  LEU A CA  1 
ATOM   1135 C C   . LEU A 1 164 ? 2.481   -4.965  4.997   1.00 18.31 ? 160  LEU A C   1 
ATOM   1136 O O   . LEU A 1 164 ? 1.970   -4.769  6.085   1.00 17.84 ? 160  LEU A O   1 
ATOM   1137 C CB  . LEU A 1 164 ? 4.148   -3.165  4.965   1.00 17.68 ? 160  LEU A CB  1 
ATOM   1138 C CG  . LEU A 1 164 ? 5.416   -4.040  5.267   1.00 16.20 ? 160  LEU A CG  1 
ATOM   1139 C CD1 . LEU A 1 164 ? 6.172   -4.588  3.974   1.00 19.50 ? 160  LEU A CD1 1 
ATOM   1140 C CD2 . LEU A 1 164 ? 6.393   -3.278  6.146   1.00 22.66 ? 160  LEU A CD2 1 
ATOM   1141 N N   . ARG A 1 165 ? 2.486   -6.175  4.466   1.00 20.06 ? 161  ARG A N   1 
ATOM   1142 C CA  . ARG A 1 165 ? 2.036   -7.287  5.289   1.00 20.62 ? 161  ARG A CA  1 
ATOM   1143 C C   . ARG A 1 165 ? 3.182   -7.803  6.180   1.00 21.07 ? 161  ARG A C   1 
ATOM   1144 O O   . ARG A 1 165 ? 4.247   -8.137  5.671   1.00 20.92 ? 161  ARG A O   1 
ATOM   1145 C CB  . ARG A 1 165 ? 1.506   -8.414  4.408   1.00 20.31 ? 161  ARG A CB  1 
ATOM   1146 C CG  . ARG A 1 165 ? 1.188   -9.633  5.324   1.00 25.02 ? 161  ARG A CG  1 
ATOM   1147 C CD  . ARG A 1 165 ? 0.515   -10.789 4.561   1.00 28.19 ? 161  ARG A CD  1 
ATOM   1148 N NE  . ARG A 1 165 ? 0.404   -11.955 5.442   1.00 31.75 ? 161  ARG A NE  1 
ATOM   1149 C CZ  . ARG A 1 165 ? 0.372   -13.231 5.012   1.00 33.59 ? 161  ARG A CZ  1 
ATOM   1150 N NH1 . ARG A 1 165 ? 0.394   -13.523 3.710   1.00 30.86 ? 161  ARG A NH1 1 
ATOM   1151 N NH2 . ARG A 1 165 ? 0.266   -14.230 5.904   1.00 29.06 ? 161  ARG A NH2 1 
ATOM   1152 N N   . THR A 1 166 ? 2.985   -7.818  7.488   1.00 23.81 ? 162  THR A N   1 
ATOM   1153 C CA  . THR A 1 166 ? 4.089   -8.164  8.338   1.00 25.85 ? 162  THR A CA  1 
ATOM   1154 C C   . THR A 1 166 ? 3.953   -9.535  8.994   1.00 27.54 ? 162  THR A C   1 
ATOM   1155 O O   . THR A 1 166 ? 4.915   -10.003 9.552   1.00 28.32 ? 162  THR A O   1 
ATOM   1156 C CB  . THR A 1 166 ? 4.275   -7.124  9.426   1.00 27.16 ? 162  THR A CB  1 
ATOM   1157 O OG1 . THR A 1 166 ? 3.080   -7.085  10.200  1.00 25.28 ? 162  THR A OG1 1 
ATOM   1158 C CG2 . THR A 1 166 ? 4.584   -5.774  8.830   1.00 26.13 ? 162  THR A CG2 1 
ATOM   1159 N N   . GLU A 1 167 ? 2.766   -10.150 8.966   1.00 27.81 ? 163  GLU A N   1 
ATOM   1160 C CA  . GLU A 1 167 ? 2.560   -11.507 9.543   1.00 30.70 ? 163  GLU A CA  1 
ATOM   1161 C C   . GLU A 1 167 ? 1.421   -12.117 8.829   1.00 30.89 ? 163  GLU A C   1 
ATOM   1162 O O   . GLU A 1 167 ? 0.555   -11.376 8.320   1.00 30.19 ? 163  GLU A O   1 
ATOM   1163 C CB  . GLU A 1 167 ? 2.140   -11.447 11.037  1.00 30.20 ? 163  GLU A CB  1 
ATOM   1164 C CG  . GLU A 1 167 ? 3.206   -10.862 11.961  1.00 33.57 ? 163  GLU A CG  1 
ATOM   1165 C CD  . GLU A 1 167 ? 2.786   -10.828 13.441  1.00 38.47 ? 163  GLU A CD  1 
ATOM   1166 O OE1 . GLU A 1 167 ? 1.745   -11.431 13.794  1.00 37.94 ? 163  GLU A OE1 1 
ATOM   1167 O OE2 . GLU A 1 167 ? 3.522   -10.190 14.235  1.00 40.71 ? 163  GLU A OE2 1 
ATOM   1168 O OXT . GLU A 1 167 ? 1.306   -13.339 8.771   1.00 31.27 ? 163  GLU A OXT 1 
HETATM 1169 C C36 . 12P B 2 .   ? 5.159   -0.443  -13.898 1.00 39.82 ? 1164 12P A C36 1 
HETATM 1170 C C35 . 12P B 2 .   ? 5.680   -1.880  -14.011 1.00 47.96 ? 1164 12P A C35 1 
HETATM 1171 O O34 . 12P B 2 .   ? 6.791   -2.165  -14.912 1.00 46.82 ? 1164 12P A O34 1 
HETATM 1172 C C33 . 12P B 2 .   ? 8.051   -2.372  -14.284 1.00 40.26 ? 1164 12P A C33 1 
HETATM 1173 C C32 . 12P B 2 .   ? 8.446   -3.810  -13.943 1.00 38.00 ? 1164 12P A C32 1 
HETATM 1174 O O31 . 12P B 2 .   ? 9.469   -3.626  -12.950 1.00 35.98 ? 1164 12P A O31 1 
HETATM 1175 C C30 . 12P B 2 .   ? 9.548   -4.290  -11.680 1.00 34.52 ? 1164 12P A C30 1 
HETATM 1176 C C29 . 12P B 2 .   ? 10.357  -3.416  -10.687 1.00 36.21 ? 1164 12P A C29 1 
HETATM 1177 O O28 . 12P B 2 .   ? 9.849   -2.089  -10.501 1.00 34.69 ? 1164 12P A O28 1 
HETATM 1178 C C27 . 12P B 2 .   ? 10.379  -1.312  -9.416  1.00 31.10 ? 1164 12P A C27 1 
HETATM 1179 C C26 . 12P B 2 .   ? 9.534   -0.064  -9.143  1.00 33.51 ? 1164 12P A C26 1 
HETATM 1180 O O25 . 12P B 2 .   ? 8.334   -0.397  -8.474  1.00 34.89 ? 1164 12P A O25 1 
HETATM 1181 C C24 . 12P B 2 .   ? 7.315   0.617   -8.396  1.00 35.79 ? 1164 12P A C24 1 
HETATM 1182 C C23 . 12P B 2 .   ? 5.953   -0.046  -8.165  1.00 33.28 ? 1164 12P A C23 1 
HETATM 1183 O O22 . 12P B 2 .   ? 5.996   -0.924  -7.004  1.00 30.58 ? 1164 12P A O22 1 
HETATM 1184 C C21 . 12P B 2 .   ? 4.745   -1.374  -6.496  1.00 28.87 ? 1164 12P A C21 1 
HETATM 1185 C C20 . 12P B 2 .   ? 5.072   -2.685  -5.759  1.00 26.87 ? 1164 12P A C20 1 
HETATM 1186 C C10 . 4G5 C 3 .   ? -7.192  2.651   8.559   1.00 50.88 ? 1165 4G5 A C10 1 
HETATM 1187 C C11 . 4G5 C 3 .   ? -6.900  1.329   8.219   1.00 51.67 ? 1165 4G5 A C11 1 
HETATM 1188 C C12 . 4G5 C 3 .   ? -7.270  0.813   6.970   1.00 50.20 ? 1165 4G5 A C12 1 
HETATM 1189 C C13 . 4G5 C 3 .   ? -7.938  1.638   6.063   1.00 51.41 ? 1165 4G5 A C13 1 
HETATM 1190 C C14 . 4G5 C 3 .   ? -8.219  2.975   6.392   1.00 50.58 ? 1165 4G5 A C14 1 
HETATM 1191 C C9  . 4G5 C 3 .   ? -7.819  3.489   7.625   1.00 51.75 ? 1165 4G5 A C9  1 
HETATM 1192 C C5  . 4G5 C 3 .   ? -8.148  4.801   7.972   1.00 53.29 ? 1165 4G5 A C5  1 
HETATM 1193 N N1  . 4G5 C 3 .   ? -9.224  5.396   7.449   1.00 53.94 ? 1165 4G5 A N1  1 
HETATM 1194 N N4  . 4G5 C 3 .   ? -7.563  5.647   8.865   1.00 54.73 ? 1165 4G5 A N4  1 
HETATM 1195 C C3  . 4G5 C 3 .   ? -8.289  6.787   8.868   1.00 54.26 ? 1165 4G5 A C3  1 
HETATM 1196 C C15 . 4G5 C 3 .   ? -8.024  8.047   9.727   1.00 53.33 ? 1165 4G5 A C15 1 
HETATM 1197 O O17 . 4G5 C 3 .   ? -7.244  8.007   10.702  1.00 48.46 ? 1165 4G5 A O17 1 
HETATM 1198 O O16 . 4G5 C 3 .   ? -8.666  9.079   9.467   1.00 51.60 ? 1165 4G5 A O16 1 
HETATM 1199 C C2  . 4G5 C 3 .   ? -9.350  6.609   7.970   1.00 55.52 ? 1165 4G5 A C2  1 
HETATM 1200 C C6  . 4G5 C 3 .   ? -10.533 7.506   7.517   1.00 60.08 ? 1165 4G5 A C6  1 
HETATM 1201 O O8  . 4G5 C 3 .   ? -10.315 8.472   6.792   1.00 58.88 ? 1165 4G5 A O8  1 
HETATM 1202 N N7  . 4G5 C 3 .   ? -11.787 7.082   7.842   1.00 65.27 ? 1165 4G5 A N7  1 
HETATM 1203 C C22 . 4G5 C 3 .   ? -11.936 5.882   8.725   1.00 64.33 ? 1165 4G5 A C22 1 
HETATM 1204 C C18 . 4G5 C 3 .   ? -12.973 7.815   7.336   1.00 69.69 ? 1165 4G5 A C18 1 
HETATM 1205 C C19 . 4G5 C 3 .   ? -13.736 6.933   6.273   1.00 73.63 ? 1165 4G5 A C19 1 
HETATM 1206 O O21 . 4G5 C 3 .   ? -13.158 6.181   5.467   1.00 72.53 ? 1165 4G5 A O21 1 
HETATM 1207 N N20 . 4G5 C 3 .   ? -15.072 7.059   6.310   1.00 75.33 ? 1165 4G5 A N20 1 
HETATM 1208 O O   . HOH D 4 .   ? -3.469  -17.820 -8.395  1.00 43.97 ? 2001 HOH A O   1 
HETATM 1209 O O   . HOH D 4 .   ? 1.984   -14.374 -4.552  1.00 45.29 ? 2002 HOH A O   1 
HETATM 1210 O O   . HOH D 4 .   ? 2.649   -6.105  -20.744 1.00 53.64 ? 2003 HOH A O   1 
HETATM 1211 O O   . HOH D 4 .   ? 5.423   -0.990  -18.255 1.00 44.79 ? 2004 HOH A O   1 
HETATM 1212 O O   . HOH D 4 .   ? 0.087   3.223   -21.795 1.00 59.66 ? 2005 HOH A O   1 
HETATM 1213 O O   . HOH D 4 .   ? 5.368   1.290   -11.818 1.00 54.58 ? 2006 HOH A O   1 
HETATM 1214 O O   . HOH D 4 .   ? -5.285  9.942   -10.526 1.00 44.96 ? 2007 HOH A O   1 
HETATM 1215 O O   . HOH D 4 .   ? 16.279  -5.313  -13.755 1.00 45.95 ? 2008 HOH A O   1 
HETATM 1216 O O   . HOH D 4 .   ? 14.976  -4.732  -16.988 1.00 45.92 ? 2009 HOH A O   1 
HETATM 1217 O O   . HOH D 4 .   ? 16.199  -5.784  -11.764 1.00 33.34 ? 2010 HOH A O   1 
HETATM 1218 O O   . HOH D 4 .   ? 11.918  -11.050 -15.348 1.00 39.86 ? 2011 HOH A O   1 
HETATM 1219 O O   . HOH D 4 .   ? 12.162  -11.265 -20.091 1.00 41.82 ? 2012 HOH A O   1 
HETATM 1220 O O   . HOH D 4 .   ? 1.248   -2.450  -14.412 1.00 49.44 ? 2013 HOH A O   1 
HETATM 1221 O O   . HOH D 4 .   ? 10.927  -17.645 -14.277 1.00 44.31 ? 2014 HOH A O   1 
HETATM 1222 O O   . HOH D 4 .   ? -1.564  -12.635 12.651  1.00 37.81 ? 2015 HOH A O   1 
HETATM 1223 O O   . HOH D 4 .   ? 1.430   11.067  17.287  1.00 49.50 ? 2016 HOH A O   1 
HETATM 1224 O O   . HOH D 4 .   ? -8.666  -6.237  -7.817  1.00 40.63 ? 2017 HOH A O   1 
HETATM 1225 O O   . HOH D 4 .   ? -5.452  -3.346  -9.757  1.00 19.43 ? 2018 HOH A O   1 
HETATM 1226 O O   . HOH D 4 .   ? -7.488  -4.661  -3.810  1.00 22.48 ? 2019 HOH A O   1 
HETATM 1227 O O   . HOH D 4 .   ? 1.410   -8.821  -4.460  1.00 24.50 ? 2020 HOH A O   1 
HETATM 1228 O O   . HOH D 4 .   ? 2.850   -1.556  -9.767  1.00 33.31 ? 2021 HOH A O   1 
HETATM 1229 O O   . HOH D 4 .   ? 7.172   -1.661  -11.349 1.00 42.00 ? 2022 HOH A O   1 
HETATM 1230 O O   . HOH D 4 .   ? 11.713  -6.335  -8.928  1.00 34.03 ? 2023 HOH A O   1 
HETATM 1231 O O   . HOH D 4 .   ? -6.629  11.840  -11.250 1.00 47.23 ? 2024 HOH A O   1 
HETATM 1232 O O   . HOH D 4 .   ? 4.782   14.914  -5.410  1.00 45.29 ? 2025 HOH A O   1 
HETATM 1233 O O   . HOH D 4 .   ? 3.250   -20.256 -3.978  1.00 60.21 ? 2026 HOH A O   1 
HETATM 1234 O O   . HOH D 4 .   ? 10.386  11.487  1.269   1.00 47.01 ? 2027 HOH A O   1 
HETATM 1235 O O   . HOH D 4 .   ? 7.494   -16.517 -3.603  1.00 48.78 ? 2028 HOH A O   1 
HETATM 1236 O O   . HOH D 4 .   ? 13.925  7.253   -5.262  1.00 42.94 ? 2029 HOH A O   1 
HETATM 1237 O O   . HOH D 4 .   ? -9.015  -15.739 5.473   1.00 45.71 ? 2030 HOH A O   1 
HETATM 1238 O O   . HOH D 4 .   ? -10.133 -14.454 7.148   1.00 38.75 ? 2031 HOH A O   1 
HETATM 1239 O O   . HOH D 4 .   ? -1.026  -14.246 9.855   1.00 46.87 ? 2032 HOH A O   1 
HETATM 1240 O O   . HOH D 4 .   ? 1.445   11.184  14.625  1.00 30.51 ? 2033 HOH A O   1 
HETATM 1241 O O   . HOH D 4 .   ? 4.835   -0.858  11.057  1.00 25.42 ? 2034 HOH A O   1 
HETATM 1242 O O   . HOH D 4 .   ? -11.321 0.730   7.678   1.00 55.07 ? 2035 HOH A O   1 
HETATM 1243 O O   . HOH D 4 .   ? -9.147  -11.147 -3.769  1.00 44.02 ? 2036 HOH A O   1 
HETATM 1244 O O   . HOH D 4 .   ? -8.881  7.131   -3.135  1.00 28.09 ? 2037 HOH A O   1 
HETATM 1245 O O   . HOH D 4 .   ? -14.020 14.896  0.466   1.00 43.90 ? 2038 HOH A O   1 
HETATM 1246 O O   . HOH D 4 .   ? -14.082 8.553   -1.115  1.00 39.34 ? 2039 HOH A O   1 
HETATM 1247 O O   . HOH D 4 .   ? -11.478 19.231  5.567   1.00 43.38 ? 2040 HOH A O   1 
HETATM 1248 O O   . HOH D 4 .   ? 7.003   -5.185  11.152  1.00 47.92 ? 2041 HOH A O   1 
HETATM 1249 O O   . HOH D 4 .   ? -5.268  11.542  11.524  1.00 33.65 ? 2042 HOH A O   1 
HETATM 1250 O O   . HOH D 4 .   ? 0.429   17.658  5.231   1.00 39.56 ? 2043 HOH A O   1 
HETATM 1251 O O   . HOH D 4 .   ? -3.328  18.542  1.175   1.00 34.99 ? 2044 HOH A O   1 
HETATM 1252 O O   . HOH D 4 .   ? -10.943 20.777  11.885  1.00 45.78 ? 2045 HOH A O   1 
HETATM 1253 O O   . HOH D 4 .   ? -5.238  24.140  11.234  1.00 43.33 ? 2046 HOH A O   1 
HETATM 1254 O O   . HOH D 4 .   ? -3.286  22.091  9.627   1.00 34.67 ? 2047 HOH A O   1 
HETATM 1255 O O   . HOH D 4 .   ? -4.787  22.913  4.196   1.00 45.61 ? 2048 HOH A O   1 
HETATM 1256 O O   . HOH D 4 .   ? -5.405  22.999  6.876   1.00 30.46 ? 2049 HOH A O   1 
HETATM 1257 O O   . HOH D 4 .   ? -13.728 22.310  0.298   1.00 46.67 ? 2050 HOH A O   1 
HETATM 1258 O O   . HOH D 4 .   ? -10.689 19.388  1.070   1.00 40.64 ? 2051 HOH A O   1 
HETATM 1259 O O   . HOH D 4 .   ? 0.371   17.544  -0.793  1.00 34.73 ? 2052 HOH A O   1 
HETATM 1260 O O   . HOH D 4 .   ? 2.647   15.801  2.055   1.00 38.23 ? 2053 HOH A O   1 
HETATM 1261 O O   . HOH D 4 .   ? -3.926  17.386  -9.987  1.00 34.48 ? 2054 HOH A O   1 
HETATM 1262 O O   . HOH D 4 .   ? -9.008  15.045  -6.148  1.00 37.56 ? 2055 HOH A O   1 
HETATM 1263 O O   . HOH D 4 .   ? -10.015 6.815   -8.024  1.00 34.51 ? 2056 HOH A O   1 
HETATM 1264 O O   . HOH D 4 .   ? -7.019  14.206  -9.298  1.00 29.97 ? 2057 HOH A O   1 
HETATM 1265 O O   . HOH D 4 .   ? -0.108  11.182  -10.088 1.00 34.53 ? 2058 HOH A O   1 
HETATM 1266 O O   . HOH D 4 .   ? 2.078   15.444  -5.439  1.00 25.71 ? 2059 HOH A O   1 
HETATM 1267 O O   . HOH D 4 .   ? 6.646   12.676  -4.715  1.00 38.52 ? 2060 HOH A O   1 
HETATM 1268 O O   . HOH D 4 .   ? 5.790   10.635  -7.898  1.00 44.16 ? 2061 HOH A O   1 
HETATM 1269 O O   . HOH D 4 .   ? 6.635   11.386  -2.388  1.00 29.97 ? 2062 HOH A O   1 
HETATM 1270 O O   . HOH D 4 .   ? 6.411   3.761   -7.609  1.00 31.38 ? 2063 HOH A O   1 
HETATM 1271 O O   . HOH D 4 .   ? 4.190   2.583   -7.685  1.00 38.30 ? 2064 HOH A O   1 
HETATM 1272 O O   . HOH D 4 .   ? 3.863   9.569   -9.980  1.00 46.94 ? 2065 HOH A O   1 
HETATM 1273 O O   . HOH D 4 .   ? 2.320   13.168  1.869   1.00 29.29 ? 2066 HOH A O   1 
HETATM 1274 O O   . HOH D 4 .   ? 6.250   14.338  1.721   1.00 35.80 ? 2067 HOH A O   1 
HETATM 1275 O O   . HOH D 4 .   ? 9.286   10.700  -1.658  1.00 46.08 ? 2068 HOH A O   1 
HETATM 1276 O O   . HOH D 4 .   ? 13.122  -0.370  2.334   1.00 30.65 ? 2069 HOH A O   1 
HETATM 1277 O O   . HOH D 4 .   ? 13.255  -3.298  -3.892  1.00 29.88 ? 2070 HOH A O   1 
HETATM 1278 O O   . HOH D 4 .   ? 10.193  -4.610  -7.172  1.00 38.11 ? 2071 HOH A O   1 
HETATM 1279 O O   . HOH D 4 .   ? 15.443  6.413   -3.803  1.00 38.27 ? 2072 HOH A O   1 
HETATM 1280 O O   . HOH D 4 .   ? 14.054  6.322   6.317   1.00 49.76 ? 2073 HOH A O   1 
HETATM 1281 O O   . HOH D 4 .   ? 14.741  10.687  1.312   1.00 46.29 ? 2074 HOH A O   1 
HETATM 1282 O O   . HOH D 4 .   ? 11.900  3.720   11.177  1.00 53.98 ? 2075 HOH A O   1 
HETATM 1283 O O   . HOH D 4 .   ? 10.936  -0.770  4.144   1.00 34.78 ? 2076 HOH A O   1 
HETATM 1284 O O   . HOH D 4 .   ? 3.762   9.976   13.681  1.00 29.08 ? 2077 HOH A O   1 
HETATM 1285 O O   . HOH D 4 .   ? 6.028   5.910   14.795  1.00 30.57 ? 2078 HOH A O   1 
HETATM 1286 O O   . HOH D 4 .   ? 9.148   14.676  8.650   1.00 28.63 ? 2079 HOH A O   1 
HETATM 1287 O O   . HOH D 4 .   ? 0.168   12.485  3.623   1.00 27.73 ? 2080 HOH A O   1 
HETATM 1288 O O   . HOH D 4 .   ? -0.263  4.828   8.909   1.00 18.05 ? 2081 HOH A O   1 
HETATM 1289 O O   . HOH D 4 .   ? -1.392  15.673  4.814   1.00 26.17 ? 2082 HOH A O   1 
HETATM 1290 O O   . HOH D 4 .   ? -5.136  7.578   18.017  1.00 48.41 ? 2083 HOH A O   1 
HETATM 1291 O O   . HOH D 4 .   ? 5.080   -3.275  17.049  1.00 45.93 ? 2084 HOH A O   1 
HETATM 1292 O O   . HOH D 4 .   ? 7.587   4.436   16.739  1.00 24.43 ? 2085 HOH A O   1 
HETATM 1293 O O   . HOH D 4 .   ? 10.130  -0.384  13.114  1.00 53.95 ? 2086 HOH A O   1 
HETATM 1294 O O   . HOH D 4 .   ? 9.595   4.788   12.278  1.00 40.90 ? 2087 HOH A O   1 
HETATM 1295 O O   . HOH D 4 .   ? 2.361   -4.549  11.075  1.00 22.85 ? 2088 HOH A O   1 
HETATM 1296 O O   . HOH D 4 .   ? -14.531 -6.131  4.532   1.00 32.32 ? 2089 HOH A O   1 
HETATM 1297 O O   . HOH D 4 .   ? -13.384 1.544   0.141   1.00 34.79 ? 2090 HOH A O   1 
HETATM 1298 O O   . HOH D 4 .   ? -10.025 -0.183  5.922   1.00 47.50 ? 2091 HOH A O   1 
HETATM 1299 O O   . HOH D 4 .   ? -15.655 -2.267  1.581   1.00 51.06 ? 2092 HOH A O   1 
HETATM 1300 O O   . HOH D 4 .   ? -10.833 -7.251  6.529   1.00 24.13 ? 2093 HOH A O   1 
HETATM 1301 O O   . HOH D 4 .   ? -7.249  -11.136 -1.479  1.00 29.88 ? 2094 HOH A O   1 
HETATM 1302 O O   . HOH D 4 .   ? -12.972 -10.171 -1.085  1.00 46.13 ? 2095 HOH A O   1 
HETATM 1303 O O   . HOH D 4 .   ? -5.709  -13.737 -2.007  1.00 41.66 ? 2096 HOH A O   1 
HETATM 1304 O O   . HOH D 4 .   ? 1.333   -11.359 -3.374  1.00 26.95 ? 2097 HOH A O   1 
HETATM 1305 O O   . HOH D 4 .   ? -1.193  -13.826 -3.728  1.00 37.92 ? 2098 HOH A O   1 
HETATM 1306 O O   . HOH D 4 .   ? 7.808   -13.732 2.129   1.00 56.10 ? 2099 HOH A O   1 
HETATM 1307 O O   . HOH D 4 .   ? 3.547   -15.478 2.945   1.00 37.66 ? 2100 HOH A O   1 
HETATM 1308 O O   . HOH D 4 .   ? 8.595   -5.415  1.319   1.00 36.59 ? 2101 HOH A O   1 
HETATM 1309 O O   . HOH D 4 .   ? 5.895   -7.979  -4.872  1.00 46.97 ? 2102 HOH A O   1 
HETATM 1310 O O   . HOH D 4 .   ? 6.108   -4.909  -3.908  1.00 31.07 ? 2103 HOH A O   1 
HETATM 1311 O O   . HOH D 4 .   ? -6.857  -0.135  -5.549  1.00 22.30 ? 2104 HOH A O   1 
HETATM 1312 O O   . HOH D 4 .   ? 4.417   -5.057  12.706  1.00 33.02 ? 2105 HOH A O   1 
HETATM 1313 O O   . HOH D 4 .   ? 0.183   -10.371 15.721  1.00 54.00 ? 2106 HOH A O   1 
HETATM 1314 O O   . HOH D 4 .   ? 10.360  -0.780  -13.003 1.00 44.25 ? 2107 HOH A O   1 
HETATM 1315 O O   . HOH D 4 .   ? -10.730 9.638   4.691   1.00 24.02 ? 2108 HOH A O   1 
# 
loop_
_pdbx_poly_seq_scheme.asym_id 
_pdbx_poly_seq_scheme.entity_id 
_pdbx_poly_seq_scheme.seq_id 
_pdbx_poly_seq_scheme.mon_id 
_pdbx_poly_seq_scheme.ndb_seq_num 
_pdbx_poly_seq_scheme.pdb_seq_num 
_pdbx_poly_seq_scheme.auth_seq_num 
_pdbx_poly_seq_scheme.pdb_mon_id 
_pdbx_poly_seq_scheme.auth_mon_id 
_pdbx_poly_seq_scheme.pdb_strand_id 
_pdbx_poly_seq_scheme.pdb_ins_code 
_pdbx_poly_seq_scheme.hetero 
A 1 1   GLY 1   -3  ?   ?   ?   A . n 
A 1 2   SER 2   -2  ?   ?   ?   A . n 
A 1 3   HIS 3   -1  ?   ?   ?   A . n 
A 1 4   GLY 4   0   ?   ?   ?   A . n 
A 1 5   MET 5   1   ?   ?   ?   A . n 
A 1 6   ALA 6   2   ?   ?   ?   A . n 
A 1 7   ASP 7   3   ?   ?   ?   A . n 
A 1 8   GLU 8   4   ?   ?   ?   A . n 
A 1 9   GLU 9   5   ?   ?   ?   A . n 
A 1 10  LYS 10  6   ?   ?   ?   A . n 
A 1 11  LEU 11  7   7   LEU LEU A . n 
A 1 12  PRO 12  8   8   PRO PRO A . n 
A 1 13  PRO 13  9   9   PRO PRO A . n 
A 1 14  GLY 14  10  10  GLY GLY A . n 
A 1 15  TRP 15  11  11  TRP TRP A . n 
A 1 16  GLU 16  12  12  GLU GLU A . n 
A 1 17  LYS 17  13  13  LYS LYS A . n 
A 1 18  ALA 18  14  14  ALA ALA A . n 
A 1 19  MET 19  15  15  MET MET A . n 
A 1 20  SER 20  16  16  SER SER A . n 
A 1 21  ARG 21  17  17  ARG ARG A . n 
A 1 22  SER 22  18  18  SER SER A . n 
A 1 23  SER 23  19  19  SER SER A . n 
A 1 24  GLY 24  20  20  GLY GLY A . n 
A 1 25  ARG 25  21  21  ARG ARG A . n 
A 1 26  VAL 26  22  22  VAL VAL A . n 
A 1 27  TYR 27  23  23  TYR TYR A . n 
A 1 28  TYR 28  24  24  TYR TYR A . n 
A 1 29  PHE 29  25  25  PHE PHE A . n 
A 1 30  ASN 30  26  26  ASN ASN A . n 
A 1 31  HIS 31  27  27  HIS HIS A . n 
A 1 32  ILE 32  28  28  ILE ILE A . n 
A 1 33  THR 33  29  29  THR THR A . n 
A 1 34  ASN 34  30  30  ASN ASN A . n 
A 1 35  ALA 35  31  31  ALA ALA A . n 
A 1 36  SER 36  32  32  SER SER A . n 
A 1 37  GLN 37  33  33  GLN GLN A . n 
A 1 38  TRP 38  34  34  TRP TRP A . n 
A 1 39  GLU 39  35  35  GLU GLU A . n 
A 1 40  ARG 40  36  36  ARG ARG A . n 
A 1 41  PRO 41  37  37  PRO PRO A . n 
A 1 42  SER 42  38  38  SER SER A . n 
A 1 43  GLY 43  39  39  GLY GLY A . n 
A 1 44  ASN 44  40  ?   ?   ?   A . n 
A 1 45  SER 45  41  ?   ?   ?   A . n 
A 1 46  SER 46  42  ?   ?   ?   A . n 
A 1 47  SER 47  43  ?   ?   ?   A . n 
A 1 48  GLY 48  44  ?   ?   ?   A . n 
A 1 49  GLY 49  45  ?   ?   ?   A . n 
A 1 50  LYS 50  46  ?   ?   ?   A . n 
A 1 51  ASN 51  47  ?   ?   ?   A . n 
A 1 52  GLY 52  48  ?   ?   ?   A . n 
A 1 53  GLN 53  49  ?   ?   ?   A . n 
A 1 54  GLY 54  50  ?   ?   ?   A . n 
A 1 55  GLU 55  51  51  GLU GLU A . n 
A 1 56  PRO 56  52  52  PRO PRO A . n 
A 1 57  ALA 57  53  53  ALA ALA A . n 
A 1 58  ARG 58  54  54  ARG ARG A . n 
A 1 59  VAL 59  55  55  VAL VAL A . n 
A 1 60  ARG 60  56  56  ARG ARG A . n 
A 1 61  CYS 61  57  57  CYS CYS A . n 
A 1 62  SER 62  58  58  SER SER A . n 
A 1 63  HIS 63  59  59  HIS HIS A . n 
A 1 64  LEU 64  60  60  LEU LEU A . n 
A 1 65  LEU 65  61  61  LEU LEU A . n 
A 1 66  VAL 66  62  62  VAL VAL A . n 
A 1 67  LYS 67  63  63  LYS LYS A . n 
A 1 68  HIS 68  64  64  HIS HIS A . n 
A 1 69  SER 69  65  65  SER SER A . n 
A 1 70  GLN 70  66  66  GLN GLN A . n 
A 1 71  SER 71  67  67  SER SER A . n 
A 1 72  ARG 72  68  68  ARG ARG A . n 
A 1 73  ARG 73  69  69  ARG ARG A . n 
A 1 74  PRO 74  70  70  PRO PRO A . n 
A 1 75  SER 75  71  71  SER SER A . n 
A 1 76  SER 76  72  72  SER SER A . n 
A 1 77  TRP 77  73  73  TRP TRP A . n 
A 1 78  ARG 78  74  74  ARG ARG A . n 
A 1 79  GLN 79  75  75  GLN GLN A . n 
A 1 80  GLU 80  76  76  GLU GLU A . n 
A 1 81  LYS 81  77  77  LYS LYS A . n 
A 1 82  ILE 82  78  78  ILE ILE A . n 
A 1 83  THR 83  79  79  THR THR A . n 
A 1 84  ARG 84  80  80  ARG ARG A . n 
A 1 85  THR 85  81  81  THR THR A . n 
A 1 86  LYS 86  82  82  LYS LYS A . n 
A 1 87  GLU 87  83  83  GLU GLU A . n 
A 1 88  GLU 88  84  84  GLU GLU A . n 
A 1 89  ALA 89  85  85  ALA ALA A . n 
A 1 90  LEU 90  86  86  LEU LEU A . n 
A 1 91  GLU 91  87  87  GLU GLU A . n 
A 1 92  LEU 92  88  88  LEU LEU A . n 
A 1 93  ILE 93  89  89  ILE ILE A . n 
A 1 94  ASN 94  90  90  ASN ASN A . n 
A 1 95  GLY 95  91  91  GLY GLY A . n 
A 1 96  TYR 96  92  92  TYR TYR A . n 
A 1 97  ILE 97  93  93  ILE ILE A . n 
A 1 98  GLN 98  94  94  GLN GLN A . n 
A 1 99  LYS 99  95  95  LYS LYS A . n 
A 1 100 ILE 100 96  96  ILE ILE A . n 
A 1 101 LYS 101 97  97  LYS LYS A . n 
A 1 102 SER 102 98  98  SER SER A . n 
A 1 103 GLY 103 99  99  GLY GLY A . n 
A 1 104 GLU 104 100 100 GLU GLU A . n 
A 1 105 GLU 105 101 101 GLU GLU A . n 
A 1 106 ASP 106 102 102 ASP ASP A . n 
A 1 107 PHE 107 103 103 PHE PHE A . n 
A 1 108 GLU 108 104 104 GLU GLU A . n 
A 1 109 SER 109 105 105 SER SER A . n 
A 1 110 LEU 110 106 106 LEU LEU A . n 
A 1 111 ALA 111 107 107 ALA ALA A . n 
A 1 112 SER 112 108 108 SER SER A . n 
A 1 113 GLN 113 109 109 GLN GLN A . n 
A 1 114 PHE 114 110 110 PHE PHE A . n 
A 1 115 SER 115 111 111 SER SER A . n 
A 1 116 ASP 116 112 112 ASP ASP A . n 
A 1 117 CYS 117 113 113 CYS CYS A . n 
A 1 118 SER 118 114 114 SER SER A . n 
A 1 119 SER 119 115 115 SER SER A . n 
A 1 120 ALA 120 116 116 ALA ALA A . n 
A 1 121 LYS 121 117 117 LYS LYS A . n 
A 1 122 ALA 122 118 118 ALA ALA A . n 
A 1 123 ARG 123 119 119 ARG ARG A . n 
A 1 124 GLY 124 120 120 GLY GLY A . n 
A 1 125 ASP 125 121 121 ASP ASP A . n 
A 1 126 LEU 126 122 122 LEU LEU A . n 
A 1 127 GLY 127 123 123 GLY GLY A . n 
A 1 128 ALA 128 124 124 ALA ALA A . n 
A 1 129 PHE 129 125 125 PHE PHE A . n 
A 1 130 SER 130 126 126 SER SER A . n 
A 1 131 ARG 131 127 127 ARG ARG A . n 
A 1 132 GLY 132 128 128 GLY GLY A . n 
A 1 133 GLN 133 129 129 GLN GLN A . n 
A 1 134 MET 134 130 130 MET MET A . n 
A 1 135 GLN 135 131 131 GLN GLN A . n 
A 1 136 LYS 136 132 132 LYS LYS A . n 
A 1 137 PRO 137 133 133 PRO PRO A . n 
A 1 138 PHE 138 134 134 PHE PHE A . n 
A 1 139 GLU 139 135 135 GLU GLU A . n 
A 1 140 ASP 140 136 136 ASP ASP A . n 
A 1 141 ALA 141 137 137 ALA ALA A . n 
A 1 142 SER 142 138 138 SER SER A . n 
A 1 143 PHE 143 139 139 PHE PHE A . n 
A 1 144 ALA 144 140 140 ALA ALA A . n 
A 1 145 LEU 145 141 141 LEU LEU A . n 
A 1 146 ARG 146 142 142 ARG ARG A . n 
A 1 147 THR 147 143 143 THR THR A . n 
A 1 148 GLY 148 144 144 GLY GLY A . n 
A 1 149 GLU 149 145 145 GLU GLU A . n 
A 1 150 MET 150 146 146 MET MET A . n 
A 1 151 SER 151 147 147 SER SER A . n 
A 1 152 GLY 152 148 148 GLY GLY A . n 
A 1 153 PRO 153 149 149 PRO PRO A . n 
A 1 154 VAL 154 150 150 VAL VAL A . n 
A 1 155 PHE 155 151 151 PHE PHE A . n 
A 1 156 THR 156 152 152 THR THR A . n 
A 1 157 ASP 157 153 153 ASP ASP A . n 
A 1 158 SER 158 154 154 SER SER A . n 
A 1 159 GLY 159 155 155 GLY GLY A . n 
A 1 160 ILE 160 156 156 ILE ILE A . n 
A 1 161 HIS 161 157 157 HIS HIS A . n 
A 1 162 ILE 162 158 158 ILE ILE A . n 
A 1 163 ILE 163 159 159 ILE ILE A . n 
A 1 164 LEU 164 160 160 LEU LEU A . n 
A 1 165 ARG 165 161 161 ARG ARG A . n 
A 1 166 THR 166 162 162 THR THR A . n 
A 1 167 GLU 167 163 163 GLU GLU A . n 
# 
loop_
_pdbx_nonpoly_scheme.asym_id 
_pdbx_nonpoly_scheme.entity_id 
_pdbx_nonpoly_scheme.mon_id 
_pdbx_nonpoly_scheme.ndb_seq_num 
_pdbx_nonpoly_scheme.pdb_seq_num 
_pdbx_nonpoly_scheme.auth_seq_num 
_pdbx_nonpoly_scheme.pdb_mon_id 
_pdbx_nonpoly_scheme.auth_mon_id 
_pdbx_nonpoly_scheme.pdb_strand_id 
_pdbx_nonpoly_scheme.pdb_ins_code 
B 2 12P 1   1164 1164 12P 12P A . 
C 3 4G5 1   1165 1165 4G5 4G5 A . 
D 4 HOH 1   2001 2001 HOH HOH A . 
D 4 HOH 2   2002 2002 HOH HOH A . 
D 4 HOH 3   2003 2003 HOH HOH A . 
D 4 HOH 4   2004 2004 HOH HOH A . 
D 4 HOH 5   2005 2005 HOH HOH A . 
D 4 HOH 6   2006 2006 HOH HOH A . 
D 4 HOH 7   2007 2007 HOH HOH A . 
D 4 HOH 8   2008 2008 HOH HOH A . 
D 4 HOH 9   2009 2009 HOH HOH A . 
D 4 HOH 10  2010 2010 HOH HOH A . 
D 4 HOH 11  2011 2011 HOH HOH A . 
D 4 HOH 12  2012 2012 HOH HOH A . 
D 4 HOH 13  2013 2013 HOH HOH A . 
D 4 HOH 14  2014 2014 HOH HOH A . 
D 4 HOH 15  2015 2015 HOH HOH A . 
D 4 HOH 16  2016 2016 HOH HOH A . 
D 4 HOH 17  2017 2017 HOH HOH A . 
D 4 HOH 18  2018 2018 HOH HOH A . 
D 4 HOH 19  2019 2019 HOH HOH A . 
D 4 HOH 20  2020 2020 HOH HOH A . 
D 4 HOH 21  2021 2021 HOH HOH A . 
D 4 HOH 22  2022 2022 HOH HOH A . 
D 4 HOH 23  2023 2023 HOH HOH A . 
D 4 HOH 24  2024 2024 HOH HOH A . 
D 4 HOH 25  2025 2025 HOH HOH A . 
D 4 HOH 26  2026 2026 HOH HOH A . 
D 4 HOH 27  2027 2027 HOH HOH A . 
D 4 HOH 28  2028 2028 HOH HOH A . 
D 4 HOH 29  2029 2029 HOH HOH A . 
D 4 HOH 30  2030 2030 HOH HOH A . 
D 4 HOH 31  2031 2031 HOH HOH A . 
D 4 HOH 32  2032 2032 HOH HOH A . 
D 4 HOH 33  2033 2033 HOH HOH A . 
D 4 HOH 34  2034 2034 HOH HOH A . 
D 4 HOH 35  2035 2035 HOH HOH A . 
D 4 HOH 36  2036 2036 HOH HOH A . 
D 4 HOH 37  2037 2037 HOH HOH A . 
D 4 HOH 38  2038 2038 HOH HOH A . 
D 4 HOH 39  2039 2039 HOH HOH A . 
D 4 HOH 40  2040 2040 HOH HOH A . 
D 4 HOH 41  2041 2041 HOH HOH A . 
D 4 HOH 42  2042 2042 HOH HOH A . 
D 4 HOH 43  2043 2043 HOH HOH A . 
D 4 HOH 44  2044 2044 HOH HOH A . 
D 4 HOH 45  2045 2045 HOH HOH A . 
D 4 HOH 46  2046 2046 HOH HOH A . 
D 4 HOH 47  2047 2047 HOH HOH A . 
D 4 HOH 48  2048 2048 HOH HOH A . 
D 4 HOH 49  2049 2049 HOH HOH A . 
D 4 HOH 50  2050 2050 HOH HOH A . 
D 4 HOH 51  2051 2051 HOH HOH A . 
D 4 HOH 52  2052 2052 HOH HOH A . 
D 4 HOH 53  2053 2053 HOH HOH A . 
D 4 HOH 54  2054 2054 HOH HOH A . 
D 4 HOH 55  2055 2055 HOH HOH A . 
D 4 HOH 56  2056 2056 HOH HOH A . 
D 4 HOH 57  2057 2057 HOH HOH A . 
D 4 HOH 58  2058 2058 HOH HOH A . 
D 4 HOH 59  2059 2059 HOH HOH A . 
D 4 HOH 60  2060 2060 HOH HOH A . 
D 4 HOH 61  2061 2061 HOH HOH A . 
D 4 HOH 62  2062 2062 HOH HOH A . 
D 4 HOH 63  2063 2063 HOH HOH A . 
D 4 HOH 64  2064 2064 HOH HOH A . 
D 4 HOH 65  2065 2065 HOH HOH A . 
D 4 HOH 66  2066 2066 HOH HOH A . 
D 4 HOH 67  2067 2067 HOH HOH A . 
D 4 HOH 68  2068 2068 HOH HOH A . 
D 4 HOH 69  2069 2069 HOH HOH A . 
D 4 HOH 70  2070 2070 HOH HOH A . 
D 4 HOH 71  2071 2071 HOH HOH A . 
D 4 HOH 72  2072 2072 HOH HOH A . 
D 4 HOH 73  2073 2073 HOH HOH A . 
D 4 HOH 74  2074 2074 HOH HOH A . 
D 4 HOH 75  2075 2075 HOH HOH A . 
D 4 HOH 76  2076 2076 HOH HOH A . 
D 4 HOH 77  2077 2077 HOH HOH A . 
D 4 HOH 78  2078 2078 HOH HOH A . 
D 4 HOH 79  2079 2079 HOH HOH A . 
D 4 HOH 80  2080 2080 HOH HOH A . 
D 4 HOH 81  2081 2081 HOH HOH A . 
D 4 HOH 82  2082 2082 HOH HOH A . 
D 4 HOH 83  2083 2083 HOH HOH A . 
D 4 HOH 84  2084 2084 HOH HOH A . 
D 4 HOH 85  2085 2085 HOH HOH A . 
D 4 HOH 86  2086 2086 HOH HOH A . 
D 4 HOH 87  2087 2087 HOH HOH A . 
D 4 HOH 88  2088 2088 HOH HOH A . 
D 4 HOH 89  2089 2089 HOH HOH A . 
D 4 HOH 90  2090 2090 HOH HOH A . 
D 4 HOH 91  2091 2091 HOH HOH A . 
D 4 HOH 92  2092 2092 HOH HOH A . 
D 4 HOH 93  2093 2093 HOH HOH A . 
D 4 HOH 94  2094 2094 HOH HOH A . 
D 4 HOH 95  2095 2095 HOH HOH A . 
D 4 HOH 96  2096 2096 HOH HOH A . 
D 4 HOH 97  2097 2097 HOH HOH A . 
D 4 HOH 98  2098 2098 HOH HOH A . 
D 4 HOH 99  2099 2099 HOH HOH A . 
D 4 HOH 100 2100 2100 HOH HOH A . 
D 4 HOH 101 2101 2101 HOH HOH A . 
D 4 HOH 102 2102 2102 HOH HOH A . 
D 4 HOH 103 2103 2103 HOH HOH A . 
D 4 HOH 104 2104 2104 HOH HOH A . 
D 4 HOH 105 2105 2105 HOH HOH A . 
D 4 HOH 106 2106 2106 HOH HOH A . 
D 4 HOH 107 2107 2107 HOH HOH A . 
D 4 HOH 108 2108 2108 HOH HOH A . 
# 
_pdbx_struct_assembly.id                   1 
_pdbx_struct_assembly.details              author_and_software_defined_assembly 
_pdbx_struct_assembly.method_details       PISA 
_pdbx_struct_assembly.oligomeric_details   monomeric 
_pdbx_struct_assembly.oligomeric_count     1 
# 
_pdbx_struct_assembly_gen.assembly_id       1 
_pdbx_struct_assembly_gen.oper_expression   1 
_pdbx_struct_assembly_gen.asym_id_list      A,B,C,D 
# 
_pdbx_struct_oper_list.id                   1 
_pdbx_struct_oper_list.type                 'identity operation' 
_pdbx_struct_oper_list.name                 1_555 
_pdbx_struct_oper_list.symmetry_operation   x,y,z 
_pdbx_struct_oper_list.matrix[1][1]         1.0000000000 
_pdbx_struct_oper_list.matrix[1][2]         0.0000000000 
_pdbx_struct_oper_list.matrix[1][3]         0.0000000000 
_pdbx_struct_oper_list.vector[1]            0.0000000000 
_pdbx_struct_oper_list.matrix[2][1]         0.0000000000 
_pdbx_struct_oper_list.matrix[2][2]         1.0000000000 
_pdbx_struct_oper_list.matrix[2][3]         0.0000000000 
_pdbx_struct_oper_list.vector[2]            0.0000000000 
_pdbx_struct_oper_list.matrix[3][1]         0.0000000000 
_pdbx_struct_oper_list.matrix[3][2]         0.0000000000 
_pdbx_struct_oper_list.matrix[3][3]         1.0000000000 
_pdbx_struct_oper_list.vector[3]            0.0000000000 
# 
loop_
_pdbx_audit_revision_history.ordinal 
_pdbx_audit_revision_history.data_content_type 
_pdbx_audit_revision_history.major_revision 
_pdbx_audit_revision_history.minor_revision 
_pdbx_audit_revision_history.revision_date 
1 'Structure model' 1 0 2011-01-12 
2 'Structure model' 1 1 2011-05-08 
3 'Structure model' 1 2 2011-07-13 
4 'Structure model' 1 3 2019-01-30 
5 'Structure model' 1 4 2019-02-06 
6 'Structure model' 1 5 2023-12-20 
# 
_pdbx_audit_revision_details.ordinal             1 
_pdbx_audit_revision_details.revision_ordinal    1 
_pdbx_audit_revision_details.data_content_type   'Structure model' 
_pdbx_audit_revision_details.provider            repository 
_pdbx_audit_revision_details.type                'Initial release' 
_pdbx_audit_revision_details.description         ? 
_pdbx_audit_revision_details.details             ? 
# 
loop_
_pdbx_audit_revision_group.ordinal 
_pdbx_audit_revision_group.revision_ordinal 
_pdbx_audit_revision_group.data_content_type 
_pdbx_audit_revision_group.group 
1  2 'Structure model' 'Version format compliance' 
2  3 'Structure model' 'Version format compliance' 
3  4 'Structure model' 'Data collection'           
4  4 'Structure model' 'Experimental preparation'  
5  4 'Structure model' Other                       
6  5 'Structure model' 'Data collection'           
7  5 'Structure model' 'Experimental preparation'  
8  6 'Structure model' 'Data collection'           
9  6 'Structure model' 'Database references'       
10 6 'Structure model' 'Derived calculations'      
11 6 'Structure model' Other                       
12 6 'Structure model' 'Refinement description'    
# 
loop_
_pdbx_audit_revision_category.ordinal 
_pdbx_audit_revision_category.revision_ordinal 
_pdbx_audit_revision_category.data_content_type 
_pdbx_audit_revision_category.category 
1  4 'Structure model' exptl_crystal_grow            
2  4 'Structure model' pdbx_database_proc            
3  4 'Structure model' pdbx_database_status          
4  5 'Structure model' exptl_crystal_grow            
5  6 'Structure model' chem_comp_atom                
6  6 'Structure model' chem_comp_bond                
7  6 'Structure model' database_2                    
8  6 'Structure model' pdbx_database_status          
9  6 'Structure model' pdbx_initial_refinement_model 
10 6 'Structure model' struct_site                   
# 
loop_
_pdbx_audit_revision_item.ordinal 
_pdbx_audit_revision_item.revision_ordinal 
_pdbx_audit_revision_item.data_content_type 
_pdbx_audit_revision_item.item 
1 4 'Structure model' '_exptl_crystal_grow.method'                  
2 4 'Structure model' '_pdbx_database_status.recvd_author_approval' 
3 5 'Structure model' '_exptl_crystal_grow.temp'                    
4 6 'Structure model' '_database_2.pdbx_DOI'                        
5 6 'Structure model' '_database_2.pdbx_database_accession'         
6 6 'Structure model' '_pdbx_database_status.status_code_sf'        
7 6 'Structure model' '_struct_site.pdbx_auth_asym_id'              
8 6 'Structure model' '_struct_site.pdbx_auth_comp_id'              
9 6 'Structure model' '_struct_site.pdbx_auth_seq_id'               
# 
loop_
_software.name 
_software.classification 
_software.version 
_software.citation_id 
_software.pdbx_ordinal 
_software.date 
_software.type 
_software.location 
_software.language 
REFMAC refinement       5.5.0109 ? 1 ? ? ? ? 
d*TREK 'data reduction' .        ? 2 ? ? ? ? 
d*TREK 'data scaling'   .        ? 3 ? ? ? ? 
AMoRE  phasing          .        ? 4 ? ? ? ? 
# 
_pdbx_entry_details.entry_id                 2XPA 
_pdbx_entry_details.compound_details         'ENGINEERED RESIDUE IN CHAIN A, ARG  14 TO ALA' 
_pdbx_entry_details.source_details           ? 
_pdbx_entry_details.nonpolymer_details       ? 
_pdbx_entry_details.sequence_details         ? 
_pdbx_entry_details.has_ligand_of_interest   ? 
# 
_pdbx_validate_close_contact.id               1 
_pdbx_validate_close_contact.PDB_model_num    1 
_pdbx_validate_close_contact.auth_atom_id_1   O 
_pdbx_validate_close_contact.auth_asym_id_1   A 
_pdbx_validate_close_contact.auth_comp_id_1   HOH 
_pdbx_validate_close_contact.auth_seq_id_1    2008 
_pdbx_validate_close_contact.PDB_ins_code_1   ? 
_pdbx_validate_close_contact.label_alt_id_1   ? 
_pdbx_validate_close_contact.auth_atom_id_2   O 
_pdbx_validate_close_contact.auth_asym_id_2   A 
_pdbx_validate_close_contact.auth_comp_id_2   HOH 
_pdbx_validate_close_contact.auth_seq_id_2    2010 
_pdbx_validate_close_contact.PDB_ins_code_2   ? 
_pdbx_validate_close_contact.label_alt_id_2   ? 
_pdbx_validate_close_contact.dist             2.05 
# 
_pdbx_validate_rmsd_bond.id                        1 
_pdbx_validate_rmsd_bond.PDB_model_num             1 
_pdbx_validate_rmsd_bond.auth_atom_id_1            CD 
_pdbx_validate_rmsd_bond.auth_asym_id_1            A 
_pdbx_validate_rmsd_bond.auth_comp_id_1            GLU 
_pdbx_validate_rmsd_bond.auth_seq_id_1             35 
_pdbx_validate_rmsd_bond.PDB_ins_code_1            ? 
_pdbx_validate_rmsd_bond.label_alt_id_1            ? 
_pdbx_validate_rmsd_bond.auth_atom_id_2            OE2 
_pdbx_validate_rmsd_bond.auth_asym_id_2            A 
_pdbx_validate_rmsd_bond.auth_comp_id_2            GLU 
_pdbx_validate_rmsd_bond.auth_seq_id_2             35 
_pdbx_validate_rmsd_bond.PDB_ins_code_2            ? 
_pdbx_validate_rmsd_bond.label_alt_id_2            ? 
_pdbx_validate_rmsd_bond.bond_value                1.328 
_pdbx_validate_rmsd_bond.bond_target_value         1.252 
_pdbx_validate_rmsd_bond.bond_deviation            0.076 
_pdbx_validate_rmsd_bond.bond_standard_deviation   0.011 
_pdbx_validate_rmsd_bond.linker_flag               N 
# 
_pdbx_validate_torsion.id              1 
_pdbx_validate_torsion.PDB_model_num   1 
_pdbx_validate_torsion.auth_comp_id    SER 
_pdbx_validate_torsion.auth_asym_id    A 
_pdbx_validate_torsion.auth_seq_id     38 
_pdbx_validate_torsion.PDB_ins_code    ? 
_pdbx_validate_torsion.label_alt_id    ? 
_pdbx_validate_torsion.phi             -94.76 
_pdbx_validate_torsion.psi             -64.98 
# 
loop_
_pdbx_unobs_or_zero_occ_atoms.id 
_pdbx_unobs_or_zero_occ_atoms.PDB_model_num 
_pdbx_unobs_or_zero_occ_atoms.polymer_flag 
_pdbx_unobs_or_zero_occ_atoms.occupancy_flag 
_pdbx_unobs_or_zero_occ_atoms.auth_asym_id 
_pdbx_unobs_or_zero_occ_atoms.auth_comp_id 
_pdbx_unobs_or_zero_occ_atoms.auth_seq_id 
_pdbx_unobs_or_zero_occ_atoms.PDB_ins_code 
_pdbx_unobs_or_zero_occ_atoms.auth_atom_id 
_pdbx_unobs_or_zero_occ_atoms.label_alt_id 
_pdbx_unobs_or_zero_occ_atoms.label_asym_id 
_pdbx_unobs_or_zero_occ_atoms.label_comp_id 
_pdbx_unobs_or_zero_occ_atoms.label_seq_id 
_pdbx_unobs_or_zero_occ_atoms.label_atom_id 
1  1 N 1 A 12P 1164 ? O37 ? B 12P 1 O37 
2  1 N 1 A 12P 1164 ? O19 ? B 12P 1 O19 
3  1 N 1 A 12P 1164 ? C18 ? B 12P 1 C18 
4  1 N 1 A 12P 1164 ? C17 ? B 12P 1 C17 
5  1 N 1 A 12P 1164 ? O16 ? B 12P 1 O16 
6  1 N 1 A 12P 1164 ? C15 ? B 12P 1 C15 
7  1 N 1 A 12P 1164 ? C14 ? B 12P 1 C14 
8  1 N 1 A 12P 1164 ? O13 ? B 12P 1 O13 
9  1 N 1 A 12P 1164 ? C12 ? B 12P 1 C12 
10 1 N 1 A 12P 1164 ? C11 ? B 12P 1 C11 
11 1 N 1 A 12P 1164 ? O10 ? B 12P 1 O10 
12 1 N 1 A 12P 1164 ? C9  ? B 12P 1 C9  
13 1 N 1 A 12P 1164 ? C8  ? B 12P 1 C8  
14 1 N 1 A 12P 1164 ? O7  ? B 12P 1 O7  
15 1 N 1 A 12P 1164 ? C6  ? B 12P 1 C6  
16 1 N 1 A 12P 1164 ? C5  ? B 12P 1 C5  
17 1 N 1 A 12P 1164 ? O4  ? B 12P 1 O4  
18 1 N 1 A 12P 1164 ? C3  ? B 12P 1 C3  
19 1 N 1 A 12P 1164 ? C2  ? B 12P 1 C2  
20 1 N 1 A 12P 1164 ? O1  ? B 12P 1 O1  
# 
loop_
_pdbx_unobs_or_zero_occ_residues.id 
_pdbx_unobs_or_zero_occ_residues.PDB_model_num 
_pdbx_unobs_or_zero_occ_residues.polymer_flag 
_pdbx_unobs_or_zero_occ_residues.occupancy_flag 
_pdbx_unobs_or_zero_occ_residues.auth_asym_id 
_pdbx_unobs_or_zero_occ_residues.auth_comp_id 
_pdbx_unobs_or_zero_occ_residues.auth_seq_id 
_pdbx_unobs_or_zero_occ_residues.PDB_ins_code 
_pdbx_unobs_or_zero_occ_residues.label_asym_id 
_pdbx_unobs_or_zero_occ_residues.label_comp_id 
_pdbx_unobs_or_zero_occ_residues.label_seq_id 
1  1 Y 1 A GLY -3 ? A GLY 1  
2  1 Y 1 A SER -2 ? A SER 2  
3  1 Y 1 A HIS -1 ? A HIS 3  
4  1 Y 1 A GLY 0  ? A GLY 4  
5  1 Y 1 A MET 1  ? A MET 5  
6  1 Y 1 A ALA 2  ? A ALA 6  
7  1 Y 1 A ASP 3  ? A ASP 7  
8  1 Y 1 A GLU 4  ? A GLU 8  
9  1 Y 1 A GLU 5  ? A GLU 9  
10 1 Y 1 A LYS 6  ? A LYS 10 
11 1 Y 1 A ASN 40 ? A ASN 44 
12 1 Y 1 A SER 41 ? A SER 45 
13 1 Y 1 A SER 42 ? A SER 46 
14 1 Y 1 A SER 43 ? A SER 47 
15 1 Y 1 A GLY 44 ? A GLY 48 
16 1 Y 1 A GLY 45 ? A GLY 49 
17 1 Y 1 A LYS 46 ? A LYS 50 
18 1 Y 1 A ASN 47 ? A ASN 51 
19 1 Y 1 A GLY 48 ? A GLY 52 
20 1 Y 1 A GLN 49 ? A GLN 53 
21 1 Y 1 A GLY 50 ? A GLY 54 
# 
loop_
_chem_comp_atom.comp_id 
_chem_comp_atom.atom_id 
_chem_comp_atom.type_symbol 
_chem_comp_atom.pdbx_aromatic_flag 
_chem_comp_atom.pdbx_stereo_config 
_chem_comp_atom.pdbx_ordinal 
12P O37  O N N 1   
12P C36  C N N 2   
12P C35  C N N 3   
12P O34  O N N 4   
12P C33  C N N 5   
12P C32  C N N 6   
12P O31  O N N 7   
12P C30  C N N 8   
12P C29  C N N 9   
12P O28  O N N 10  
12P C27  C N N 11  
12P C26  C N N 12  
12P O25  O N N 13  
12P C24  C N N 14  
12P C23  C N N 15  
12P O22  O N N 16  
12P C21  C N N 17  
12P C20  C N N 18  
12P O19  O N N 19  
12P C18  C N N 20  
12P C17  C N N 21  
12P O16  O N N 22  
12P C15  C N N 23  
12P C14  C N N 24  
12P O13  O N N 25  
12P C12  C N N 26  
12P C11  C N N 27  
12P O10  O N N 28  
12P C9   C N N 29  
12P C8   C N N 30  
12P O7   O N N 31  
12P C6   C N N 32  
12P C5   C N N 33  
12P O4   O N N 34  
12P C3   C N N 35  
12P C2   C N N 36  
12P O1   O N N 37  
12P H37  H N N 38  
12P H361 H N N 39  
12P H362 H N N 40  
12P H351 H N N 41  
12P H352 H N N 42  
12P H331 H N N 43  
12P H332 H N N 44  
12P H321 H N N 45  
12P H322 H N N 46  
12P H301 H N N 47  
12P H302 H N N 48  
12P H291 H N N 49  
12P H292 H N N 50  
12P H271 H N N 51  
12P H272 H N N 52  
12P H261 H N N 53  
12P H262 H N N 54  
12P H241 H N N 55  
12P H242 H N N 56  
12P H231 H N N 57  
12P H232 H N N 58  
12P H211 H N N 59  
12P H212 H N N 60  
12P H201 H N N 61  
12P H202 H N N 62  
12P H181 H N N 63  
12P H182 H N N 64  
12P H171 H N N 65  
12P H172 H N N 66  
12P H151 H N N 67  
12P H152 H N N 68  
12P H141 H N N 69  
12P H142 H N N 70  
12P H121 H N N 71  
12P H122 H N N 72  
12P H111 H N N 73  
12P H112 H N N 74  
12P H91  H N N 75  
12P H92  H N N 76  
12P H81  H N N 77  
12P H82  H N N 78  
12P H61  H N N 79  
12P H62  H N N 80  
12P H51  H N N 81  
12P H52  H N N 82  
12P H31  H N N 83  
12P H32  H N N 84  
12P H21  H N N 85  
12P H22  H N N 86  
12P HO1  H N N 87  
4G5 C10  C Y N 88  
4G5 C11  C Y N 89  
4G5 C12  C Y N 90  
4G5 C13  C Y N 91  
4G5 C14  C Y N 92  
4G5 C9   C Y N 93  
4G5 C5   C Y N 94  
4G5 N1   N Y N 95  
4G5 N4   N Y N 96  
4G5 C3   C Y N 97  
4G5 C15  C N N 98  
4G5 O17  O N N 99  
4G5 O16  O N N 100 
4G5 C2   C Y N 101 
4G5 C6   C N N 102 
4G5 O8   O N N 103 
4G5 N7   N N N 104 
4G5 C22  C N N 105 
4G5 C18  C N N 106 
4G5 C19  C N N 107 
4G5 O21  O N N 108 
4G5 N20  N N N 109 
4G5 H10  H N N 110 
4G5 H11  H N N 111 
4G5 H12  H N N 112 
4G5 H13  H N N 113 
4G5 H14  H N N 114 
4G5 H4   H N N 115 
4G5 H17  H N N 116 
4G5 H221 H N N 117 
4G5 H222 H N N 118 
4G5 H223 H N N 119 
4G5 H181 H N N 120 
4G5 H182 H N N 121 
4G5 H201 H N N 122 
4G5 H202 H N N 123 
ALA N    N N N 124 
ALA CA   C N S 125 
ALA C    C N N 126 
ALA O    O N N 127 
ALA CB   C N N 128 
ALA OXT  O N N 129 
ALA H    H N N 130 
ALA H2   H N N 131 
ALA HA   H N N 132 
ALA HB1  H N N 133 
ALA HB2  H N N 134 
ALA HB3  H N N 135 
ALA HXT  H N N 136 
ARG N    N N N 137 
ARG CA   C N S 138 
ARG C    C N N 139 
ARG O    O N N 140 
ARG CB   C N N 141 
ARG CG   C N N 142 
ARG CD   C N N 143 
ARG NE   N N N 144 
ARG CZ   C N N 145 
ARG NH1  N N N 146 
ARG NH2  N N N 147 
ARG OXT  O N N 148 
ARG H    H N N 149 
ARG H2   H N N 150 
ARG HA   H N N 151 
ARG HB2  H N N 152 
ARG HB3  H N N 153 
ARG HG2  H N N 154 
ARG HG3  H N N 155 
ARG HD2  H N N 156 
ARG HD3  H N N 157 
ARG HE   H N N 158 
ARG HH11 H N N 159 
ARG HH12 H N N 160 
ARG HH21 H N N 161 
ARG HH22 H N N 162 
ARG HXT  H N N 163 
ASN N    N N N 164 
ASN CA   C N S 165 
ASN C    C N N 166 
ASN O    O N N 167 
ASN CB   C N N 168 
ASN CG   C N N 169 
ASN OD1  O N N 170 
ASN ND2  N N N 171 
ASN OXT  O N N 172 
ASN H    H N N 173 
ASN H2   H N N 174 
ASN HA   H N N 175 
ASN HB2  H N N 176 
ASN HB3  H N N 177 
ASN HD21 H N N 178 
ASN HD22 H N N 179 
ASN HXT  H N N 180 
ASP N    N N N 181 
ASP CA   C N S 182 
ASP C    C N N 183 
ASP O    O N N 184 
ASP CB   C N N 185 
ASP CG   C N N 186 
ASP OD1  O N N 187 
ASP OD2  O N N 188 
ASP OXT  O N N 189 
ASP H    H N N 190 
ASP H2   H N N 191 
ASP HA   H N N 192 
ASP HB2  H N N 193 
ASP HB3  H N N 194 
ASP HD2  H N N 195 
ASP HXT  H N N 196 
CYS N    N N N 197 
CYS CA   C N R 198 
CYS C    C N N 199 
CYS O    O N N 200 
CYS CB   C N N 201 
CYS SG   S N N 202 
CYS OXT  O N N 203 
CYS H    H N N 204 
CYS H2   H N N 205 
CYS HA   H N N 206 
CYS HB2  H N N 207 
CYS HB3  H N N 208 
CYS HG   H N N 209 
CYS HXT  H N N 210 
GLN N    N N N 211 
GLN CA   C N S 212 
GLN C    C N N 213 
GLN O    O N N 214 
GLN CB   C N N 215 
GLN CG   C N N 216 
GLN CD   C N N 217 
GLN OE1  O N N 218 
GLN NE2  N N N 219 
GLN OXT  O N N 220 
GLN H    H N N 221 
GLN H2   H N N 222 
GLN HA   H N N 223 
GLN HB2  H N N 224 
GLN HB3  H N N 225 
GLN HG2  H N N 226 
GLN HG3  H N N 227 
GLN HE21 H N N 228 
GLN HE22 H N N 229 
GLN HXT  H N N 230 
GLU N    N N N 231 
GLU CA   C N S 232 
GLU C    C N N 233 
GLU O    O N N 234 
GLU CB   C N N 235 
GLU CG   C N N 236 
GLU CD   C N N 237 
GLU OE1  O N N 238 
GLU OE2  O N N 239 
GLU OXT  O N N 240 
GLU H    H N N 241 
GLU H2   H N N 242 
GLU HA   H N N 243 
GLU HB2  H N N 244 
GLU HB3  H N N 245 
GLU HG2  H N N 246 
GLU HG3  H N N 247 
GLU HE2  H N N 248 
GLU HXT  H N N 249 
GLY N    N N N 250 
GLY CA   C N N 251 
GLY C    C N N 252 
GLY O    O N N 253 
GLY OXT  O N N 254 
GLY H    H N N 255 
GLY H2   H N N 256 
GLY HA2  H N N 257 
GLY HA3  H N N 258 
GLY HXT  H N N 259 
HIS N    N N N 260 
HIS CA   C N S 261 
HIS C    C N N 262 
HIS O    O N N 263 
HIS CB   C N N 264 
HIS CG   C Y N 265 
HIS ND1  N Y N 266 
HIS CD2  C Y N 267 
HIS CE1  C Y N 268 
HIS NE2  N Y N 269 
HIS OXT  O N N 270 
HIS H    H N N 271 
HIS H2   H N N 272 
HIS HA   H N N 273 
HIS HB2  H N N 274 
HIS HB3  H N N 275 
HIS HD1  H N N 276 
HIS HD2  H N N 277 
HIS HE1  H N N 278 
HIS HE2  H N N 279 
HIS HXT  H N N 280 
HOH O    O N N 281 
HOH H1   H N N 282 
HOH H2   H N N 283 
ILE N    N N N 284 
ILE CA   C N S 285 
ILE C    C N N 286 
ILE O    O N N 287 
ILE CB   C N S 288 
ILE CG1  C N N 289 
ILE CG2  C N N 290 
ILE CD1  C N N 291 
ILE OXT  O N N 292 
ILE H    H N N 293 
ILE H2   H N N 294 
ILE HA   H N N 295 
ILE HB   H N N 296 
ILE HG12 H N N 297 
ILE HG13 H N N 298 
ILE HG21 H N N 299 
ILE HG22 H N N 300 
ILE HG23 H N N 301 
ILE HD11 H N N 302 
ILE HD12 H N N 303 
ILE HD13 H N N 304 
ILE HXT  H N N 305 
LEU N    N N N 306 
LEU CA   C N S 307 
LEU C    C N N 308 
LEU O    O N N 309 
LEU CB   C N N 310 
LEU CG   C N N 311 
LEU CD1  C N N 312 
LEU CD2  C N N 313 
LEU OXT  O N N 314 
LEU H    H N N 315 
LEU H2   H N N 316 
LEU HA   H N N 317 
LEU HB2  H N N 318 
LEU HB3  H N N 319 
LEU HG   H N N 320 
LEU HD11 H N N 321 
LEU HD12 H N N 322 
LEU HD13 H N N 323 
LEU HD21 H N N 324 
LEU HD22 H N N 325 
LEU HD23 H N N 326 
LEU HXT  H N N 327 
LYS N    N N N 328 
LYS CA   C N S 329 
LYS C    C N N 330 
LYS O    O N N 331 
LYS CB   C N N 332 
LYS CG   C N N 333 
LYS CD   C N N 334 
LYS CE   C N N 335 
LYS NZ   N N N 336 
LYS OXT  O N N 337 
LYS H    H N N 338 
LYS H2   H N N 339 
LYS HA   H N N 340 
LYS HB2  H N N 341 
LYS HB3  H N N 342 
LYS HG2  H N N 343 
LYS HG3  H N N 344 
LYS HD2  H N N 345 
LYS HD3  H N N 346 
LYS HE2  H N N 347 
LYS HE3  H N N 348 
LYS HZ1  H N N 349 
LYS HZ2  H N N 350 
LYS HZ3  H N N 351 
LYS HXT  H N N 352 
MET N    N N N 353 
MET CA   C N S 354 
MET C    C N N 355 
MET O    O N N 356 
MET CB   C N N 357 
MET CG   C N N 358 
MET SD   S N N 359 
MET CE   C N N 360 
MET OXT  O N N 361 
MET H    H N N 362 
MET H2   H N N 363 
MET HA   H N N 364 
MET HB2  H N N 365 
MET HB3  H N N 366 
MET HG2  H N N 367 
MET HG3  H N N 368 
MET HE1  H N N 369 
MET HE2  H N N 370 
MET HE3  H N N 371 
MET HXT  H N N 372 
PHE N    N N N 373 
PHE CA   C N S 374 
PHE C    C N N 375 
PHE O    O N N 376 
PHE CB   C N N 377 
PHE CG   C Y N 378 
PHE CD1  C Y N 379 
PHE CD2  C Y N 380 
PHE CE1  C Y N 381 
PHE CE2  C Y N 382 
PHE CZ   C Y N 383 
PHE OXT  O N N 384 
PHE H    H N N 385 
PHE H2   H N N 386 
PHE HA   H N N 387 
PHE HB2  H N N 388 
PHE HB3  H N N 389 
PHE HD1  H N N 390 
PHE HD2  H N N 391 
PHE HE1  H N N 392 
PHE HE2  H N N 393 
PHE HZ   H N N 394 
PHE HXT  H N N 395 
PRO N    N N N 396 
PRO CA   C N S 397 
PRO C    C N N 398 
PRO O    O N N 399 
PRO CB   C N N 400 
PRO CG   C N N 401 
PRO CD   C N N 402 
PRO OXT  O N N 403 
PRO H    H N N 404 
PRO HA   H N N 405 
PRO HB2  H N N 406 
PRO HB3  H N N 407 
PRO HG2  H N N 408 
PRO HG3  H N N 409 
PRO HD2  H N N 410 
PRO HD3  H N N 411 
PRO HXT  H N N 412 
SER N    N N N 413 
SER CA   C N S 414 
SER C    C N N 415 
SER O    O N N 416 
SER CB   C N N 417 
SER OG   O N N 418 
SER OXT  O N N 419 
SER H    H N N 420 
SER H2   H N N 421 
SER HA   H N N 422 
SER HB2  H N N 423 
SER HB3  H N N 424 
SER HG   H N N 425 
SER HXT  H N N 426 
THR N    N N N 427 
THR CA   C N S 428 
THR C    C N N 429 
THR O    O N N 430 
THR CB   C N R 431 
THR OG1  O N N 432 
THR CG2  C N N 433 
THR OXT  O N N 434 
THR H    H N N 435 
THR H2   H N N 436 
THR HA   H N N 437 
THR HB   H N N 438 
THR HG1  H N N 439 
THR HG21 H N N 440 
THR HG22 H N N 441 
THR HG23 H N N 442 
THR HXT  H N N 443 
TRP N    N N N 444 
TRP CA   C N S 445 
TRP C    C N N 446 
TRP O    O N N 447 
TRP CB   C N N 448 
TRP CG   C Y N 449 
TRP CD1  C Y N 450 
TRP CD2  C Y N 451 
TRP NE1  N Y N 452 
TRP CE2  C Y N 453 
TRP CE3  C Y N 454 
TRP CZ2  C Y N 455 
TRP CZ3  C Y N 456 
TRP CH2  C Y N 457 
TRP OXT  O N N 458 
TRP H    H N N 459 
TRP H2   H N N 460 
TRP HA   H N N 461 
TRP HB2  H N N 462 
TRP HB3  H N N 463 
TRP HD1  H N N 464 
TRP HE1  H N N 465 
TRP HE3  H N N 466 
TRP HZ2  H N N 467 
TRP HZ3  H N N 468 
TRP HH2  H N N 469 
TRP HXT  H N N 470 
TYR N    N N N 471 
TYR CA   C N S 472 
TYR C    C N N 473 
TYR O    O N N 474 
TYR CB   C N N 475 
TYR CG   C Y N 476 
TYR CD1  C Y N 477 
TYR CD2  C Y N 478 
TYR CE1  C Y N 479 
TYR CE2  C Y N 480 
TYR CZ   C Y N 481 
TYR OH   O N N 482 
TYR OXT  O N N 483 
TYR H    H N N 484 
TYR H2   H N N 485 
TYR HA   H N N 486 
TYR HB2  H N N 487 
TYR HB3  H N N 488 
TYR HD1  H N N 489 
TYR HD2  H N N 490 
TYR HE1  H N N 491 
TYR HE2  H N N 492 
TYR HH   H N N 493 
TYR HXT  H N N 494 
VAL N    N N N 495 
VAL CA   C N S 496 
VAL C    C N N 497 
VAL O    O N N 498 
VAL CB   C N N 499 
VAL CG1  C N N 500 
VAL CG2  C N N 501 
VAL OXT  O N N 502 
VAL H    H N N 503 
VAL H2   H N N 504 
VAL HA   H N N 505 
VAL HB   H N N 506 
VAL HG11 H N N 507 
VAL HG12 H N N 508 
VAL HG13 H N N 509 
VAL HG21 H N N 510 
VAL HG22 H N N 511 
VAL HG23 H N N 512 
VAL HXT  H N N 513 
# 
loop_
_chem_comp_bond.comp_id 
_chem_comp_bond.atom_id_1 
_chem_comp_bond.atom_id_2 
_chem_comp_bond.value_order 
_chem_comp_bond.pdbx_aromatic_flag 
_chem_comp_bond.pdbx_stereo_config 
_chem_comp_bond.pdbx_ordinal 
12P O37 C36  sing N N 1   
12P O37 H37  sing N N 2   
12P C36 C35  sing N N 3   
12P C36 H361 sing N N 4   
12P C36 H362 sing N N 5   
12P C35 O34  sing N N 6   
12P C35 H351 sing N N 7   
12P C35 H352 sing N N 8   
12P O34 C33  sing N N 9   
12P C33 C32  sing N N 10  
12P C33 H331 sing N N 11  
12P C33 H332 sing N N 12  
12P C32 O31  sing N N 13  
12P C32 H321 sing N N 14  
12P C32 H322 sing N N 15  
12P O31 C30  sing N N 16  
12P C30 C29  sing N N 17  
12P C30 H301 sing N N 18  
12P C30 H302 sing N N 19  
12P C29 O28  sing N N 20  
12P C29 H291 sing N N 21  
12P C29 H292 sing N N 22  
12P O28 C27  sing N N 23  
12P C27 C26  sing N N 24  
12P C27 H271 sing N N 25  
12P C27 H272 sing N N 26  
12P C26 O25  sing N N 27  
12P C26 H261 sing N N 28  
12P C26 H262 sing N N 29  
12P O25 C24  sing N N 30  
12P C24 C23  sing N N 31  
12P C24 H241 sing N N 32  
12P C24 H242 sing N N 33  
12P C23 O22  sing N N 34  
12P C23 H231 sing N N 35  
12P C23 H232 sing N N 36  
12P O22 C21  sing N N 37  
12P C21 C20  sing N N 38  
12P C21 H211 sing N N 39  
12P C21 H212 sing N N 40  
12P C20 O19  sing N N 41  
12P C20 H201 sing N N 42  
12P C20 H202 sing N N 43  
12P O19 C18  sing N N 44  
12P C18 C17  sing N N 45  
12P C18 H181 sing N N 46  
12P C18 H182 sing N N 47  
12P C17 O16  sing N N 48  
12P C17 H171 sing N N 49  
12P C17 H172 sing N N 50  
12P O16 C15  sing N N 51  
12P C15 C14  sing N N 52  
12P C15 H151 sing N N 53  
12P C15 H152 sing N N 54  
12P C14 O13  sing N N 55  
12P C14 H141 sing N N 56  
12P C14 H142 sing N N 57  
12P O13 C12  sing N N 58  
12P C12 C11  sing N N 59  
12P C12 H121 sing N N 60  
12P C12 H122 sing N N 61  
12P C11 O10  sing N N 62  
12P C11 H111 sing N N 63  
12P C11 H112 sing N N 64  
12P O10 C9   sing N N 65  
12P C9  C8   sing N N 66  
12P C9  H91  sing N N 67  
12P C9  H92  sing N N 68  
12P C8  O7   sing N N 69  
12P C8  H81  sing N N 70  
12P C8  H82  sing N N 71  
12P O7  C6   sing N N 72  
12P C6  C5   sing N N 73  
12P C6  H61  sing N N 74  
12P C6  H62  sing N N 75  
12P C5  O4   sing N N 76  
12P C5  H51  sing N N 77  
12P C5  H52  sing N N 78  
12P O4  C3   sing N N 79  
12P C3  C2   sing N N 80  
12P C3  H31  sing N N 81  
12P C3  H32  sing N N 82  
12P C2  O1   sing N N 83  
12P C2  H21  sing N N 84  
12P C2  H22  sing N N 85  
12P O1  HO1  sing N N 86  
4G5 C10 C11  sing Y N 87  
4G5 C10 C9   doub Y N 88  
4G5 C11 C12  doub Y N 89  
4G5 C12 C13  sing Y N 90  
4G5 C13 C14  doub Y N 91  
4G5 C14 C9   sing Y N 92  
4G5 C9  C5   sing Y N 93  
4G5 C5  N1   doub Y N 94  
4G5 C5  N4   sing Y N 95  
4G5 N1  C2   sing Y N 96  
4G5 N4  C3   sing Y N 97  
4G5 C3  C15  sing N N 98  
4G5 C3  C2   doub Y N 99  
4G5 C15 O17  sing N N 100 
4G5 C15 O16  doub N N 101 
4G5 C2  C6   sing N N 102 
4G5 C6  O8   doub N N 103 
4G5 C6  N7   sing N N 104 
4G5 N7  C22  sing N N 105 
4G5 N7  C18  sing N N 106 
4G5 C18 C19  sing N N 107 
4G5 C19 O21  doub N N 108 
4G5 C19 N20  sing N N 109 
4G5 C10 H10  sing N N 110 
4G5 C11 H11  sing N N 111 
4G5 C12 H12  sing N N 112 
4G5 C13 H13  sing N N 113 
4G5 C14 H14  sing N N 114 
4G5 N4  H4   sing N N 115 
4G5 O17 H17  sing N N 116 
4G5 C22 H221 sing N N 117 
4G5 C22 H222 sing N N 118 
4G5 C22 H223 sing N N 119 
4G5 C18 H181 sing N N 120 
4G5 C18 H182 sing N N 121 
4G5 N20 H201 sing N N 122 
4G5 N20 H202 sing N N 123 
ALA N   CA   sing N N 124 
ALA N   H    sing N N 125 
ALA N   H2   sing N N 126 
ALA CA  C    sing N N 127 
ALA CA  CB   sing N N 128 
ALA CA  HA   sing N N 129 
ALA C   O    doub N N 130 
ALA C   OXT  sing N N 131 
ALA CB  HB1  sing N N 132 
ALA CB  HB2  sing N N 133 
ALA CB  HB3  sing N N 134 
ALA OXT HXT  sing N N 135 
ARG N   CA   sing N N 136 
ARG N   H    sing N N 137 
ARG N   H2   sing N N 138 
ARG CA  C    sing N N 139 
ARG CA  CB   sing N N 140 
ARG CA  HA   sing N N 141 
ARG C   O    doub N N 142 
ARG C   OXT  sing N N 143 
ARG CB  CG   sing N N 144 
ARG CB  HB2  sing N N 145 
ARG CB  HB3  sing N N 146 
ARG CG  CD   sing N N 147 
ARG CG  HG2  sing N N 148 
ARG CG  HG3  sing N N 149 
ARG CD  NE   sing N N 150 
ARG CD  HD2  sing N N 151 
ARG CD  HD3  sing N N 152 
ARG NE  CZ   sing N N 153 
ARG NE  HE   sing N N 154 
ARG CZ  NH1  sing N N 155 
ARG CZ  NH2  doub N N 156 
ARG NH1 HH11 sing N N 157 
ARG NH1 HH12 sing N N 158 
ARG NH2 HH21 sing N N 159 
ARG NH2 HH22 sing N N 160 
ARG OXT HXT  sing N N 161 
ASN N   CA   sing N N 162 
ASN N   H    sing N N 163 
ASN N   H2   sing N N 164 
ASN CA  C    sing N N 165 
ASN CA  CB   sing N N 166 
ASN CA  HA   sing N N 167 
ASN C   O    doub N N 168 
ASN C   OXT  sing N N 169 
ASN CB  CG   sing N N 170 
ASN CB  HB2  sing N N 171 
ASN CB  HB3  sing N N 172 
ASN CG  OD1  doub N N 173 
ASN CG  ND2  sing N N 174 
ASN ND2 HD21 sing N N 175 
ASN ND2 HD22 sing N N 176 
ASN OXT HXT  sing N N 177 
ASP N   CA   sing N N 178 
ASP N   H    sing N N 179 
ASP N   H2   sing N N 180 
ASP CA  C    sing N N 181 
ASP CA  CB   sing N N 182 
ASP CA  HA   sing N N 183 
ASP C   O    doub N N 184 
ASP C   OXT  sing N N 185 
ASP CB  CG   sing N N 186 
ASP CB  HB2  sing N N 187 
ASP CB  HB3  sing N N 188 
ASP CG  OD1  doub N N 189 
ASP CG  OD2  sing N N 190 
ASP OD2 HD2  sing N N 191 
ASP OXT HXT  sing N N 192 
CYS N   CA   sing N N 193 
CYS N   H    sing N N 194 
CYS N   H2   sing N N 195 
CYS CA  C    sing N N 196 
CYS CA  CB   sing N N 197 
CYS CA  HA   sing N N 198 
CYS C   O    doub N N 199 
CYS C   OXT  sing N N 200 
CYS CB  SG   sing N N 201 
CYS CB  HB2  sing N N 202 
CYS CB  HB3  sing N N 203 
CYS SG  HG   sing N N 204 
CYS OXT HXT  sing N N 205 
GLN N   CA   sing N N 206 
GLN N   H    sing N N 207 
GLN N   H2   sing N N 208 
GLN CA  C    sing N N 209 
GLN CA  CB   sing N N 210 
GLN CA  HA   sing N N 211 
GLN C   O    doub N N 212 
GLN C   OXT  sing N N 213 
GLN CB  CG   sing N N 214 
GLN CB  HB2  sing N N 215 
GLN CB  HB3  sing N N 216 
GLN CG  CD   sing N N 217 
GLN CG  HG2  sing N N 218 
GLN CG  HG3  sing N N 219 
GLN CD  OE1  doub N N 220 
GLN CD  NE2  sing N N 221 
GLN NE2 HE21 sing N N 222 
GLN NE2 HE22 sing N N 223 
GLN OXT HXT  sing N N 224 
GLU N   CA   sing N N 225 
GLU N   H    sing N N 226 
GLU N   H2   sing N N 227 
GLU CA  C    sing N N 228 
GLU CA  CB   sing N N 229 
GLU CA  HA   sing N N 230 
GLU C   O    doub N N 231 
GLU C   OXT  sing N N 232 
GLU CB  CG   sing N N 233 
GLU CB  HB2  sing N N 234 
GLU CB  HB3  sing N N 235 
GLU CG  CD   sing N N 236 
GLU CG  HG2  sing N N 237 
GLU CG  HG3  sing N N 238 
GLU CD  OE1  doub N N 239 
GLU CD  OE2  sing N N 240 
GLU OE2 HE2  sing N N 241 
GLU OXT HXT  sing N N 242 
GLY N   CA   sing N N 243 
GLY N   H    sing N N 244 
GLY N   H2   sing N N 245 
GLY CA  C    sing N N 246 
GLY CA  HA2  sing N N 247 
GLY CA  HA3  sing N N 248 
GLY C   O    doub N N 249 
GLY C   OXT  sing N N 250 
GLY OXT HXT  sing N N 251 
HIS N   CA   sing N N 252 
HIS N   H    sing N N 253 
HIS N   H2   sing N N 254 
HIS CA  C    sing N N 255 
HIS CA  CB   sing N N 256 
HIS CA  HA   sing N N 257 
HIS C   O    doub N N 258 
HIS C   OXT  sing N N 259 
HIS CB  CG   sing N N 260 
HIS CB  HB2  sing N N 261 
HIS CB  HB3  sing N N 262 
HIS CG  ND1  sing Y N 263 
HIS CG  CD2  doub Y N 264 
HIS ND1 CE1  doub Y N 265 
HIS ND1 HD1  sing N N 266 
HIS CD2 NE2  sing Y N 267 
HIS CD2 HD2  sing N N 268 
HIS CE1 NE2  sing Y N 269 
HIS CE1 HE1  sing N N 270 
HIS NE2 HE2  sing N N 271 
HIS OXT HXT  sing N N 272 
HOH O   H1   sing N N 273 
HOH O   H2   sing N N 274 
ILE N   CA   sing N N 275 
ILE N   H    sing N N 276 
ILE N   H2   sing N N 277 
ILE CA  C    sing N N 278 
ILE CA  CB   sing N N 279 
ILE CA  HA   sing N N 280 
ILE C   O    doub N N 281 
ILE C   OXT  sing N N 282 
ILE CB  CG1  sing N N 283 
ILE CB  CG2  sing N N 284 
ILE CB  HB   sing N N 285 
ILE CG1 CD1  sing N N 286 
ILE CG1 HG12 sing N N 287 
ILE CG1 HG13 sing N N 288 
ILE CG2 HG21 sing N N 289 
ILE CG2 HG22 sing N N 290 
ILE CG2 HG23 sing N N 291 
ILE CD1 HD11 sing N N 292 
ILE CD1 HD12 sing N N 293 
ILE CD1 HD13 sing N N 294 
ILE OXT HXT  sing N N 295 
LEU N   CA   sing N N 296 
LEU N   H    sing N N 297 
LEU N   H2   sing N N 298 
LEU CA  C    sing N N 299 
LEU CA  CB   sing N N 300 
LEU CA  HA   sing N N 301 
LEU C   O    doub N N 302 
LEU C   OXT  sing N N 303 
LEU CB  CG   sing N N 304 
LEU CB  HB2  sing N N 305 
LEU CB  HB3  sing N N 306 
LEU CG  CD1  sing N N 307 
LEU CG  CD2  sing N N 308 
LEU CG  HG   sing N N 309 
LEU CD1 HD11 sing N N 310 
LEU CD1 HD12 sing N N 311 
LEU CD1 HD13 sing N N 312 
LEU CD2 HD21 sing N N 313 
LEU CD2 HD22 sing N N 314 
LEU CD2 HD23 sing N N 315 
LEU OXT HXT  sing N N 316 
LYS N   CA   sing N N 317 
LYS N   H    sing N N 318 
LYS N   H2   sing N N 319 
LYS CA  C    sing N N 320 
LYS CA  CB   sing N N 321 
LYS CA  HA   sing N N 322 
LYS C   O    doub N N 323 
LYS C   OXT  sing N N 324 
LYS CB  CG   sing N N 325 
LYS CB  HB2  sing N N 326 
LYS CB  HB3  sing N N 327 
LYS CG  CD   sing N N 328 
LYS CG  HG2  sing N N 329 
LYS CG  HG3  sing N N 330 
LYS CD  CE   sing N N 331 
LYS CD  HD2  sing N N 332 
LYS CD  HD3  sing N N 333 
LYS CE  NZ   sing N N 334 
LYS CE  HE2  sing N N 335 
LYS CE  HE3  sing N N 336 
LYS NZ  HZ1  sing N N 337 
LYS NZ  HZ2  sing N N 338 
LYS NZ  HZ3  sing N N 339 
LYS OXT HXT  sing N N 340 
MET N   CA   sing N N 341 
MET N   H    sing N N 342 
MET N   H2   sing N N 343 
MET CA  C    sing N N 344 
MET CA  CB   sing N N 345 
MET CA  HA   sing N N 346 
MET C   O    doub N N 347 
MET C   OXT  sing N N 348 
MET CB  CG   sing N N 349 
MET CB  HB2  sing N N 350 
MET CB  HB3  sing N N 351 
MET CG  SD   sing N N 352 
MET CG  HG2  sing N N 353 
MET CG  HG3  sing N N 354 
MET SD  CE   sing N N 355 
MET CE  HE1  sing N N 356 
MET CE  HE2  sing N N 357 
MET CE  HE3  sing N N 358 
MET OXT HXT  sing N N 359 
PHE N   CA   sing N N 360 
PHE N   H    sing N N 361 
PHE N   H2   sing N N 362 
PHE CA  C    sing N N 363 
PHE CA  CB   sing N N 364 
PHE CA  HA   sing N N 365 
PHE C   O    doub N N 366 
PHE C   OXT  sing N N 367 
PHE CB  CG   sing N N 368 
PHE CB  HB2  sing N N 369 
PHE CB  HB3  sing N N 370 
PHE CG  CD1  doub Y N 371 
PHE CG  CD2  sing Y N 372 
PHE CD1 CE1  sing Y N 373 
PHE CD1 HD1  sing N N 374 
PHE CD2 CE2  doub Y N 375 
PHE CD2 HD2  sing N N 376 
PHE CE1 CZ   doub Y N 377 
PHE CE1 HE1  sing N N 378 
PHE CE2 CZ   sing Y N 379 
PHE CE2 HE2  sing N N 380 
PHE CZ  HZ   sing N N 381 
PHE OXT HXT  sing N N 382 
PRO N   CA   sing N N 383 
PRO N   CD   sing N N 384 
PRO N   H    sing N N 385 
PRO CA  C    sing N N 386 
PRO CA  CB   sing N N 387 
PRO CA  HA   sing N N 388 
PRO C   O    doub N N 389 
PRO C   OXT  sing N N 390 
PRO CB  CG   sing N N 391 
PRO CB  HB2  sing N N 392 
PRO CB  HB3  sing N N 393 
PRO CG  CD   sing N N 394 
PRO CG  HG2  sing N N 395 
PRO CG  HG3  sing N N 396 
PRO CD  HD2  sing N N 397 
PRO CD  HD3  sing N N 398 
PRO OXT HXT  sing N N 399 
SER N   CA   sing N N 400 
SER N   H    sing N N 401 
SER N   H2   sing N N 402 
SER CA  C    sing N N 403 
SER CA  CB   sing N N 404 
SER CA  HA   sing N N 405 
SER C   O    doub N N 406 
SER C   OXT  sing N N 407 
SER CB  OG   sing N N 408 
SER CB  HB2  sing N N 409 
SER CB  HB3  sing N N 410 
SER OG  HG   sing N N 411 
SER OXT HXT  sing N N 412 
THR N   CA   sing N N 413 
THR N   H    sing N N 414 
THR N   H2   sing N N 415 
THR CA  C    sing N N 416 
THR CA  CB   sing N N 417 
THR CA  HA   sing N N 418 
THR C   O    doub N N 419 
THR C   OXT  sing N N 420 
THR CB  OG1  sing N N 421 
THR CB  CG2  sing N N 422 
THR CB  HB   sing N N 423 
THR OG1 HG1  sing N N 424 
THR CG2 HG21 sing N N 425 
THR CG2 HG22 sing N N 426 
THR CG2 HG23 sing N N 427 
THR OXT HXT  sing N N 428 
TRP N   CA   sing N N 429 
TRP N   H    sing N N 430 
TRP N   H2   sing N N 431 
TRP CA  C    sing N N 432 
TRP CA  CB   sing N N 433 
TRP CA  HA   sing N N 434 
TRP C   O    doub N N 435 
TRP C   OXT  sing N N 436 
TRP CB  CG   sing N N 437 
TRP CB  HB2  sing N N 438 
TRP CB  HB3  sing N N 439 
TRP CG  CD1  doub Y N 440 
TRP CG  CD2  sing Y N 441 
TRP CD1 NE1  sing Y N 442 
TRP CD1 HD1  sing N N 443 
TRP CD2 CE2  doub Y N 444 
TRP CD2 CE3  sing Y N 445 
TRP NE1 CE2  sing Y N 446 
TRP NE1 HE1  sing N N 447 
TRP CE2 CZ2  sing Y N 448 
TRP CE3 CZ3  doub Y N 449 
TRP CE3 HE3  sing N N 450 
TRP CZ2 CH2  doub Y N 451 
TRP CZ2 HZ2  sing N N 452 
TRP CZ3 CH2  sing Y N 453 
TRP CZ3 HZ3  sing N N 454 
TRP CH2 HH2  sing N N 455 
TRP OXT HXT  sing N N 456 
TYR N   CA   sing N N 457 
TYR N   H    sing N N 458 
TYR N   H2   sing N N 459 
TYR CA  C    sing N N 460 
TYR CA  CB   sing N N 461 
TYR CA  HA   sing N N 462 
TYR C   O    doub N N 463 
TYR C   OXT  sing N N 464 
TYR CB  CG   sing N N 465 
TYR CB  HB2  sing N N 466 
TYR CB  HB3  sing N N 467 
TYR CG  CD1  doub Y N 468 
TYR CG  CD2  sing Y N 469 
TYR CD1 CE1  sing Y N 470 
TYR CD1 HD1  sing N N 471 
TYR CD2 CE2  doub Y N 472 
TYR CD2 HD2  sing N N 473 
TYR CE1 CZ   doub Y N 474 
TYR CE1 HE1  sing N N 475 
TYR CE2 CZ   sing Y N 476 
TYR CE2 HE2  sing N N 477 
TYR CZ  OH   sing N N 478 
TYR OH  HH   sing N N 479 
TYR OXT HXT  sing N N 480 
VAL N   CA   sing N N 481 
VAL N   H    sing N N 482 
VAL N   H2   sing N N 483 
VAL CA  C    sing N N 484 
VAL CA  CB   sing N N 485 
VAL CA  HA   sing N N 486 
VAL C   O    doub N N 487 
VAL C   OXT  sing N N 488 
VAL CB  CG1  sing N N 489 
VAL CB  CG2  sing N N 490 
VAL CB  HB   sing N N 491 
VAL CG1 HG11 sing N N 492 
VAL CG1 HG12 sing N N 493 
VAL CG1 HG13 sing N N 494 
VAL CG2 HG21 sing N N 495 
VAL CG2 HG22 sing N N 496 
VAL CG2 HG23 sing N N 497 
VAL OXT HXT  sing N N 498 
# 
loop_
_pdbx_entity_nonpoly.entity_id 
_pdbx_entity_nonpoly.name 
_pdbx_entity_nonpoly.comp_id 
2 'DODECAETHYLENE GLYCOL'                                                             12P 
3 '4-[(2-amino-2-oxoethyl)(methyl)carbamoyl]-2-phenyl-1H-imidazole-5-carboxylic acid' 4G5 
4 water                                                                               HOH 
# 
_pdbx_initial_refinement_model.id               1 
_pdbx_initial_refinement_model.entity_id_list   ? 
_pdbx_initial_refinement_model.type             'experimental model' 
_pdbx_initial_refinement_model.source_name      PDB 
_pdbx_initial_refinement_model.accession_code   3KCE 
_pdbx_initial_refinement_model.details          'PDB ENTRY 3KCE' 
# 
